data_5KIS
#
_entry.id   5KIS
#
_cell.length_a   148.607
_cell.length_b   132.765
_cell.length_c   155.361
_cell.angle_alpha   90.000
_cell.angle_beta   103.850
_cell.angle_gamma   90.000
#
_symmetry.space_group_name_H-M   'C 1 2 1'
#
loop_
_entity.id
_entity.type
_entity.pdbx_description
1 polymer YenB
2 polymer RHS2
3 non-polymer 'CALCIUM ION'
4 non-polymer 'SODIUM ION'
5 non-polymer 'CHLORIDE ION'
6 water water
#
loop_
_entity_poly.entity_id
_entity_poly.type
_entity_poly.pdbx_seq_one_letter_code
_entity_poly.pdbx_strand_id
1 'polypeptide(L)'
;GSGAMQNSQEMAITTLSLPKGGGAINGMGESVGQAGPDGMVTFSIPLPFSAGRGVAPALSLSYSSGAGNGPFGMGWQCSA
MSISRRTQKGVPQYNEDDEFLSPSGEVMAIALNDSGFEDVRTANRLQGIPLPFSYKVTRYQPRLIQDFIKIEYWQPVKQT
DGTPFWIIYSPDGQTHILGKNSHSRVANAENPSQIASWLLEETVTPTGEHIYYQYSGENQVNCTDAEIALHPQDSAQRYL
ARIDYGNISPQASLFVLDEELPNLTQWLFHLVFDYGERDISINKIPTFEGGTTGWLARPDMFSRYDFGIEIRNRRLCHQV
LGFHRLEALNDRDVTDEIPVLVNRLTLDYDLNNSVSTLVAVRQVAYETDGSPITQPPLEFDYQRFDTGSIPGWQEMPQLE
AFNGYQPYQMIDLYGEGTPGILYQETPGAWWYKSPQRQIGGDSNAVTYGAMKALPKIPRLQEGATLMDINGDGRLDWVIT
SAGVRGFHSIHSTGEWTHFTPLNTLPTEYFHPKAQLADLVGAGLSDLVLIGPKSVRLYANQQGNWAPAQDVTQAENVSLP
VIGIDSRQLVAFADMLGSGQQHLVEITADSVKCWPNMGHGRFGQPLTLEGFSQPQTSFNPDRVFLADIDGSGTNDIIYAH
SECLEIYLNESGNRFSKPISLLLPDGVNFDNTCQLQAADIQGLGIASLVMTVPHMSPTHWRCDLALNKPWLLNVMNNNRG
AETCLFYRSSAQFWLDEKQLVEAAGQQPECHLPFPMHLHWRSEIFDEITGNRLTQEQEYAHGSWDGQEREFRGFGRLIQR
DTDGFAQGTVDIPTHPSRTVSWFATGIPEIDTTLSAEFWRGDDQAFSPFSPRFTRWENDSEAGSDVAFIPSEHDAFWLNR
AMKGQLLRSELYGDDGTPEAEIPYSVTEMRHQVRALPTTDATVPSAWCSTIETRSYQYQRVAADPQCSQQVVIKADRYGS
PLLSVAINYPRRKKPEKSPYPDDLPETLFDSSYDTQQQQLHLTKQQQNYFHLTNDDNWLLGLPKEQRNDGYQYDQERAPA
NGFTLETLIASNSLIGSNQPFTYLGQSRVAYQGGVDEQPSLQALVAYGETAILDEKTLQAFVGVLDSKTRDELLFSAGYQ
LAPRLFRVESEPDVWVARQGYSEFGDYSQFWRPLSQRSTLLTGKTTLKWDKHYCVVIETQDAAQLVTQARYDYRFLTPYS
LTDANDNQHYVVLNPFGEVIASRFWGTEAGKDAGYSTPQAKPFVVPATIEAALALSPGIPVAHCAIFEPESWMQKLTQHD
VSERMADNGTLWNALLQARFVTEDGYVCALGRRRWMARHGLSVLMLTLLAEIPRTPPHSLTITTDRYDSDDQQQLRQRIL
FSDGFGRLLQSAQRVEAGESWQRSEDSSLVVNVSGTPALVVTDNRWAVSGRTEYDGKGQGIRVYQPYFLDDWRYLSDDSA
RTDLFADTHIYDPLGREYQVITAKGYRRERQYTPWFVVNQDENDTAANLAI
;
A
2 'polypeptide(L)'
;MSTSLFSRTPKVTVFDNRGLTARDIAYHRHPDAPEVTNERITPHQYDARGFLTQSADPRLHDAGRVNFSYLTDLAGGVLR
TQGADNGTSVSLNDVAGRPFIVVSHISATDEGTEDRSLAVTRTWQYEDAALPGRPLNVTEQISTEVARITERFVYAGNTG
AEKTLNLAGLCVRHYDTAGLVQTDSIALTGVSLSVTRRLLKDADNPDTVADWQGEGASAWNDLLSGEEYVTLTTADATGT
VLTTTDAKGNIQRVRYDVAGLLSGSWLTVRDRTEQVIVKSLTYSAAGQKQREDHGNGVVITYTYEAETQRLTGIRTERPA
GHASGAKVLQDLRYEYDPVGNVLKITNDAEATRFWSNQKVVPENTYTYDSLYQLVSATGREMANVGQQGSRLPSATVPFP
TDSSAYTSYTRTYTYDEASNLTQIRHSPATRSGYTTNITVSNRSNRAVLSNLTENAADVDALFTAGGQQTQLQPGLGLVW
TARNELLKVTPVMRDGSADDSENYRYDGGSQRILKVSVQKTGNSAQTQRALYLPGLELRSAKNGDTETESLQVITVGEAS
RAQVRMLHWESGRPDGITDDKVRYSYDNLTGSSVLELDSDGKLISMEEYYPYGGTAVWTVRSAVEANYKTVRYSGKERDA
TGLYYYGYRYYQPWAGRWLSADPAGSVDGLNLYRMVRNNPVAWKDNDGRIPINTMIPPPPPMMGGNPPPPPPMMGGNPPP
PPPVAGGNPPPPPSMPGQQNGAKKNWVIKEDPALYKQQGGEYPYYSSFTIALQKLNISHYDSIIDMDNFISKWAEIGRNM
KPAARDISHDKFIEVQKTLGKIDAEWSGYHSADVNETFRGDTPVISNSYSWLAEFINESEGKSDTVQKSMDLEIKSPLIM
STAKDPKMGYVSGKTIMWHFDLEPGHAGVSEGLYASEGEVTFPLYNRMKITSLQYLPEGRSYMDNPEQYGTSHRYIIKAR
MLPRS
;
B
#
# COMPACT_ATOMS: atom_id res chain seq x y z
N MET A 11 5.10 -13.36 16.73
CA MET A 11 3.71 -13.54 17.27
C MET A 11 3.12 -12.20 17.72
N ALA A 12 1.81 -12.06 17.53
CA ALA A 12 1.08 -10.84 17.89
C ALA A 12 0.38 -10.95 19.26
N ILE A 13 0.99 -10.36 20.30
CA ILE A 13 0.36 -10.25 21.65
C ILE A 13 -0.87 -9.32 21.65
N THR A 14 -2.03 -9.85 22.05
CA THR A 14 -3.32 -9.11 21.94
C THR A 14 -3.31 -7.92 22.91
N THR A 15 -3.46 -6.72 22.36
CA THR A 15 -3.59 -5.50 23.15
C THR A 15 -4.95 -4.90 22.84
N LEU A 16 -5.72 -4.59 23.88
CA LEU A 16 -7.00 -3.92 23.71
C LEU A 16 -6.80 -2.44 23.52
N SER A 17 -7.56 -1.86 22.59
CA SER A 17 -7.52 -0.42 22.31
C SER A 17 -8.74 -0.02 21.51
N LEU A 18 -9.12 1.25 21.66
CA LEU A 18 -10.26 1.80 20.94
C LEU A 18 -9.88 2.11 19.50
N PRO A 19 -10.85 2.08 18.57
CA PRO A 19 -10.54 2.46 17.20
C PRO A 19 -10.12 3.93 17.13
N LYS A 20 -9.05 4.22 16.42
CA LYS A 20 -8.57 5.60 16.25
C LYS A 20 -9.45 6.33 15.19
N GLY A 21 -9.40 7.65 15.18
CA GLY A 21 -10.26 8.47 14.29
C GLY A 21 -9.88 8.40 12.82
N GLY A 22 -10.70 9.04 11.97
CA GLY A 22 -10.52 9.03 10.53
C GLY A 22 -11.03 7.72 9.91
N ALA A 24 -9.93 10.34 6.71
CA ALA A 24 -9.80 9.96 5.30
C ALA A 24 -11.03 9.15 4.84
N ILE A 25 -11.62 9.56 3.71
CA ILE A 25 -12.84 8.94 3.14
C ILE A 25 -12.49 7.91 2.04
N ASN A 26 -12.88 6.65 2.25
CA ASN A 26 -12.62 5.53 1.31
C ASN A 26 -13.82 4.56 1.24
N GLY A 27 -14.01 3.93 0.07
CA GLY A 27 -15.23 3.16 -0.26
C GLY A 27 -15.26 1.68 0.14
N MET A 28 -15.57 0.80 -0.82
CA MET A 28 -15.82 -0.66 -0.56
C MET A 28 -14.62 -1.60 -0.74
N GLY A 29 -13.51 -1.08 -1.24
CA GLY A 29 -12.42 -1.92 -1.77
C GLY A 29 -12.73 -2.44 -3.17
N GLU A 30 -13.54 -1.70 -3.92
CA GLU A 30 -13.83 -2.01 -5.33
C GLU A 30 -12.56 -1.85 -6.18
N SER A 31 -12.32 -2.78 -7.10
CA SER A 31 -11.09 -2.79 -7.90
C SER A 31 -11.30 -3.41 -9.27
N VAL A 32 -10.74 -2.77 -10.30
CA VAL A 32 -10.67 -3.32 -11.68
C VAL A 32 -9.49 -4.30 -11.70
N GLY A 33 -9.63 -5.36 -12.48
CA GLY A 33 -8.55 -6.34 -12.62
C GLY A 33 -7.42 -5.85 -13.52
N GLN A 34 -6.21 -6.36 -13.29
CA GLN A 34 -5.09 -6.17 -14.23
C GLN A 34 -5.47 -6.72 -15.62
N ALA A 35 -5.03 -6.08 -16.68
CA ALA A 35 -5.31 -6.57 -18.03
C ALA A 35 -4.59 -7.91 -18.23
N GLY A 36 -5.34 -8.96 -18.57
CA GLY A 36 -4.81 -10.32 -18.71
C GLY A 36 -4.69 -10.80 -20.15
N PRO A 37 -4.21 -12.04 -20.36
CA PRO A 37 -4.17 -12.66 -21.69
C PRO A 37 -5.52 -13.20 -22.19
N ASP A 38 -6.59 -13.18 -21.36
CA ASP A 38 -7.95 -13.51 -21.82
C ASP A 38 -8.68 -12.32 -22.43
N GLY A 39 -8.16 -11.11 -22.19
CA GLY A 39 -8.67 -9.88 -22.82
C GLY A 39 -9.99 -9.35 -22.29
N MET A 40 -10.44 -9.84 -21.14
CA MET A 40 -11.74 -9.47 -20.59
C MET A 40 -11.62 -8.34 -19.55
N VAL A 41 -12.65 -7.49 -19.50
CA VAL A 41 -12.81 -6.52 -18.42
C VAL A 41 -13.38 -7.28 -17.24
N THR A 42 -12.73 -7.15 -16.07
CA THR A 42 -13.23 -7.70 -14.81
C THR A 42 -13.31 -6.62 -13.73
N PHE A 43 -14.15 -6.88 -12.74
CA PHE A 43 -14.42 -5.92 -11.67
C PHE A 43 -14.87 -6.70 -10.46
N SER A 44 -14.36 -6.37 -9.27
CA SER A 44 -14.76 -7.06 -8.05
C SER A 44 -15.14 -6.08 -6.92
N ILE A 45 -16.29 -6.31 -6.29
CA ILE A 45 -16.70 -5.60 -5.09
C ILE A 45 -16.73 -6.61 -3.96
N PRO A 46 -15.87 -6.44 -2.93
CA PRO A 46 -16.05 -7.21 -1.70
C PRO A 46 -17.38 -6.84 -1.04
N LEU A 47 -18.17 -7.84 -0.66
CA LEU A 47 -19.44 -7.59 0.02
C LEU A 47 -19.16 -7.04 1.42
N PRO A 48 -19.64 -5.81 1.73
CA PRO A 48 -19.21 -5.14 2.95
C PRO A 48 -20.01 -5.62 4.15
N PHE A 49 -19.58 -6.74 4.73
CA PHE A 49 -20.27 -7.33 5.87
C PHE A 49 -19.29 -7.95 6.84
N SER A 50 -19.74 -8.11 8.09
CA SER A 50 -18.85 -8.52 9.17
C SER A 50 -18.25 -9.90 8.92
N ALA A 51 -16.98 -10.01 9.28
CA ALA A 51 -16.28 -11.29 9.29
C ALA A 51 -16.64 -12.11 10.52
N GLY A 52 -17.37 -11.52 11.47
CA GLY A 52 -17.84 -12.23 12.63
C GLY A 52 -16.68 -12.63 13.53
N ARG A 53 -16.56 -13.93 13.82
CA ARG A 53 -15.42 -14.46 14.56
C ARG A 53 -14.11 -14.52 13.74
N GLY A 54 -14.22 -14.46 12.40
CA GLY A 54 -13.07 -14.74 11.52
C GLY A 54 -13.45 -15.70 10.40
N VAL A 55 -14.22 -16.75 10.74
CA VAL A 55 -14.80 -17.63 9.74
C VAL A 55 -16.13 -17.07 9.22
N ALA A 56 -16.14 -16.69 7.95
CA ALA A 56 -17.26 -15.98 7.32
C ALA A 56 -17.32 -16.19 5.81
N PRO A 57 -18.47 -15.92 5.18
CA PRO A 57 -18.61 -16.12 3.74
C PRO A 57 -17.59 -15.40 2.83
N ALA A 58 -17.17 -14.18 3.18
CA ALA A 58 -16.16 -13.44 2.38
C ALA A 58 -16.37 -13.52 0.83
N LEU A 59 -17.59 -13.23 0.39
CA LEU A 59 -17.94 -13.28 -1.04
C LEU A 59 -17.69 -11.94 -1.68
N SER A 60 -17.61 -11.96 -3.01
CA SER A 60 -17.45 -10.78 -3.85
C SER A 60 -18.53 -10.75 -4.93
N LEU A 61 -19.14 -9.59 -5.14
CA LEU A 61 -20.00 -9.38 -6.30
C LEU A 61 -19.08 -9.00 -7.42
N SER A 62 -18.90 -9.88 -8.41
CA SER A 62 -17.89 -9.65 -9.47
C SER A 62 -18.47 -9.67 -10.89
N TYR A 63 -17.87 -8.86 -11.76
CA TYR A 63 -18.29 -8.71 -13.16
C TYR A 63 -17.25 -9.36 -14.07
N SER A 64 -17.72 -9.89 -15.20
CA SER A 64 -16.85 -10.26 -16.30
C SER A 64 -17.52 -9.92 -17.63
N SER A 65 -16.76 -9.29 -18.54
CA SER A 65 -17.29 -8.95 -19.87
C SER A 65 -17.63 -10.22 -20.67
N GLY A 66 -16.88 -11.28 -20.42
CA GLY A 66 -17.22 -12.60 -20.96
C GLY A 66 -18.49 -13.24 -20.42
N ALA A 67 -18.89 -12.92 -19.20
CA ALA A 67 -20.03 -13.59 -18.54
C ALA A 67 -21.38 -13.16 -19.07
N GLY A 68 -22.33 -14.10 -19.01
CA GLY A 68 -23.71 -13.89 -19.44
C GLY A 68 -24.61 -13.46 -18.32
N ASN A 69 -25.91 -13.65 -18.53
CA ASN A 69 -26.94 -13.17 -17.61
C ASN A 69 -27.02 -14.06 -16.36
N GLY A 70 -27.71 -13.56 -15.34
CA GLY A 70 -27.80 -14.24 -14.06
C GLY A 70 -28.56 -13.42 -13.03
N PRO A 71 -28.55 -13.86 -11.75
CA PRO A 71 -29.30 -13.16 -10.72
C PRO A 71 -28.79 -11.75 -10.33
N PHE A 72 -27.66 -11.29 -10.86
CA PHE A 72 -27.17 -9.95 -10.60
C PHE A 72 -27.07 -9.13 -11.89
N GLY A 73 -27.88 -9.46 -12.88
CA GLY A 73 -27.83 -8.78 -14.18
C GLY A 73 -26.72 -9.28 -15.10
N MET A 74 -26.73 -8.79 -16.34
CA MET A 74 -25.75 -9.21 -17.34
C MET A 74 -24.33 -8.96 -16.85
N GLY A 75 -23.52 -10.01 -16.88
CA GLY A 75 -22.09 -9.93 -16.57
C GLY A 75 -21.68 -10.25 -15.14
N TRP A 76 -22.58 -10.13 -14.19
CA TRP A 76 -22.20 -10.16 -12.78
C TRP A 76 -22.47 -11.49 -12.16
N GLN A 77 -21.74 -11.81 -11.09
CA GLN A 77 -22.12 -12.92 -10.24
C GLN A 77 -21.65 -12.77 -8.82
N CYS A 78 -22.24 -13.59 -7.97
CA CYS A 78 -21.93 -13.66 -6.56
C CYS A 78 -22.44 -14.99 -6.08
N SER A 79 -21.53 -15.96 -6.05
CA SER A 79 -21.85 -17.33 -5.65
C SER A 79 -20.64 -18.08 -5.13
N ALA A 80 -20.92 -19.08 -4.30
CA ALA A 80 -19.92 -19.95 -3.75
C ALA A 80 -19.58 -21.10 -4.73
N MET A 81 -18.68 -21.98 -4.32
CA MET A 81 -18.21 -23.07 -5.17
C MET A 81 -19.33 -24.06 -5.49
N SER A 82 -19.20 -24.71 -6.63
CA SER A 82 -20.14 -25.71 -7.09
C SER A 82 -19.39 -26.77 -7.88
N ILE A 83 -20.05 -27.91 -8.08
CA ILE A 83 -19.60 -28.92 -9.02
C ILE A 83 -20.77 -29.17 -9.96
N SER A 84 -20.47 -29.31 -11.23
CA SER A 84 -21.51 -29.47 -12.25
C SER A 84 -21.11 -30.51 -13.28
N ARG A 85 -22.12 -31.12 -13.90
CA ARG A 85 -21.90 -32.00 -15.02
C ARG A 85 -21.35 -31.18 -16.16
N ARG A 86 -20.42 -31.78 -16.90
CA ARG A 86 -19.85 -31.14 -18.08
C ARG A 86 -20.90 -31.00 -19.19
N THR A 87 -20.97 -29.83 -19.79
CA THR A 87 -21.88 -29.60 -20.92
C THR A 87 -21.18 -29.15 -22.21
N GLN A 88 -19.88 -28.81 -22.13
CA GLN A 88 -19.17 -28.18 -23.26
C GLN A 88 -18.85 -29.16 -24.38
N LYS A 89 -18.79 -30.45 -24.06
CA LYS A 89 -18.42 -31.49 -25.01
C LYS A 89 -19.58 -32.47 -25.12
N GLY A 90 -20.74 -31.96 -25.52
CA GLY A 90 -21.97 -32.74 -25.61
C GLY A 90 -22.83 -32.71 -24.34
N VAL A 91 -24.14 -32.85 -24.53
CA VAL A 91 -25.13 -32.70 -23.45
C VAL A 91 -25.15 -33.96 -22.59
N PRO A 92 -25.22 -33.82 -21.27
CA PRO A 92 -25.18 -35.02 -20.41
C PRO A 92 -26.50 -35.80 -20.45
N GLN A 93 -26.40 -37.12 -20.31
CA GLN A 93 -27.57 -38.01 -20.37
C GLN A 93 -27.84 -38.75 -19.06
N TYR A 94 -27.14 -38.37 -18.00
CA TYR A 94 -27.39 -38.88 -16.64
C TYR A 94 -27.16 -40.38 -16.49
N ASN A 95 -26.09 -40.84 -17.14
CA ASN A 95 -25.60 -42.23 -17.10
C ASN A 95 -24.10 -42.21 -16.77
N GLU A 96 -23.48 -43.39 -16.66
CA GLU A 96 -22.04 -43.50 -16.34
C GLU A 96 -21.05 -42.83 -17.34
N ASP A 97 -21.52 -42.42 -18.53
CA ASP A 97 -20.68 -41.72 -19.54
C ASP A 97 -20.55 -40.20 -19.34
N ASP A 98 -21.31 -39.63 -18.42
CA ASP A 98 -21.21 -38.21 -18.12
C ASP A 98 -19.88 -37.91 -17.40
N GLU A 99 -19.37 -36.70 -17.60
CA GLU A 99 -18.19 -36.17 -16.90
C GLU A 99 -18.58 -35.09 -15.88
N PHE A 100 -17.73 -34.86 -14.89
CA PHE A 100 -17.95 -33.80 -13.90
C PHE A 100 -16.88 -32.70 -13.94
N LEU A 101 -17.27 -31.48 -13.59
CA LEU A 101 -16.34 -30.34 -13.52
C LEU A 101 -16.03 -29.98 -12.07
N SER A 102 -14.76 -29.68 -11.79
CA SER A 102 -14.34 -29.15 -10.50
C SER A 102 -14.86 -27.72 -10.33
N PRO A 103 -14.78 -27.17 -9.11
CA PRO A 103 -15.15 -25.75 -8.95
C PRO A 103 -14.44 -24.79 -9.93
N SER A 104 -13.18 -25.05 -10.25
CA SER A 104 -12.41 -24.24 -11.23
C SER A 104 -12.89 -24.33 -12.68
N GLY A 105 -13.91 -25.14 -12.97
CA GLY A 105 -14.45 -25.30 -14.33
C GLY A 105 -13.65 -26.31 -15.15
N GLU A 106 -12.81 -27.07 -14.47
CA GLU A 106 -11.83 -27.91 -15.12
C GLU A 106 -12.35 -29.35 -15.11
N VAL A 107 -12.24 -30.06 -16.24
CA VAL A 107 -12.79 -31.42 -16.37
C VAL A 107 -12.12 -32.39 -15.40
N MET A 108 -12.92 -33.22 -14.74
CA MET A 108 -12.39 -34.22 -13.76
C MET A 108 -12.42 -35.64 -14.30
N ALA A 109 -11.56 -36.48 -13.74
CA ALA A 109 -11.62 -37.93 -13.97
C ALA A 109 -11.44 -38.63 -12.64
N ILE A 110 -11.81 -39.90 -12.60
CA ILE A 110 -11.68 -40.71 -11.39
C ILE A 110 -10.20 -40.95 -11.14
N ALA A 111 -9.78 -40.76 -9.90
CA ALA A 111 -8.37 -40.82 -9.56
C ALA A 111 -7.93 -42.21 -9.20
N LEU A 112 -6.61 -42.36 -9.11
CA LEU A 112 -5.95 -43.59 -8.72
C LEU A 112 -5.57 -43.51 -7.25
N ASN A 113 -5.32 -44.66 -6.65
CA ASN A 113 -4.89 -44.78 -5.25
C ASN A 113 -3.39 -45.18 -5.22
N ASP A 114 -2.91 -45.64 -4.06
CA ASP A 114 -1.51 -46.13 -3.91
C ASP A 114 -1.22 -47.29 -4.90
N SER A 115 -2.11 -48.28 -4.91
CA SER A 115 -2.00 -49.49 -5.74
C SER A 115 -2.23 -49.30 -7.28
N GLY A 116 -2.65 -48.11 -7.71
CA GLY A 116 -2.81 -47.81 -9.13
C GLY A 116 -4.16 -48.16 -9.70
N PHE A 117 -5.19 -48.18 -8.85
CA PHE A 117 -6.57 -48.45 -9.26
C PHE A 117 -7.50 -47.32 -8.89
N GLU A 118 -8.62 -47.27 -9.61
CA GLU A 118 -9.81 -46.51 -9.28
C GLU A 118 -9.93 -46.34 -7.76
N ASP A 119 -9.79 -45.11 -7.27
CA ASP A 119 -9.80 -44.81 -5.82
C ASP A 119 -11.21 -44.79 -5.26
N VAL A 120 -11.81 -45.97 -5.10
CA VAL A 120 -13.14 -46.10 -4.52
C VAL A 120 -13.04 -46.75 -3.15
N ARG A 121 -14.08 -46.57 -2.37
CA ARG A 121 -14.23 -47.24 -1.07
C ARG A 121 -15.69 -47.14 -0.63
N THR A 122 -16.09 -47.98 0.32
CA THR A 122 -17.41 -47.81 0.93
C THR A 122 -17.20 -47.22 2.32
N ALA A 123 -18.18 -46.42 2.74
CA ALA A 123 -18.15 -45.81 4.05
C ALA A 123 -19.56 -45.74 4.62
N ASN A 124 -19.63 -45.84 5.95
CA ASN A 124 -20.82 -45.49 6.73
C ASN A 124 -20.56 -44.52 7.89
N ARG A 125 -19.29 -44.17 8.14
CA ARG A 125 -18.94 -43.09 9.05
CA ARG A 125 -18.89 -43.10 9.07
C ARG A 125 -18.27 -41.96 8.27
N LEU A 126 -18.73 -40.73 8.50
CA LEU A 126 -18.14 -39.53 7.90
C LEU A 126 -17.85 -38.55 9.02
N GLN A 127 -16.57 -38.21 9.20
CA GLN A 127 -16.10 -37.34 10.30
C GLN A 127 -16.48 -37.92 11.66
N GLY A 128 -16.30 -39.22 11.80
CA GLY A 128 -16.73 -39.96 12.99
C GLY A 128 -18.23 -40.08 13.23
N ILE A 129 -19.09 -39.70 12.27
CA ILE A 129 -20.56 -39.66 12.48
C ILE A 129 -21.23 -40.82 11.71
N PRO A 130 -21.93 -41.73 12.43
CA PRO A 130 -22.68 -42.78 11.76
C PRO A 130 -23.66 -42.26 10.71
N LEU A 131 -23.61 -42.84 9.52
CA LEU A 131 -24.53 -42.50 8.44
C LEU A 131 -25.68 -43.49 8.42
N PRO A 132 -26.87 -43.07 7.95
CA PRO A 132 -28.00 -44.00 7.95
C PRO A 132 -27.79 -45.31 7.15
N PHE A 133 -27.09 -45.22 6.01
CA PHE A 133 -26.80 -46.36 5.12
C PHE A 133 -25.36 -46.24 4.57
N SER A 134 -24.94 -47.14 3.69
CA SER A 134 -23.58 -47.11 3.12
C SER A 134 -23.49 -46.31 1.84
N TYR A 135 -22.31 -45.71 1.62
CA TYR A 135 -22.01 -44.90 0.44
C TYR A 135 -20.80 -45.48 -0.29
N LYS A 136 -20.84 -45.40 -1.61
CA LYS A 136 -19.68 -45.58 -2.46
C LYS A 136 -19.00 -44.21 -2.62
N VAL A 137 -17.71 -44.15 -2.29
CA VAL A 137 -16.96 -42.89 -2.23
C VAL A 137 -15.80 -42.91 -3.23
N THR A 138 -15.94 -42.10 -4.29
CA THR A 138 -15.00 -42.05 -5.38
C THR A 138 -14.21 -40.73 -5.37
N ARG A 139 -12.88 -40.81 -5.30
CA ARG A 139 -12.02 -39.62 -5.42
C ARG A 139 -11.91 -39.23 -6.89
N TYR A 140 -12.06 -37.92 -7.17
CA TYR A 140 -11.87 -37.37 -8.52
C TYR A 140 -10.71 -36.41 -8.52
N GLN A 141 -10.08 -36.30 -9.68
CA GLN A 141 -8.93 -35.46 -9.87
C GLN A 141 -9.18 -34.61 -11.10
N PRO A 142 -9.01 -33.28 -10.99
CA PRO A 142 -9.15 -32.40 -12.15
C PRO A 142 -7.90 -32.44 -13.02
N ARG A 143 -8.06 -32.14 -14.31
CA ARG A 143 -6.97 -32.20 -15.30
C ARG A 143 -5.78 -31.29 -15.02
N LEU A 144 -6.06 -30.07 -14.59
CA LEU A 144 -5.07 -29.15 -14.04
C LEU A 144 -5.32 -28.98 -12.56
N ILE A 145 -4.25 -29.12 -11.78
CA ILE A 145 -4.28 -29.03 -10.34
C ILE A 145 -3.89 -27.61 -10.00
N GLN A 146 -4.73 -26.93 -9.21
CA GLN A 146 -4.49 -25.57 -8.72
C GLN A 146 -3.95 -25.74 -7.30
N ASP A 147 -4.82 -25.68 -6.29
CA ASP A 147 -4.52 -26.15 -4.93
C ASP A 147 -4.70 -27.65 -4.98
N PHE A 148 -4.00 -28.38 -4.13
CA PHE A 148 -4.15 -29.83 -4.14
C PHE A 148 -5.38 -30.20 -3.31
N ILE A 149 -6.57 -29.78 -3.76
CA ILE A 149 -7.82 -30.10 -3.06
C ILE A 149 -8.18 -31.55 -3.30
N LYS A 150 -8.81 -32.16 -2.30
CA LYS A 150 -9.30 -33.52 -2.36
C LYS A 150 -10.79 -33.44 -2.66
N ILE A 151 -11.25 -34.18 -3.65
CA ILE A 151 -12.64 -34.10 -4.10
C ILE A 151 -13.27 -35.49 -4.08
N GLU A 152 -14.34 -35.66 -3.32
CA GLU A 152 -15.04 -36.94 -3.20
C GLU A 152 -16.47 -36.88 -3.71
N TYR A 153 -16.89 -37.93 -4.42
CA TYR A 153 -18.29 -38.12 -4.82
C TYR A 153 -18.88 -39.15 -3.88
N TRP A 154 -19.99 -38.80 -3.22
CA TRP A 154 -20.66 -39.69 -2.28
C TRP A 154 -21.96 -40.19 -2.91
N GLN A 155 -21.98 -41.49 -3.19
CA GLN A 155 -23.09 -42.13 -3.88
C GLN A 155 -23.65 -43.21 -2.97
N PRO A 156 -24.95 -43.14 -2.67
CA PRO A 156 -25.59 -44.25 -1.96
C PRO A 156 -25.44 -45.57 -2.73
N VAL A 157 -25.11 -46.65 -2.01
CA VAL A 157 -24.90 -47.98 -2.62
C VAL A 157 -26.22 -48.52 -3.22
N LYS A 158 -27.30 -48.45 -2.43
CA LYS A 158 -28.66 -48.68 -2.92
C LYS A 158 -29.21 -47.34 -3.37
N GLN A 159 -29.45 -47.19 -4.68
CA GLN A 159 -29.84 -45.90 -5.28
CA GLN A 159 -29.84 -45.90 -5.29
C GLN A 159 -31.12 -45.29 -4.71
N THR A 160 -32.00 -46.11 -4.13
CA THR A 160 -33.25 -45.63 -3.51
C THR A 160 -33.06 -45.04 -2.11
N ASP A 161 -31.96 -45.38 -1.42
CA ASP A 161 -31.68 -44.89 -0.05
C ASP A 161 -31.55 -43.36 0.06
N GLY A 162 -31.13 -42.70 -1.04
CA GLY A 162 -30.99 -41.24 -1.05
C GLY A 162 -30.33 -40.72 -2.32
N THR A 163 -29.98 -39.44 -2.31
CA THR A 163 -29.34 -38.78 -3.45
C THR A 163 -27.83 -38.58 -3.20
N PRO A 164 -27.03 -38.50 -4.27
CA PRO A 164 -25.58 -38.36 -4.06
C PRO A 164 -25.17 -36.91 -3.77
N PHE A 165 -24.02 -36.73 -3.10
CA PHE A 165 -23.45 -35.40 -2.82
C PHE A 165 -21.92 -35.38 -3.00
N TRP A 166 -21.32 -34.20 -3.04
CA TRP A 166 -19.86 -34.08 -3.13
C TRP A 166 -19.27 -33.47 -1.89
N ILE A 167 -18.02 -33.83 -1.61
CA ILE A 167 -17.23 -33.22 -0.56
C ILE A 167 -15.91 -32.73 -1.16
N ILE A 168 -15.53 -31.50 -0.82
CA ILE A 168 -14.24 -30.94 -1.20
C ILE A 168 -13.49 -30.60 0.07
N TYR A 169 -12.33 -31.23 0.25
CA TYR A 169 -11.46 -30.95 1.37
C TYR A 169 -10.45 -29.96 0.85
N SER A 170 -10.48 -28.77 1.41
CA SER A 170 -9.53 -27.73 1.10
C SER A 170 -8.26 -27.99 1.93
N PRO A 171 -7.06 -27.77 1.36
CA PRO A 171 -5.80 -28.06 2.09
C PRO A 171 -5.51 -27.16 3.29
N ASP A 172 -6.29 -26.11 3.50
CA ASP A 172 -6.26 -25.34 4.75
C ASP A 172 -6.86 -26.09 5.96
N GLY A 173 -7.41 -27.28 5.76
CA GLY A 173 -8.03 -28.06 6.84
C GLY A 173 -9.55 -27.96 6.89
N GLN A 174 -10.14 -27.11 6.05
CA GLN A 174 -11.60 -26.96 6.01
C GLN A 174 -12.21 -28.03 5.14
N THR A 175 -13.49 -28.29 5.37
CA THR A 175 -14.26 -29.32 4.70
C THR A 175 -15.56 -28.73 4.18
N HIS A 176 -15.86 -28.96 2.90
CA HIS A 176 -17.00 -28.36 2.22
C HIS A 176 -17.87 -29.45 1.64
N ILE A 177 -19.18 -29.34 1.82
CA ILE A 177 -20.12 -30.34 1.33
C ILE A 177 -21.07 -29.62 0.39
N LEU A 178 -21.29 -30.23 -0.78
CA LEU A 178 -22.11 -29.65 -1.84
C LEU A 178 -23.32 -30.52 -2.14
N GLY A 179 -24.49 -29.92 -2.26
CA GLY A 179 -25.73 -30.63 -2.62
C GLY A 179 -26.19 -31.80 -1.75
N LYS A 180 -25.93 -31.74 -0.44
CA LYS A 180 -26.44 -32.76 0.48
C LYS A 180 -27.97 -32.80 0.40
N ASN A 181 -28.59 -31.65 0.63
CA ASN A 181 -30.05 -31.52 0.60
C ASN A 181 -30.50 -30.90 -0.70
N SER A 182 -31.79 -31.01 -1.00
CA SER A 182 -32.26 -30.72 -2.35
C SER A 182 -32.28 -29.23 -2.68
N HIS A 183 -32.30 -28.38 -1.65
CA HIS A 183 -32.25 -26.93 -1.88
C HIS A 183 -30.92 -26.47 -2.48
N SER A 184 -29.84 -27.20 -2.23
CA SER A 184 -28.55 -26.92 -2.83
C SER A 184 -28.23 -27.78 -4.06
N ARG A 185 -29.26 -28.19 -4.80
CA ARG A 185 -29.07 -28.94 -6.04
C ARG A 185 -29.92 -28.34 -7.15
N VAL A 186 -29.29 -28.12 -8.31
CA VAL A 186 -29.99 -27.75 -9.55
C VAL A 186 -30.28 -29.05 -10.29
N ALA A 187 -31.55 -29.43 -10.30
CA ALA A 187 -31.98 -30.73 -10.79
C ALA A 187 -33.15 -30.59 -11.73
N ASN A 188 -33.28 -31.55 -12.63
CA ASN A 188 -34.44 -31.70 -13.52
C ASN A 188 -35.76 -31.50 -12.74
N ALA A 189 -36.58 -30.55 -13.18
CA ALA A 189 -37.94 -30.39 -12.64
C ALA A 189 -38.75 -31.70 -12.71
N GLU A 190 -38.58 -32.44 -13.82
CA GLU A 190 -39.26 -33.74 -14.08
C GLU A 190 -38.75 -34.88 -13.18
N ASN A 191 -37.47 -34.83 -12.77
CA ASN A 191 -36.80 -35.98 -12.16
C ASN A 191 -35.59 -35.59 -11.27
N PRO A 192 -35.83 -35.38 -9.96
CA PRO A 192 -34.81 -35.03 -8.97
C PRO A 192 -33.49 -35.83 -8.98
N SER A 193 -33.53 -37.10 -9.40
CA SER A 193 -32.29 -37.91 -9.61
C SER A 193 -31.28 -37.24 -10.52
N GLN A 194 -31.77 -36.59 -11.57
CA GLN A 194 -30.92 -36.02 -12.61
C GLN A 194 -30.42 -34.63 -12.25
N ILE A 195 -29.23 -34.61 -11.67
CA ILE A 195 -28.69 -33.46 -10.97
C ILE A 195 -27.64 -32.80 -11.84
N ALA A 196 -27.93 -31.58 -12.27
CA ALA A 196 -26.99 -30.78 -13.06
C ALA A 196 -25.83 -30.28 -12.20
N SER A 197 -26.14 -29.85 -10.97
CA SER A 197 -25.19 -29.09 -10.17
C SER A 197 -25.42 -29.24 -8.67
N TRP A 198 -24.35 -29.44 -7.91
CA TRP A 198 -24.37 -29.50 -6.45
C TRP A 198 -23.72 -28.21 -5.97
N LEU A 199 -24.45 -27.41 -5.19
CA LEU A 199 -23.97 -26.12 -4.72
C LEU A 199 -23.49 -26.21 -3.28
N LEU A 200 -22.46 -25.43 -2.94
CA LEU A 200 -21.94 -25.38 -1.57
C LEU A 200 -23.08 -25.16 -0.57
N GLU A 201 -23.13 -25.99 0.45
CA GLU A 201 -24.16 -25.94 1.48
C GLU A 201 -23.62 -25.74 2.90
N GLU A 202 -22.46 -26.30 3.20
CA GLU A 202 -21.90 -26.12 4.52
C GLU A 202 -20.39 -26.25 4.48
N THR A 203 -19.72 -25.41 5.26
CA THR A 203 -18.30 -25.47 5.49
C THR A 203 -18.09 -25.67 6.99
N VAL A 204 -17.00 -26.34 7.35
CA VAL A 204 -16.57 -26.47 8.74
C VAL A 204 -15.06 -26.42 8.78
N THR A 205 -14.54 -25.70 9.77
CA THR A 205 -13.11 -25.48 9.89
C THR A 205 -12.60 -26.37 11.01
N PRO A 206 -11.27 -26.51 11.15
CA PRO A 206 -10.64 -27.24 12.27
C PRO A 206 -10.89 -26.66 13.69
N THR A 207 -11.19 -25.38 13.78
CA THR A 207 -11.57 -24.79 15.05
C THR A 207 -13.02 -25.11 15.46
N GLY A 208 -13.78 -25.74 14.58
CA GLY A 208 -15.16 -26.12 14.87
C GLY A 208 -16.17 -25.05 14.50
N GLU A 209 -15.80 -24.18 13.55
CA GLU A 209 -16.63 -23.05 13.10
C GLU A 209 -17.24 -23.33 11.74
N HIS A 210 -18.49 -22.94 11.58
CA HIS A 210 -19.29 -23.31 10.43
C HIS A 210 -19.76 -22.09 9.68
N ILE A 211 -20.07 -22.31 8.42
CA ILE A 211 -20.83 -21.40 7.57
C ILE A 211 -21.86 -22.29 6.88
N TYR A 212 -23.13 -21.89 6.88
CA TYR A 212 -24.18 -22.64 6.21
C TYR A 212 -24.75 -21.79 5.10
N TYR A 213 -24.98 -22.37 3.91
CA TYR A 213 -25.53 -21.64 2.74
C TYR A 213 -26.93 -22.17 2.38
N GLN A 214 -27.95 -21.31 2.52
CA GLN A 214 -29.34 -21.65 2.22
C GLN A 214 -29.76 -21.03 0.88
N TYR A 215 -30.33 -21.86 0.00
CA TYR A 215 -30.80 -21.46 -1.34
C TYR A 215 -32.33 -21.52 -1.42
N SER A 216 -32.90 -20.73 -2.31
CA SER A 216 -34.32 -20.77 -2.62
C SER A 216 -34.49 -21.31 -4.04
N GLY A 217 -35.49 -22.16 -4.23
CA GLY A 217 -35.81 -22.73 -5.53
C GLY A 217 -36.72 -21.79 -6.29
N GLU A 218 -36.57 -21.80 -7.62
CA GLU A 218 -37.41 -20.99 -8.50
C GLU A 218 -38.85 -21.49 -8.44
N ASN A 219 -39.79 -20.59 -8.69
CA ASN A 219 -41.22 -20.91 -8.54
C ASN A 219 -42.09 -19.94 -9.34
N GLN A 220 -43.41 -20.04 -9.18
CA GLN A 220 -44.35 -19.32 -10.05
C GLN A 220 -44.82 -17.97 -9.50
N VAL A 221 -44.23 -17.50 -8.40
CA VAL A 221 -44.75 -16.36 -7.66
C VAL A 221 -44.49 -15.06 -8.41
N ASN A 222 -45.54 -14.26 -8.55
CA ASN A 222 -45.57 -13.01 -9.33
C ASN A 222 -45.25 -13.14 -10.82
N CYS A 223 -45.51 -14.30 -11.42
CA CYS A 223 -45.40 -14.50 -12.88
C CYS A 223 -46.77 -14.47 -13.54
N THR A 224 -46.84 -14.03 -14.80
CA THR A 224 -48.12 -14.04 -15.53
C THR A 224 -48.55 -15.47 -15.89
N ASP A 225 -49.83 -15.64 -16.20
CA ASP A 225 -50.36 -16.94 -16.62
C ASP A 225 -49.81 -17.32 -18.00
N ALA A 226 -49.54 -16.31 -18.82
CA ALA A 226 -48.80 -16.51 -20.07
C ALA A 226 -47.45 -17.21 -19.81
N GLU A 227 -46.70 -16.70 -18.84
CA GLU A 227 -45.38 -17.23 -18.46
C GLU A 227 -45.49 -18.66 -17.94
N ILE A 228 -46.42 -18.88 -17.01
CA ILE A 228 -46.62 -20.20 -16.38
C ILE A 228 -46.95 -21.28 -17.42
N ALA A 229 -47.86 -20.93 -18.34
CA ALA A 229 -48.26 -21.78 -19.47
C ALA A 229 -47.09 -22.18 -20.35
N LEU A 230 -46.30 -21.18 -20.77
CA LEU A 230 -45.15 -21.42 -21.64
C LEU A 230 -44.02 -22.23 -20.94
N HIS A 231 -43.82 -22.05 -19.63
CA HIS A 231 -42.69 -22.65 -18.93
C HIS A 231 -43.08 -23.41 -17.67
N PRO A 232 -43.74 -24.56 -17.84
CA PRO A 232 -44.03 -25.40 -16.67
C PRO A 232 -42.77 -26.02 -16.00
N GLN A 233 -41.71 -26.31 -16.75
CA GLN A 233 -40.48 -26.91 -16.18
C GLN A 233 -39.62 -25.79 -15.59
N ASP A 234 -40.04 -25.27 -14.45
CA ASP A 234 -39.44 -24.03 -13.90
C ASP A 234 -38.81 -24.19 -12.54
N SER A 235 -38.81 -25.40 -11.97
CA SER A 235 -38.40 -25.57 -10.57
C SER A 235 -36.88 -25.76 -10.36
N ALA A 236 -36.10 -25.90 -11.43
CA ALA A 236 -34.72 -26.36 -11.32
C ALA A 236 -33.75 -25.39 -10.65
N GLN A 237 -33.85 -24.11 -11.01
CA GLN A 237 -32.87 -23.10 -10.65
C GLN A 237 -32.84 -22.83 -9.14
N ARG A 238 -31.67 -22.43 -8.65
CA ARG A 238 -31.48 -22.02 -7.27
C ARG A 238 -30.88 -20.63 -7.19
N TYR A 239 -31.26 -19.90 -6.15
CA TYR A 239 -30.78 -18.56 -5.86
C TYR A 239 -30.25 -18.54 -4.44
N LEU A 240 -29.17 -17.81 -4.21
CA LEU A 240 -28.54 -17.76 -2.88
C LEU A 240 -29.44 -16.90 -2.03
N ALA A 241 -29.82 -17.36 -0.84
CA ALA A 241 -30.92 -16.73 -0.05
C ALA A 241 -30.52 -16.24 1.35
N ARG A 242 -29.73 -17.04 2.05
CA ARG A 242 -29.27 -16.68 3.38
C ARG A 242 -27.96 -17.42 3.59
N ILE A 243 -27.02 -16.78 4.29
CA ILE A 243 -25.81 -17.46 4.73
C ILE A 243 -25.70 -17.25 6.21
N ASP A 244 -25.55 -18.35 6.95
CA ASP A 244 -25.50 -18.29 8.39
C ASP A 244 -24.08 -18.60 8.79
N TYR A 245 -23.57 -17.84 9.76
CA TYR A 245 -22.23 -18.07 10.31
C TYR A 245 -22.14 -17.60 11.75
N GLY A 246 -21.01 -17.88 12.40
CA GLY A 246 -20.89 -17.65 13.84
C GLY A 246 -21.80 -18.59 14.63
N ASN A 247 -21.59 -19.90 14.45
CA ASN A 247 -22.33 -20.91 15.16
C ASN A 247 -22.07 -20.82 16.66
N ILE A 248 -23.14 -20.93 17.45
CA ILE A 248 -23.04 -20.90 18.90
C ILE A 248 -22.35 -22.16 19.40
N SER A 249 -22.84 -23.34 18.98
CA SER A 249 -22.29 -24.65 19.42
C SER A 249 -21.04 -25.01 18.65
N PRO A 250 -19.90 -25.16 19.35
CA PRO A 250 -18.71 -25.65 18.64
C PRO A 250 -18.84 -27.14 18.35
N GLN A 251 -18.85 -27.50 17.07
CA GLN A 251 -18.93 -28.90 16.65
C GLN A 251 -17.98 -29.15 15.49
N ALA A 252 -17.21 -30.25 15.59
CA ALA A 252 -16.21 -30.60 14.57
C ALA A 252 -16.80 -31.22 13.30
N SER A 253 -17.87 -32.01 13.46
CA SER A 253 -18.56 -32.64 12.34
C SER A 253 -19.53 -31.66 11.68
N LEU A 254 -19.80 -31.87 10.40
CA LEU A 254 -20.81 -31.08 9.69
C LEU A 254 -22.21 -31.23 10.31
N PHE A 255 -22.94 -30.12 10.36
CA PHE A 255 -24.31 -30.09 10.83
C PHE A 255 -25.30 -30.90 9.96
N VAL A 256 -25.10 -30.89 8.64
CA VAL A 256 -25.96 -31.67 7.74
C VAL A 256 -25.91 -33.19 7.98
N LEU A 257 -24.93 -33.68 8.72
CA LEU A 257 -24.84 -35.08 9.12
C LEU A 257 -25.57 -35.42 10.44
N ASP A 258 -26.10 -34.42 11.15
CA ASP A 258 -26.88 -34.69 12.37
C ASP A 258 -28.30 -35.06 11.99
N GLU A 259 -29.09 -35.49 12.97
CA GLU A 259 -30.49 -35.88 12.73
C GLU A 259 -31.33 -34.73 12.22
N GLU A 260 -31.05 -33.53 12.75
CA GLU A 260 -31.72 -32.29 12.37
CA GLU A 260 -31.70 -32.30 12.28
C GLU A 260 -30.69 -31.15 12.28
N LEU A 261 -30.93 -30.18 11.40
CA LEU A 261 -30.06 -29.00 11.29
C LEU A 261 -30.33 -28.09 12.47
N PRO A 262 -29.32 -27.29 12.90
CA PRO A 262 -29.53 -26.29 13.94
C PRO A 262 -30.70 -25.36 13.65
N ASN A 263 -31.27 -24.81 14.71
CA ASN A 263 -32.28 -23.77 14.58
C ASN A 263 -31.62 -22.48 14.07
N LEU A 264 -32.39 -21.67 13.35
CA LEU A 264 -31.93 -20.35 12.91
C LEU A 264 -31.21 -19.56 14.04
N THR A 265 -31.70 -19.72 15.28
CA THR A 265 -31.15 -19.03 16.46
C THR A 265 -29.77 -19.47 16.94
N GLN A 266 -29.23 -20.58 16.42
CA GLN A 266 -27.86 -21.03 16.78
C GLN A 266 -26.72 -20.40 15.94
N TRP A 267 -27.04 -19.34 15.19
CA TRP A 267 -26.09 -18.62 14.35
C TRP A 267 -26.09 -17.14 14.74
N LEU A 268 -24.93 -16.61 15.11
CA LEU A 268 -24.81 -15.21 15.55
C LEU A 268 -24.94 -14.20 14.41
N PHE A 269 -24.49 -14.57 13.21
CA PHE A 269 -24.53 -13.66 12.07
C PHE A 269 -25.34 -14.26 10.91
N HIS A 270 -26.06 -13.41 10.18
CA HIS A 270 -26.73 -13.79 8.92
C HIS A 270 -26.41 -12.80 7.79
N LEU A 271 -26.43 -13.32 6.58
CA LEU A 271 -26.34 -12.52 5.38
C LEU A 271 -27.53 -12.91 4.54
N VAL A 272 -28.39 -11.93 4.25
CA VAL A 272 -29.65 -12.18 3.60
C VAL A 272 -29.68 -11.52 2.24
N PHE A 273 -29.96 -12.31 1.21
CA PHE A 273 -30.06 -11.84 -0.15
C PHE A 273 -31.55 -11.68 -0.44
N ASP A 274 -31.97 -10.44 -0.70
CA ASP A 274 -33.35 -10.11 -1.00
C ASP A 274 -33.55 -10.04 -2.52
N TYR A 275 -34.66 -10.61 -3.01
CA TYR A 275 -34.97 -10.66 -4.46
C TYR A 275 -36.19 -9.84 -4.89
N GLY A 276 -36.39 -8.71 -4.21
CA GLY A 276 -37.44 -7.76 -4.53
C GLY A 276 -38.63 -7.78 -3.60
N GLU A 277 -38.64 -8.70 -2.63
CA GLU A 277 -39.79 -8.81 -1.73
C GLU A 277 -39.95 -7.59 -0.81
N ARG A 278 -38.85 -7.11 -0.22
CA ARG A 278 -38.88 -5.96 0.70
C ARG A 278 -38.92 -4.63 -0.07
N ASP A 279 -39.43 -3.60 0.60
CA ASP A 279 -39.49 -2.26 0.06
C ASP A 279 -38.04 -1.82 -0.23
N ILE A 280 -37.82 -1.35 -1.45
CA ILE A 280 -36.49 -0.92 -1.89
C ILE A 280 -36.02 0.40 -1.24
N SER A 281 -36.95 1.21 -0.73
CA SER A 281 -36.65 2.53 -0.14
C SER A 281 -35.58 2.53 1.00
N ILE A 282 -34.71 3.55 1.01
CA ILE A 282 -33.75 3.74 2.13
C ILE A 282 -34.44 4.17 3.44
N ASN A 283 -35.69 4.65 3.34
CA ASN A 283 -36.49 5.04 4.51
C ASN A 283 -37.17 3.87 5.20
N LYS A 284 -37.47 2.80 4.48
CA LYS A 284 -38.04 1.59 5.07
C LYS A 284 -36.97 0.57 5.49
N ILE A 285 -36.78 0.40 6.80
CA ILE A 285 -35.71 -0.42 7.34
C ILE A 285 -36.06 -1.88 7.06
N PRO A 286 -35.21 -2.60 6.30
CA PRO A 286 -35.48 -4.02 6.04
C PRO A 286 -35.52 -4.87 7.29
N THR A 287 -36.51 -5.75 7.38
CA THR A 287 -36.64 -6.67 8.51
C THR A 287 -36.04 -8.02 8.16
N PHE A 288 -35.81 -8.83 9.18
CA PHE A 288 -35.15 -10.13 9.03
C PHE A 288 -35.98 -11.12 8.22
N GLU A 289 -37.26 -11.26 8.57
CA GLU A 289 -38.18 -12.09 7.79
C GLU A 289 -38.67 -11.27 6.59
N GLY A 290 -39.04 -11.95 5.51
CA GLY A 290 -39.20 -11.30 4.20
C GLY A 290 -40.43 -10.47 3.88
N GLY A 291 -41.40 -10.41 4.80
CA GLY A 291 -42.72 -9.88 4.47
C GLY A 291 -43.42 -10.86 3.55
N THR A 292 -44.59 -10.49 3.02
CA THR A 292 -45.47 -11.47 2.36
C THR A 292 -45.79 -11.28 0.86
N THR A 293 -45.29 -10.20 0.23
CA THR A 293 -45.54 -9.94 -1.21
C THR A 293 -44.74 -10.81 -2.19
N GLY A 294 -43.71 -11.53 -1.71
CA GLY A 294 -42.91 -12.45 -2.53
C GLY A 294 -41.89 -11.78 -3.43
N TRP A 295 -40.89 -12.55 -3.84
CA TRP A 295 -39.84 -12.04 -4.74
C TRP A 295 -40.39 -11.63 -6.11
N LEU A 296 -39.80 -10.58 -6.67
CA LEU A 296 -40.28 -9.98 -7.91
C LEU A 296 -39.85 -10.80 -9.11
N ALA A 297 -40.61 -10.66 -10.19
CA ALA A 297 -40.30 -11.26 -11.48
C ALA A 297 -39.57 -10.24 -12.31
N ARG A 298 -38.36 -10.58 -12.75
CA ARG A 298 -37.64 -9.74 -13.71
C ARG A 298 -38.37 -9.74 -15.05
N PRO A 299 -38.21 -8.68 -15.86
CA PRO A 299 -38.79 -8.69 -17.22
C PRO A 299 -38.02 -9.61 -18.20
N ASP A 300 -36.71 -9.51 -18.25
CA ASP A 300 -35.92 -10.38 -19.12
C ASP A 300 -35.80 -11.80 -18.52
N MET A 301 -36.90 -12.53 -18.46
CA MET A 301 -36.85 -13.93 -18.03
C MET A 301 -36.18 -14.73 -19.16
N PHE A 302 -35.42 -15.75 -18.79
CA PHE A 302 -34.68 -16.50 -19.81
C PHE A 302 -34.46 -17.91 -19.35
N SER A 303 -34.28 -18.79 -20.35
CA SER A 303 -34.02 -20.19 -20.13
C SER A 303 -32.65 -20.61 -20.67
N ARG A 304 -32.10 -21.67 -20.06
CA ARG A 304 -30.89 -22.29 -20.55
CA ARG A 304 -30.86 -22.31 -20.47
C ARG A 304 -31.15 -23.80 -20.60
N TYR A 305 -30.61 -24.44 -21.64
CA TYR A 305 -30.85 -25.85 -21.89
C TYR A 305 -29.59 -26.73 -21.91
N ASP A 306 -28.44 -26.14 -21.57
CA ASP A 306 -27.12 -26.82 -21.56
C ASP A 306 -27.11 -28.26 -21.05
N PHE A 307 -27.83 -28.48 -19.94
CA PHE A 307 -27.78 -29.75 -19.20
C PHE A 307 -28.79 -30.80 -19.68
N GLY A 308 -29.46 -30.53 -20.80
CA GLY A 308 -30.56 -31.37 -21.29
C GLY A 308 -31.84 -31.23 -20.47
N ILE A 309 -31.94 -30.16 -19.68
CA ILE A 309 -33.14 -29.86 -18.92
C ILE A 309 -33.34 -28.36 -18.96
N GLU A 310 -34.58 -27.90 -18.97
CA GLU A 310 -34.81 -26.48 -18.86
C GLU A 310 -34.42 -26.02 -17.46
N ILE A 311 -33.67 -24.92 -17.41
CA ILE A 311 -33.45 -24.16 -16.20
C ILE A 311 -33.97 -22.77 -16.53
N ARG A 312 -34.98 -22.35 -15.78
CA ARG A 312 -35.68 -21.08 -15.98
C ARG A 312 -35.21 -20.06 -14.96
N ASN A 313 -35.04 -18.81 -15.42
CA ASN A 313 -34.46 -17.73 -14.62
C ASN A 313 -35.37 -16.52 -14.60
N ARG A 314 -35.86 -16.19 -13.40
CA ARG A 314 -36.82 -15.08 -13.22
C ARG A 314 -36.46 -14.03 -12.16
N ARG A 315 -35.40 -14.24 -11.39
CA ARG A 315 -35.16 -13.42 -10.20
C ARG A 315 -33.89 -12.58 -10.29
N LEU A 316 -33.96 -11.35 -9.77
CA LEU A 316 -32.79 -10.49 -9.57
C LEU A 316 -32.66 -10.17 -8.09
N CYS A 317 -31.41 -10.12 -7.59
CA CYS A 317 -31.14 -9.80 -6.18
C CYS A 317 -31.09 -8.30 -6.05
N HIS A 318 -31.99 -7.76 -5.23
CA HIS A 318 -32.13 -6.31 -5.07
C HIS A 318 -31.44 -5.77 -3.83
N GLN A 319 -31.25 -6.61 -2.80
CA GLN A 319 -30.53 -6.18 -1.59
C GLN A 319 -29.73 -7.31 -1.01
N VAL A 320 -28.57 -6.98 -0.46
CA VAL A 320 -27.86 -7.87 0.46
C VAL A 320 -27.84 -7.20 1.85
N LEU A 321 -28.14 -7.99 2.88
CA LEU A 321 -28.38 -7.48 4.24
C LEU A 321 -27.55 -8.22 5.26
N GLY A 322 -26.86 -7.47 6.13
CA GLY A 322 -26.14 -8.05 7.27
C GLY A 322 -26.95 -7.94 8.55
N PHE A 323 -27.24 -9.08 9.18
CA PHE A 323 -27.99 -9.11 10.43
C PHE A 323 -27.16 -9.74 11.55
N HIS A 324 -27.11 -9.11 12.72
CA HIS A 324 -26.43 -9.67 13.90
C HIS A 324 -27.42 -9.89 15.04
N ARG A 325 -27.22 -10.97 15.81
CA ARG A 325 -28.00 -11.23 17.01
C ARG A 325 -27.38 -10.49 18.19
N LEU A 326 -27.82 -9.25 18.41
CA LEU A 326 -27.21 -8.41 19.43
C LEU A 326 -27.44 -8.91 20.86
N GLU A 327 -28.59 -9.52 21.13
CA GLU A 327 -28.88 -10.04 22.47
C GLU A 327 -27.97 -11.22 22.79
N ALA A 328 -27.86 -12.16 21.84
CA ALA A 328 -27.00 -13.33 22.03
C ALA A 328 -25.55 -12.92 22.26
N LEU A 329 -25.08 -11.96 21.47
CA LEU A 329 -23.67 -11.52 21.55
C LEU A 329 -23.36 -10.83 22.87
N ASN A 330 -24.37 -10.16 23.43
CA ASN A 330 -24.26 -9.46 24.71
C ASN A 330 -24.64 -10.31 25.94
N ASP A 331 -24.82 -11.63 25.75
CA ASP A 331 -25.18 -12.58 26.81
C ASP A 331 -26.41 -12.15 27.56
N ARG A 332 -27.42 -11.73 26.80
CA ARG A 332 -28.69 -11.27 27.33
C ARG A 332 -29.74 -12.28 26.98
N ASP A 333 -30.97 -12.03 27.41
CA ASP A 333 -32.05 -12.95 27.18
C ASP A 333 -32.40 -13.05 25.69
N VAL A 334 -32.26 -14.25 25.17
CA VAL A 334 -32.46 -14.52 23.74
C VAL A 334 -33.94 -14.64 23.36
N THR A 335 -34.82 -14.85 24.35
CA THR A 335 -36.25 -15.08 24.10
C THR A 335 -36.84 -14.03 23.15
N ASP A 336 -37.46 -14.52 22.07
CA ASP A 336 -38.08 -13.67 21.03
C ASP A 336 -37.14 -12.64 20.38
N GLU A 337 -35.82 -12.92 20.36
CA GLU A 337 -34.87 -12.02 19.72
C GLU A 337 -35.17 -11.98 18.23
N ILE A 338 -35.31 -10.77 17.70
CA ILE A 338 -35.23 -10.50 16.27
C ILE A 338 -33.78 -10.04 16.02
N PRO A 339 -33.08 -10.64 15.03
CA PRO A 339 -31.76 -10.10 14.64
C PRO A 339 -31.90 -8.67 14.11
N VAL A 340 -30.88 -7.85 14.36
CA VAL A 340 -30.93 -6.43 13.97
C VAL A 340 -30.02 -6.15 12.78
N LEU A 341 -30.51 -5.29 11.90
CA LEU A 341 -29.83 -4.95 10.68
C LEU A 341 -28.60 -4.08 10.99
N VAL A 342 -27.47 -4.46 10.42
CA VAL A 342 -26.23 -3.74 10.62
C VAL A 342 -25.89 -2.95 9.36
N ASN A 343 -25.77 -3.64 8.24
CA ASN A 343 -25.47 -2.99 6.98
C ASN A 343 -26.42 -3.44 5.89
N ARG A 344 -26.66 -2.55 4.94
CA ARG A 344 -27.61 -2.76 3.87
C ARG A 344 -26.98 -2.38 2.56
N LEU A 345 -26.96 -3.31 1.61
CA LEU A 345 -26.47 -3.00 0.27
C LEU A 345 -27.66 -3.07 -0.68
N THR A 346 -28.01 -1.94 -1.29
CA THR A 346 -29.04 -1.92 -2.32
C THR A 346 -28.42 -2.11 -3.70
N LEU A 347 -29.13 -2.82 -4.57
CA LEU A 347 -28.74 -3.00 -5.98
C LEU A 347 -29.85 -2.43 -6.88
N ASP A 348 -29.48 -1.50 -7.76
CA ASP A 348 -30.40 -0.89 -8.73
C ASP A 348 -30.17 -1.46 -10.11
N TYR A 349 -31.24 -1.81 -10.80
CA TYR A 349 -31.17 -2.32 -12.18
C TYR A 349 -31.86 -1.38 -13.13
N ASP A 350 -31.31 -1.29 -14.34
CA ASP A 350 -32.05 -0.78 -15.50
C ASP A 350 -32.84 -1.97 -16.02
N LEU A 351 -34.12 -2.03 -15.68
CA LEU A 351 -34.97 -3.19 -16.03
C LEU A 351 -35.39 -3.07 -17.48
N ASN A 352 -35.20 -4.15 -18.22
CA ASN A 352 -35.37 -4.13 -19.67
C ASN A 352 -35.80 -5.51 -20.12
N ASN A 353 -36.67 -5.55 -21.11
CA ASN A 353 -37.27 -6.80 -21.59
C ASN A 353 -36.27 -7.72 -22.30
N SER A 354 -35.23 -7.15 -22.92
CA SER A 354 -34.18 -7.94 -23.55
C SER A 354 -33.10 -8.31 -22.55
N VAL A 355 -32.50 -7.30 -21.93
CA VAL A 355 -31.37 -7.49 -21.00
C VAL A 355 -31.42 -6.47 -19.85
N SER A 356 -31.51 -7.00 -18.61
CA SER A 356 -31.49 -6.17 -17.41
C SER A 356 -30.04 -6.02 -16.97
N THR A 357 -29.66 -4.79 -16.60
CA THR A 357 -28.29 -4.49 -16.22
C THR A 357 -28.18 -3.87 -14.83
N LEU A 358 -27.16 -4.27 -14.06
CA LEU A 358 -26.86 -3.69 -12.75
C LEU A 358 -26.20 -2.32 -12.91
N VAL A 359 -26.88 -1.26 -12.49
CA VAL A 359 -26.39 0.12 -12.66
C VAL A 359 -25.95 0.85 -11.40
N ALA A 360 -26.25 0.30 -10.22
CA ALA A 360 -25.83 0.94 -8.97
C ALA A 360 -25.85 -0.01 -7.79
N VAL A 361 -24.83 0.08 -6.96
CA VAL A 361 -24.86 -0.53 -5.65
C VAL A 361 -24.54 0.58 -4.67
N ARG A 362 -25.21 0.56 -3.52
CA ARG A 362 -25.08 1.60 -2.50
C ARG A 362 -25.20 1.06 -1.09
N GLN A 363 -24.41 1.63 -0.19
CA GLN A 363 -24.42 1.28 1.22
C GLN A 363 -25.26 2.23 2.06
N VAL A 364 -26.16 1.64 2.83
CA VAL A 364 -27.10 2.33 3.69
C VAL A 364 -27.01 1.69 5.07
N ALA A 365 -27.07 2.52 6.10
CA ALA A 365 -27.15 2.03 7.47
C ALA A 365 -28.04 2.98 8.27
N TYR A 366 -28.26 2.66 9.53
CA TYR A 366 -29.28 3.35 10.29
C TYR A 366 -28.85 3.84 11.66
N GLU A 367 -29.27 5.07 11.98
CA GLU A 367 -29.05 5.71 13.29
C GLU A 367 -30.10 5.16 14.24
N THR A 368 -29.89 5.24 15.55
CA THR A 368 -30.84 4.63 16.50
C THR A 368 -32.21 5.28 16.46
N ASP A 369 -32.33 6.53 16.00
CA ASP A 369 -33.66 7.11 15.71
C ASP A 369 -34.31 6.61 14.41
N GLY A 370 -33.67 5.63 13.73
CA GLY A 370 -34.22 5.01 12.52
C GLY A 370 -33.85 5.68 11.20
N SER A 371 -33.32 6.90 11.25
CA SER A 371 -33.10 7.64 10.02
C SER A 371 -31.83 7.14 9.31
N PRO A 372 -31.85 7.12 7.96
CA PRO A 372 -30.76 6.52 7.21
C PRO A 372 -29.53 7.41 7.14
N ILE A 373 -28.37 6.76 7.08
CA ILE A 373 -27.10 7.40 6.74
C ILE A 373 -26.49 6.62 5.54
N THR A 374 -25.96 7.33 4.55
CA THR A 374 -25.62 6.74 3.25
C THR A 374 -24.19 7.03 2.78
N GLN A 375 -23.62 6.06 2.07
CA GLN A 375 -22.41 6.27 1.27
C GLN A 375 -22.84 6.61 -0.16
N PRO A 376 -21.95 7.24 -0.94
CA PRO A 376 -22.29 7.55 -2.33
C PRO A 376 -22.36 6.27 -3.16
N PRO A 377 -23.36 6.20 -4.07
CA PRO A 377 -23.56 4.96 -4.79
C PRO A 377 -22.45 4.72 -5.79
N LEU A 378 -22.10 3.45 -5.96
CA LEU A 378 -21.14 3.03 -6.96
C LEU A 378 -21.95 2.69 -8.19
N GLU A 379 -21.78 3.49 -9.23
CA GLU A 379 -22.59 3.37 -10.43
C GLU A 379 -21.87 2.72 -11.61
N PHE A 380 -22.66 2.08 -12.45
CA PHE A 380 -22.19 1.39 -13.64
C PHE A 380 -23.09 1.75 -14.79
N ASP A 381 -22.54 1.86 -15.98
CA ASP A 381 -23.36 1.84 -17.19
C ASP A 381 -22.68 1.08 -18.33
N TYR A 382 -23.44 0.83 -19.39
CA TYR A 382 -23.12 -0.14 -20.44
C TYR A 382 -23.31 0.45 -21.84
N GLN A 383 -22.66 -0.19 -22.82
CA GLN A 383 -22.93 0.07 -24.23
C GLN A 383 -24.37 -0.37 -24.50
N ARG A 384 -25.14 0.47 -25.18
CA ARG A 384 -26.54 0.20 -25.45
C ARG A 384 -26.88 0.37 -26.95
N PHE A 385 -27.84 -0.41 -27.40
CA PHE A 385 -28.42 -0.27 -28.73
C PHE A 385 -29.49 0.80 -28.68
N ASP A 386 -29.34 1.85 -29.48
CA ASP A 386 -30.31 2.95 -29.52
C ASP A 386 -31.29 2.78 -30.70
N THR A 387 -32.55 2.47 -30.38
CA THR A 387 -33.66 2.46 -31.37
C THR A 387 -33.71 3.73 -32.23
N GLY A 388 -33.48 4.89 -31.61
CA GLY A 388 -33.52 6.18 -32.29
C GLY A 388 -32.44 6.41 -33.32
N SER A 389 -31.18 6.35 -32.92
CA SER A 389 -30.05 6.65 -33.81
C SER A 389 -29.45 5.39 -34.46
N ILE A 390 -30.25 4.72 -35.29
CA ILE A 390 -29.79 3.60 -36.14
C ILE A 390 -29.11 4.22 -37.35
N PRO A 391 -27.78 3.98 -37.54
CA PRO A 391 -27.13 4.55 -38.73
C PRO A 391 -27.82 4.11 -40.01
N GLY A 392 -28.07 5.06 -40.91
CA GLY A 392 -28.78 4.78 -42.15
C GLY A 392 -27.88 4.06 -43.14
N TRP A 393 -28.35 3.97 -44.36
CA TRP A 393 -27.61 3.26 -45.39
C TRP A 393 -26.37 4.05 -45.81
N GLN A 394 -25.48 3.37 -46.50
CA GLN A 394 -24.20 3.93 -46.94
C GLN A 394 -23.67 3.03 -48.05
N GLU A 395 -23.16 3.60 -49.13
CA GLU A 395 -22.70 2.79 -50.26
C GLU A 395 -21.43 2.03 -49.89
N MET A 396 -21.29 0.83 -50.44
CA MET A 396 -20.26 -0.13 -50.08
C MET A 396 -19.31 -0.35 -51.26
N PRO A 397 -18.34 0.57 -51.46
CA PRO A 397 -17.45 0.48 -52.61
C PRO A 397 -16.56 -0.78 -52.68
N GLN A 398 -16.48 -1.54 -51.59
CA GLN A 398 -15.71 -2.77 -51.56
C GLN A 398 -16.24 -3.85 -52.52
N LEU A 399 -17.53 -3.78 -52.85
CA LEU A 399 -18.17 -4.70 -53.80
C LEU A 399 -18.38 -4.07 -55.20
N GLU A 400 -17.65 -3.01 -55.52
CA GLU A 400 -17.85 -2.32 -56.81
C GLU A 400 -17.34 -3.12 -58.02
N ALA A 401 -16.52 -4.14 -57.80
CA ALA A 401 -16.09 -5.03 -58.89
C ALA A 401 -17.20 -5.93 -59.41
N PHE A 402 -18.31 -6.07 -58.68
CA PHE A 402 -19.47 -6.82 -59.16
C PHE A 402 -20.47 -5.88 -59.81
N ASN A 403 -21.24 -6.41 -60.77
CA ASN A 403 -22.10 -5.59 -61.63
C ASN A 403 -23.46 -5.21 -61.04
N GLY A 404 -23.86 -5.88 -59.96
CA GLY A 404 -25.19 -5.67 -59.40
C GLY A 404 -26.20 -6.77 -59.68
N TYR A 405 -25.87 -7.68 -60.59
CA TYR A 405 -26.61 -8.93 -60.77
C TYR A 405 -25.88 -10.13 -60.18
N GLN A 406 -24.57 -10.02 -59.96
CA GLN A 406 -23.75 -11.18 -59.61
C GLN A 406 -23.95 -11.56 -58.14
N PRO A 407 -24.33 -12.83 -57.89
CA PRO A 407 -24.51 -13.29 -56.51
C PRO A 407 -23.18 -13.56 -55.76
N TYR A 408 -23.13 -13.07 -54.51
CA TYR A 408 -22.02 -13.29 -53.56
C TYR A 408 -22.59 -13.65 -52.17
N GLN A 409 -21.87 -14.48 -51.43
CA GLN A 409 -22.13 -14.68 -49.99
C GLN A 409 -21.05 -13.95 -49.16
N MET A 410 -21.48 -13.15 -48.18
CA MET A 410 -20.56 -12.59 -47.17
C MET A 410 -20.48 -13.63 -46.08
N ILE A 411 -19.31 -14.23 -45.93
CA ILE A 411 -19.17 -15.42 -45.10
C ILE A 411 -17.70 -15.55 -44.70
N ASP A 412 -17.48 -16.00 -43.48
CA ASP A 412 -16.14 -16.24 -42.94
C ASP A 412 -15.67 -17.66 -43.30
N LEU A 413 -15.16 -17.80 -44.52
CA LEU A 413 -14.74 -19.09 -45.04
C LEU A 413 -13.57 -19.69 -44.30
N TYR A 414 -12.56 -18.90 -43.96
CA TYR A 414 -11.33 -19.47 -43.39
C TYR A 414 -11.28 -19.51 -41.85
N GLY A 415 -12.23 -18.92 -41.13
CA GLY A 415 -12.16 -18.86 -39.66
C GLY A 415 -11.22 -17.77 -39.14
N GLU A 416 -11.46 -16.55 -39.58
CA GLU A 416 -10.72 -15.38 -39.14
C GLU A 416 -11.58 -14.44 -38.27
N GLY A 417 -12.84 -14.82 -38.02
CA GLY A 417 -13.76 -14.01 -37.21
C GLY A 417 -14.39 -12.81 -37.89
N THR A 418 -14.10 -12.62 -39.17
CA THR A 418 -14.70 -11.55 -39.98
C THR A 418 -15.06 -12.22 -41.31
N PRO A 419 -16.25 -11.95 -41.88
CA PRO A 419 -16.60 -12.54 -43.19
C PRO A 419 -15.85 -11.90 -44.35
N GLY A 420 -15.44 -12.70 -45.32
CA GLY A 420 -14.95 -12.23 -46.62
C GLY A 420 -16.03 -12.36 -47.68
N ILE A 421 -15.64 -12.33 -48.95
CA ILE A 421 -16.58 -12.48 -50.07
C ILE A 421 -16.37 -13.82 -50.77
N LEU A 422 -17.39 -14.68 -50.74
CA LEU A 422 -17.39 -15.92 -51.49
C LEU A 422 -18.25 -15.70 -52.71
N TYR A 423 -17.73 -16.05 -53.89
CA TYR A 423 -18.51 -15.96 -55.13
C TYR A 423 -18.11 -16.98 -56.19
N GLN A 424 -19.07 -17.33 -57.04
CA GLN A 424 -18.88 -18.17 -58.20
C GLN A 424 -18.80 -17.26 -59.44
N GLU A 425 -17.67 -17.24 -60.15
CA GLU A 425 -17.51 -16.35 -61.30
C GLU A 425 -18.26 -16.96 -62.47
N THR A 426 -17.80 -18.12 -62.94
CA THR A 426 -18.51 -18.95 -63.93
C THR A 426 -18.80 -20.28 -63.25
N PRO A 427 -19.75 -21.07 -63.79
CA PRO A 427 -20.11 -22.32 -63.11
C PRO A 427 -18.92 -23.26 -62.85
N GLY A 428 -18.88 -23.82 -61.63
CA GLY A 428 -17.75 -24.62 -61.15
C GLY A 428 -16.58 -23.85 -60.56
N ALA A 429 -16.51 -22.53 -60.79
CA ALA A 429 -15.36 -21.69 -60.43
C ALA A 429 -15.69 -20.77 -59.24
N TRP A 430 -15.42 -21.27 -58.03
CA TRP A 430 -15.66 -20.52 -56.78
C TRP A 430 -14.37 -19.89 -56.28
N TRP A 431 -14.43 -18.60 -55.97
CA TRP A 431 -13.32 -17.85 -55.37
C TRP A 431 -13.71 -17.26 -54.02
N TYR A 432 -12.70 -16.95 -53.21
CA TYR A 432 -12.89 -16.29 -51.92
C TYR A 432 -11.96 -15.09 -51.78
N LYS A 433 -12.56 -13.93 -51.48
CA LYS A 433 -11.79 -12.74 -51.11
C LYS A 433 -11.81 -12.56 -49.59
N SER A 434 -10.65 -12.74 -48.98
CA SER A 434 -10.47 -12.77 -47.52
C SER A 434 -10.43 -11.36 -46.93
N PRO A 435 -11.08 -11.16 -45.76
CA PRO A 435 -11.11 -9.82 -45.18
C PRO A 435 -9.72 -9.33 -44.78
N GLN A 436 -9.52 -8.02 -44.90
CA GLN A 436 -8.23 -7.38 -44.65
C GLN A 436 -8.43 -5.97 -44.18
N ARG A 437 -7.42 -5.45 -43.51
CA ARG A 437 -7.45 -4.05 -43.13
C ARG A 437 -7.35 -3.20 -44.39
N GLN A 438 -8.30 -2.30 -44.57
CA GLN A 438 -8.18 -1.27 -45.59
C GLN A 438 -7.10 -0.29 -45.15
N ILE A 439 -6.13 -0.02 -46.01
CA ILE A 439 -5.01 0.86 -45.63
C ILE A 439 -5.49 2.33 -45.75
N GLY A 440 -5.14 3.15 -44.76
CA GLY A 440 -5.54 4.56 -44.70
C GLY A 440 -7.04 4.85 -44.71
N GLY A 441 -7.85 3.94 -44.18
CA GLY A 441 -9.26 4.21 -43.90
C GLY A 441 -9.40 4.54 -42.43
N ASP A 442 -10.63 4.49 -41.95
CA ASP A 442 -10.93 4.35 -40.52
C ASP A 442 -10.11 3.15 -39.97
N SER A 443 -9.74 3.15 -38.71
CA SER A 443 -8.90 2.09 -38.13
C SER A 443 -9.54 0.70 -38.05
N ASN A 444 -10.88 0.64 -38.12
CA ASN A 444 -11.65 -0.62 -38.22
C ASN A 444 -12.26 -0.90 -39.62
N ALA A 445 -11.81 -0.16 -40.64
CA ALA A 445 -12.33 -0.31 -42.01
C ALA A 445 -11.85 -1.61 -42.61
N VAL A 446 -12.78 -2.36 -43.17
CA VAL A 446 -12.52 -3.66 -43.75
C VAL A 446 -12.61 -3.60 -45.26
N THR A 447 -11.54 -3.99 -45.95
CA THR A 447 -11.57 -4.29 -47.39
C THR A 447 -11.38 -5.80 -47.57
N TYR A 448 -11.27 -6.25 -48.82
CA TYR A 448 -11.20 -7.68 -49.15
C TYR A 448 -10.05 -7.92 -50.12
N GLY A 449 -9.28 -8.97 -49.84
CA GLY A 449 -8.03 -9.23 -50.55
C GLY A 449 -8.20 -9.96 -51.86
N ALA A 450 -7.09 -10.53 -52.31
CA ALA A 450 -7.02 -11.19 -53.60
C ALA A 450 -7.82 -12.46 -53.59
N MET A 451 -8.47 -12.74 -54.71
CA MET A 451 -9.18 -13.98 -54.89
C MET A 451 -8.25 -15.20 -54.74
N LYS A 452 -8.75 -16.23 -54.06
CA LYS A 452 -8.12 -17.56 -54.00
C LYS A 452 -9.17 -18.54 -54.48
N ALA A 453 -8.79 -19.45 -55.37
CA ALA A 453 -9.72 -20.46 -55.86
C ALA A 453 -10.00 -21.45 -54.75
N LEU A 454 -11.28 -21.71 -54.51
CA LEU A 454 -11.68 -22.84 -53.66
C LEU A 454 -11.27 -24.14 -54.33
N PRO A 455 -11.26 -25.25 -53.58
CA PRO A 455 -11.12 -26.55 -54.24
C PRO A 455 -12.29 -26.88 -55.18
N LYS A 456 -12.04 -27.78 -56.14
CA LYS A 456 -13.10 -28.28 -57.02
C LYS A 456 -14.10 -29.09 -56.18
N ILE A 457 -15.37 -28.95 -56.53
CA ILE A 457 -16.50 -29.51 -55.78
C ILE A 457 -17.06 -30.73 -56.55
N PRO A 458 -17.51 -31.80 -55.84
CA PRO A 458 -18.02 -33.02 -56.51
C PRO A 458 -19.17 -32.86 -57.51
N ARG A 459 -19.42 -33.92 -58.28
CA ARG A 459 -20.50 -33.98 -59.28
C ARG A 459 -21.87 -33.57 -58.72
N LEU A 460 -22.24 -34.14 -57.58
CA LEU A 460 -23.50 -33.80 -56.89
C LEU A 460 -23.46 -34.43 -55.49
N GLN A 461 -24.63 -34.84 -54.95
CA GLN A 461 -24.71 -35.57 -53.69
C GLN A 461 -25.45 -36.88 -53.88
N ALA A 464 -27.11 -32.77 -50.21
CA ALA A 464 -26.47 -32.22 -49.01
C ALA A 464 -25.32 -33.09 -48.48
N THR A 465 -24.08 -32.60 -48.54
CA THR A 465 -22.91 -33.36 -48.05
C THR A 465 -21.76 -32.52 -47.48
N LEU A 466 -20.98 -33.15 -46.60
CA LEU A 466 -19.84 -32.52 -45.93
C LEU A 466 -18.67 -32.30 -46.87
N MET A 467 -17.82 -31.33 -46.54
CA MET A 467 -16.59 -31.05 -47.28
C MET A 467 -15.62 -30.19 -46.47
N ASP A 468 -14.32 -30.37 -46.72
CA ASP A 468 -13.27 -29.53 -46.13
C ASP A 468 -12.91 -28.45 -47.13
N ILE A 469 -13.72 -27.39 -47.16
CA ILE A 469 -13.58 -26.37 -48.20
C ILE A 469 -12.40 -25.43 -47.97
N ASN A 470 -12.12 -25.12 -46.71
CA ASN A 470 -11.14 -24.07 -46.34
C ASN A 470 -9.71 -24.54 -46.04
N GLY A 471 -9.42 -25.83 -46.18
CA GLY A 471 -8.06 -26.34 -45.98
C GLY A 471 -7.53 -26.29 -44.57
N ASP A 472 -8.36 -26.68 -43.59
CA ASP A 472 -7.95 -26.79 -42.17
C ASP A 472 -7.93 -28.24 -41.62
N GLY A 473 -8.18 -29.23 -42.49
CA GLY A 473 -8.17 -30.65 -42.10
C GLY A 473 -9.51 -31.27 -41.69
N ARG A 474 -10.49 -30.45 -41.30
CA ARG A 474 -11.78 -30.94 -40.74
C ARG A 474 -12.94 -30.79 -41.73
N LEU A 475 -13.84 -31.77 -41.75
CA LEU A 475 -15.02 -31.75 -42.64
C LEU A 475 -16.12 -30.94 -41.96
N ASP A 476 -16.08 -29.62 -42.16
CA ASP A 476 -16.93 -28.66 -41.40
C ASP A 476 -17.69 -27.64 -42.25
N TRP A 477 -17.81 -27.89 -43.55
CA TRP A 477 -18.67 -27.08 -44.42
C TRP A 477 -19.68 -27.99 -45.06
N VAL A 478 -20.93 -27.54 -45.08
CA VAL A 478 -22.04 -28.29 -45.63
C VAL A 478 -22.50 -27.64 -46.93
N ILE A 479 -22.32 -28.38 -48.03
CA ILE A 479 -22.67 -27.93 -49.37
C ILE A 479 -24.01 -28.52 -49.80
N THR A 480 -24.85 -27.68 -50.39
CA THR A 480 -26.14 -28.07 -50.97
C THR A 480 -26.36 -27.30 -52.27
N SER A 481 -27.42 -27.65 -53.01
CA SER A 481 -27.79 -26.98 -54.29
C SER A 481 -29.29 -26.60 -54.38
N ALA A 482 -29.57 -25.48 -55.05
CA ALA A 482 -30.93 -24.88 -55.07
C ALA A 482 -31.97 -25.73 -55.82
N GLU A 495 -29.47 -24.63 -61.49
CA GLU A 495 -29.02 -25.19 -60.21
C GLU A 495 -27.89 -24.37 -59.53
N TRP A 496 -28.23 -23.64 -58.46
CA TRP A 496 -27.23 -22.90 -57.63
C TRP A 496 -26.48 -23.84 -56.64
N THR A 497 -25.64 -23.26 -55.77
CA THR A 497 -24.92 -24.03 -54.72
C THR A 497 -24.73 -23.16 -53.47
N HIS A 498 -25.05 -23.72 -52.29
CA HIS A 498 -25.01 -22.97 -51.03
C HIS A 498 -24.02 -23.57 -50.04
N PHE A 499 -23.27 -22.71 -49.37
CA PHE A 499 -22.24 -23.10 -48.41
C PHE A 499 -22.75 -22.74 -47.04
N THR A 500 -22.72 -23.72 -46.14
CA THR A 500 -23.32 -23.57 -44.82
C THR A 500 -22.35 -24.18 -43.81
N PRO A 501 -21.91 -23.40 -42.79
CA PRO A 501 -20.99 -24.03 -41.82
C PRO A 501 -21.71 -25.06 -40.96
N LEU A 502 -21.01 -26.15 -40.62
CA LEU A 502 -21.61 -27.25 -39.86
C LEU A 502 -22.17 -26.82 -38.50
N ASN A 503 -21.49 -25.89 -37.83
CA ASN A 503 -21.94 -25.35 -36.53
C ASN A 503 -23.29 -24.63 -36.56
N THR A 504 -23.80 -24.30 -37.76
CA THR A 504 -25.14 -23.70 -37.87
C THR A 504 -26.27 -24.72 -37.77
N LEU A 505 -25.94 -26.02 -37.77
CA LEU A 505 -26.90 -27.11 -37.61
C LEU A 505 -26.67 -27.82 -36.29
N PRO A 506 -27.70 -28.55 -35.78
CA PRO A 506 -27.53 -29.32 -34.55
C PRO A 506 -26.41 -30.34 -34.67
N THR A 507 -25.90 -30.82 -33.54
CA THR A 507 -24.57 -31.48 -33.54
C THR A 507 -24.53 -32.82 -34.27
N GLU A 508 -25.60 -33.61 -34.17
CA GLU A 508 -25.68 -34.89 -34.89
C GLU A 508 -26.74 -34.81 -35.99
N TYR A 509 -26.54 -33.87 -36.90
CA TYR A 509 -27.43 -33.66 -38.04
C TYR A 509 -27.38 -34.83 -39.05
N PHE A 510 -26.20 -35.41 -39.23
CA PHE A 510 -26.02 -36.50 -40.18
C PHE A 510 -26.26 -37.90 -39.61
N HIS A 511 -26.41 -37.99 -38.28
CA HIS A 511 -26.79 -39.24 -37.61
C HIS A 511 -27.85 -38.92 -36.56
N PRO A 512 -29.01 -38.40 -37.01
CA PRO A 512 -29.99 -37.86 -36.06
C PRO A 512 -30.74 -38.93 -35.25
N LYS A 513 -31.41 -38.48 -34.20
CA LYS A 513 -32.25 -39.32 -33.36
C LYS A 513 -33.48 -38.54 -32.95
N ALA A 514 -34.38 -39.19 -32.21
CA ALA A 514 -35.54 -38.54 -31.60
C ALA A 514 -36.33 -37.64 -32.58
N GLN A 515 -36.54 -36.36 -32.24
CA GLN A 515 -37.33 -35.42 -33.09
C GLN A 515 -36.58 -34.97 -34.35
N LEU A 516 -35.25 -34.85 -34.26
CA LEU A 516 -34.45 -34.31 -35.38
C LEU A 516 -34.61 -35.21 -36.61
N ALA A 517 -34.53 -36.52 -36.35
CA ALA A 517 -34.88 -37.57 -37.32
C ALA A 517 -36.27 -37.37 -37.94
N ASP A 518 -37.29 -37.14 -37.11
CA ASP A 518 -38.66 -36.91 -37.62
C ASP A 518 -38.70 -35.74 -38.60
N LEU A 519 -37.99 -34.66 -38.27
CA LEU A 519 -38.02 -33.44 -39.05
C LEU A 519 -37.35 -33.59 -40.42
N VAL A 520 -36.13 -34.12 -40.45
CA VAL A 520 -35.41 -34.29 -41.72
C VAL A 520 -35.89 -35.52 -42.47
N GLY A 521 -36.20 -36.59 -41.72
CA GLY A 521 -36.60 -37.88 -42.30
C GLY A 521 -35.53 -38.47 -43.20
N ALA A 522 -35.82 -38.45 -44.50
CA ALA A 522 -34.88 -38.89 -45.53
C ALA A 522 -33.61 -38.02 -45.59
N GLY A 523 -33.76 -36.73 -45.31
CA GLY A 523 -32.69 -35.74 -45.44
C GLY A 523 -33.23 -34.55 -46.21
N LEU A 524 -32.80 -33.36 -45.83
CA LEU A 524 -33.36 -32.12 -46.39
C LEU A 524 -32.81 -31.86 -47.78
N SER A 525 -33.62 -31.22 -48.63
CA SER A 525 -33.21 -30.93 -50.01
C SER A 525 -32.24 -29.73 -50.11
N ASP A 526 -32.33 -28.77 -49.19
CA ASP A 526 -31.48 -27.58 -49.26
C ASP A 526 -31.35 -26.83 -47.92
N LEU A 527 -30.16 -26.27 -47.69
CA LEU A 527 -29.87 -25.40 -46.55
C LEU A 527 -29.44 -24.01 -47.04
N VAL A 528 -30.11 -22.97 -46.57
CA VAL A 528 -29.81 -21.59 -46.98
C VAL A 528 -29.64 -20.69 -45.75
N LEU A 529 -28.47 -20.09 -45.58
CA LEU A 529 -28.23 -19.13 -44.53
C LEU A 529 -29.14 -17.92 -44.75
N ILE A 530 -29.82 -17.49 -43.69
CA ILE A 530 -30.66 -16.28 -43.72
C ILE A 530 -30.17 -15.30 -42.65
N GLY A 531 -28.87 -15.38 -42.34
CA GLY A 531 -28.24 -14.69 -41.21
C GLY A 531 -26.99 -15.42 -40.73
N PRO A 532 -26.18 -14.78 -39.86
CA PRO A 532 -24.84 -15.30 -39.50
C PRO A 532 -24.81 -16.73 -38.95
N LYS A 533 -25.84 -17.11 -38.21
CA LYS A 533 -25.92 -18.43 -37.61
C LYS A 533 -27.38 -18.94 -37.61
N SER A 534 -28.13 -18.56 -38.64
CA SER A 534 -29.50 -19.02 -38.81
C SER A 534 -29.71 -19.53 -40.25
N VAL A 535 -30.36 -20.68 -40.38
CA VAL A 535 -30.39 -21.45 -41.63
C VAL A 535 -31.80 -22.00 -41.94
N ARG A 536 -32.29 -21.67 -43.13
CA ARG A 536 -33.59 -22.11 -43.59
C ARG A 536 -33.56 -23.52 -44.15
N LEU A 537 -34.62 -24.29 -43.89
CA LEU A 537 -34.73 -25.69 -44.32
C LEU A 537 -35.73 -25.88 -45.47
N TYR A 538 -35.44 -26.84 -46.35
CA TYR A 538 -36.30 -27.23 -47.47
C TYR A 538 -36.38 -28.76 -47.60
N ALA A 539 -37.42 -29.23 -48.29
CA ALA A 539 -37.57 -30.64 -48.68
C ALA A 539 -38.60 -30.78 -49.81
N ASN A 540 -38.76 -31.99 -50.34
CA ASN A 540 -39.80 -32.29 -51.34
C ASN A 540 -40.02 -33.79 -51.49
N ASN A 556 -43.40 -37.20 -29.23
CA ASN A 556 -44.10 -36.55 -28.13
C ASN A 556 -44.70 -35.18 -28.52
N VAL A 557 -44.01 -34.43 -29.38
CA VAL A 557 -44.39 -33.06 -29.79
C VAL A 557 -45.20 -33.11 -31.09
N SER A 558 -45.83 -31.98 -31.45
CA SER A 558 -46.31 -31.75 -32.82
C SER A 558 -45.35 -30.81 -33.58
N LEU A 559 -44.38 -31.41 -34.27
CA LEU A 559 -43.38 -30.70 -35.08
C LEU A 559 -43.97 -30.08 -36.36
N PRO A 560 -43.25 -29.13 -36.98
CA PRO A 560 -43.78 -28.57 -38.22
C PRO A 560 -43.43 -29.44 -39.42
N VAL A 561 -44.22 -29.28 -40.48
CA VAL A 561 -44.00 -29.96 -41.77
C VAL A 561 -43.33 -28.96 -42.72
N ILE A 562 -42.21 -29.35 -43.33
CA ILE A 562 -41.44 -28.48 -44.23
C ILE A 562 -42.04 -28.52 -45.65
N GLY A 563 -43.01 -27.63 -45.91
CA GLY A 563 -43.75 -27.63 -47.19
C GLY A 563 -42.90 -27.21 -48.39
N ILE A 564 -43.38 -27.54 -49.60
CA ILE A 564 -42.62 -27.36 -50.86
C ILE A 564 -42.42 -25.89 -51.26
N ASP A 565 -43.51 -25.14 -51.40
CA ASP A 565 -43.45 -23.69 -51.65
C ASP A 565 -44.58 -22.98 -50.88
N SER A 566 -44.54 -23.08 -49.55
CA SER A 566 -45.58 -22.57 -48.66
C SER A 566 -45.43 -21.06 -48.39
N ARG A 567 -46.45 -20.51 -47.72
CA ARG A 567 -46.37 -19.20 -47.07
C ARG A 567 -45.93 -19.42 -45.60
N GLN A 568 -44.81 -20.14 -45.44
CA GLN A 568 -44.24 -20.46 -44.13
C GLN A 568 -42.75 -20.80 -44.25
N LEU A 569 -42.00 -20.50 -43.19
CA LEU A 569 -40.55 -20.68 -43.15
C LEU A 569 -40.21 -21.55 -41.95
N VAL A 570 -39.35 -22.53 -42.15
CA VAL A 570 -38.81 -23.34 -41.05
C VAL A 570 -37.30 -23.10 -41.02
N ALA A 571 -36.71 -23.12 -39.82
CA ALA A 571 -35.27 -22.88 -39.69
C ALA A 571 -34.65 -23.40 -38.40
N PHE A 572 -33.32 -23.53 -38.44
CA PHE A 572 -32.50 -23.63 -37.24
C PHE A 572 -31.95 -22.25 -36.90
N ALA A 573 -32.18 -21.81 -35.66
CA ALA A 573 -31.70 -20.52 -35.17
C ALA A 573 -31.88 -20.44 -33.66
N ASP A 574 -31.02 -19.66 -33.00
CA ASP A 574 -31.14 -19.39 -31.56
C ASP A 574 -32.14 -18.25 -31.32
N MET A 575 -33.41 -18.64 -31.16
CA MET A 575 -34.48 -17.70 -30.86
C MET A 575 -34.67 -17.47 -29.36
N LEU A 576 -33.90 -18.19 -28.53
CA LEU A 576 -34.01 -18.11 -27.07
C LEU A 576 -32.79 -17.50 -26.35
N GLY A 577 -31.69 -17.28 -27.06
CA GLY A 577 -30.45 -16.78 -26.45
C GLY A 577 -29.75 -17.71 -25.46
N SER A 578 -29.94 -19.02 -25.59
CA SER A 578 -29.28 -20.00 -24.72
C SER A 578 -28.02 -20.56 -25.34
N GLY A 579 -27.80 -20.27 -26.62
CA GLY A 579 -26.62 -20.72 -27.35
C GLY A 579 -26.71 -22.10 -27.99
N GLN A 580 -27.89 -22.48 -28.44
CA GLN A 580 -28.09 -23.69 -29.21
C GLN A 580 -28.94 -23.36 -30.42
N GLN A 581 -28.77 -24.13 -31.48
CA GLN A 581 -29.60 -24.00 -32.67
C GLN A 581 -30.95 -24.65 -32.41
N HIS A 582 -31.94 -23.82 -32.08
CA HIS A 582 -33.30 -24.28 -31.82
C HIS A 582 -34.04 -24.37 -33.16
N LEU A 583 -35.23 -24.97 -33.16
CA LEU A 583 -36.07 -25.07 -34.36
C LEU A 583 -37.09 -23.97 -34.29
N VAL A 584 -37.25 -23.23 -35.39
CA VAL A 584 -38.20 -22.13 -35.46
C VAL A 584 -39.06 -22.29 -36.70
N GLU A 585 -40.35 -21.97 -36.56
CA GLU A 585 -41.29 -21.95 -37.66
C GLU A 585 -41.99 -20.61 -37.66
N ILE A 586 -41.95 -19.92 -38.81
CA ILE A 586 -42.59 -18.61 -38.95
C ILE A 586 -43.65 -18.65 -40.05
N THR A 587 -44.89 -18.38 -39.67
CA THR A 587 -46.00 -18.18 -40.61
C THR A 587 -46.28 -16.69 -40.62
N ALA A 588 -47.32 -16.30 -41.35
CA ALA A 588 -47.69 -14.89 -41.46
C ALA A 588 -48.15 -14.24 -40.15
N ASP A 589 -48.61 -15.05 -39.18
CA ASP A 589 -49.12 -14.51 -37.91
C ASP A 589 -48.73 -15.37 -36.68
N SER A 590 -47.63 -16.12 -36.78
CA SER A 590 -47.14 -16.91 -35.66
C SER A 590 -45.63 -17.12 -35.77
N VAL A 591 -44.98 -17.12 -34.61
CA VAL A 591 -43.59 -17.53 -34.47
C VAL A 591 -43.59 -18.61 -33.39
N LYS A 592 -43.12 -19.80 -33.75
CA LYS A 592 -43.04 -20.92 -32.83
C LYS A 592 -41.61 -21.37 -32.78
N CYS A 593 -41.12 -21.70 -31.57
CA CYS A 593 -39.74 -22.19 -31.39
C CYS A 593 -39.71 -23.43 -30.50
N TRP A 594 -39.00 -24.45 -30.96
CA TRP A 594 -38.83 -25.72 -30.21
C TRP A 594 -37.40 -25.80 -29.66
N PRO A 595 -37.23 -25.88 -28.32
CA PRO A 595 -35.85 -25.89 -27.83
C PRO A 595 -35.12 -27.20 -28.07
N ASN A 596 -34.02 -27.14 -28.83
CA ASN A 596 -32.95 -28.17 -28.82
C ASN A 596 -32.49 -28.53 -27.41
N MET A 597 -32.73 -29.78 -27.00
CA MET A 597 -32.34 -30.29 -25.71
C MET A 597 -31.11 -31.21 -25.83
N GLY A 598 -30.59 -31.37 -27.04
CA GLY A 598 -29.40 -32.18 -27.28
C GLY A 598 -29.77 -33.58 -27.75
N HIS A 599 -28.81 -34.24 -28.38
CA HIS A 599 -28.98 -35.59 -28.93
C HIS A 599 -30.25 -35.76 -29.79
N GLY A 600 -30.58 -34.71 -30.55
CA GLY A 600 -31.76 -34.71 -31.40
C GLY A 600 -33.10 -34.48 -30.73
N ARG A 601 -33.12 -34.35 -29.41
CA ARG A 601 -34.37 -34.15 -28.68
C ARG A 601 -34.83 -32.70 -28.88
N PHE A 602 -36.13 -32.50 -29.01
CA PHE A 602 -36.72 -31.15 -29.12
C PHE A 602 -37.96 -31.08 -28.22
N GLY A 603 -38.03 -30.05 -27.37
CA GLY A 603 -39.09 -29.91 -26.36
C GLY A 603 -40.29 -29.20 -26.91
N GLN A 604 -41.28 -28.97 -26.05
CA GLN A 604 -42.58 -28.39 -26.47
C GLN A 604 -42.47 -27.01 -27.09
N PRO A 605 -43.40 -26.66 -28.00
CA PRO A 605 -43.27 -25.40 -28.72
C PRO A 605 -43.53 -24.18 -27.85
N LEU A 606 -42.75 -23.12 -28.06
CA LEU A 606 -42.91 -21.87 -27.36
C LEU A 606 -43.38 -20.88 -28.37
N THR A 607 -44.35 -20.06 -28.02
CA THR A 607 -44.76 -18.94 -28.88
C THR A 607 -44.03 -17.64 -28.51
N LEU A 608 -44.03 -16.70 -29.46
CA LEU A 608 -43.43 -15.37 -29.30
C LEU A 608 -44.33 -14.39 -30.05
N GLU A 609 -45.21 -13.71 -29.33
CA GLU A 609 -46.16 -12.79 -29.95
C GLU A 609 -45.46 -11.52 -30.39
N GLY A 610 -46.18 -10.77 -31.22
CA GLY A 610 -45.73 -9.46 -31.71
C GLY A 610 -45.22 -9.45 -33.15
N PHE A 611 -45.24 -10.60 -33.83
CA PHE A 611 -44.93 -10.66 -35.25
C PHE A 611 -46.15 -11.06 -36.06
N SER A 612 -46.45 -10.25 -37.07
CA SER A 612 -47.47 -10.60 -38.07
C SER A 612 -47.28 -9.81 -39.37
N GLN A 613 -47.76 -10.38 -40.46
CA GLN A 613 -47.90 -9.68 -41.74
C GLN A 613 -49.23 -10.17 -42.37
N PRO A 614 -49.84 -9.36 -43.27
CA PRO A 614 -51.08 -9.83 -43.94
C PRO A 614 -50.98 -11.20 -44.64
N GLN A 615 -52.03 -12.01 -44.54
CA GLN A 615 -52.01 -13.41 -45.02
C GLN A 615 -51.88 -13.55 -46.55
N THR A 616 -52.20 -12.48 -47.30
CA THR A 616 -51.97 -12.44 -48.77
C THR A 616 -50.55 -12.01 -49.17
N SER A 617 -49.90 -11.14 -48.38
CA SER A 617 -48.61 -10.52 -48.76
C SER A 617 -47.36 -11.13 -48.12
N PHE A 618 -47.54 -12.00 -47.11
CA PHE A 618 -46.41 -12.60 -46.39
C PHE A 618 -45.61 -13.51 -47.30
N ASN A 619 -44.32 -13.23 -47.42
CA ASN A 619 -43.38 -14.01 -48.25
C ASN A 619 -42.16 -14.46 -47.41
N PRO A 620 -42.00 -15.80 -47.19
CA PRO A 620 -40.86 -16.38 -46.46
C PRO A 620 -39.47 -15.92 -46.90
N ASP A 621 -39.29 -15.75 -48.22
CA ASP A 621 -38.01 -15.27 -48.78
C ASP A 621 -37.58 -13.92 -48.17
N ARG A 622 -38.54 -13.08 -47.81
CA ARG A 622 -38.23 -11.76 -47.25
C ARG A 622 -37.88 -11.75 -45.73
N VAL A 623 -37.90 -12.91 -45.08
CA VAL A 623 -37.62 -13.02 -43.64
C VAL A 623 -36.13 -13.29 -43.44
N PHE A 624 -35.53 -12.57 -42.49
CA PHE A 624 -34.17 -12.85 -42.03
C PHE A 624 -34.12 -12.97 -40.51
N LEU A 625 -33.18 -13.79 -40.03
CA LEU A 625 -32.96 -14.02 -38.60
C LEU A 625 -31.52 -13.71 -38.21
N ALA A 626 -31.31 -12.66 -37.44
CA ALA A 626 -29.97 -12.28 -37.00
C ALA A 626 -30.03 -11.45 -35.73
N ASP A 627 -29.09 -11.68 -34.82
CA ASP A 627 -28.99 -10.88 -33.60
C ASP A 627 -28.50 -9.46 -33.96
N ILE A 628 -29.44 -8.53 -34.12
CA ILE A 628 -29.14 -7.13 -34.44
C ILE A 628 -28.60 -6.35 -33.25
N ASP A 629 -29.16 -6.60 -32.06
CA ASP A 629 -28.81 -5.84 -30.85
C ASP A 629 -27.81 -6.56 -29.92
N GLY A 630 -27.20 -7.65 -30.39
CA GLY A 630 -26.22 -8.39 -29.58
C GLY A 630 -26.72 -8.90 -28.23
N SER A 631 -28.04 -9.10 -28.11
CA SER A 631 -28.62 -9.55 -26.85
C SER A 631 -28.44 -11.05 -26.61
N GLY A 632 -28.02 -11.77 -27.64
CA GLY A 632 -28.01 -13.22 -27.61
C GLY A 632 -29.17 -13.84 -28.38
N THR A 633 -30.23 -13.07 -28.66
CA THR A 633 -31.43 -13.59 -29.31
C THR A 633 -31.53 -13.16 -30.75
N ASN A 634 -31.84 -14.10 -31.64
CA ASN A 634 -32.02 -13.76 -33.06
C ASN A 634 -33.28 -12.95 -33.23
N ASP A 635 -33.16 -11.87 -33.98
CA ASP A 635 -34.26 -10.95 -34.26
C ASP A 635 -34.82 -11.20 -35.65
N ILE A 636 -36.01 -10.66 -35.93
CA ILE A 636 -36.63 -10.82 -37.25
C ILE A 636 -36.46 -9.55 -38.05
N ILE A 637 -35.94 -9.67 -39.27
CA ILE A 637 -35.91 -8.55 -40.22
C ILE A 637 -36.76 -8.97 -41.40
N TYR A 638 -37.82 -8.21 -41.66
CA TYR A 638 -38.72 -8.43 -42.80
C TYR A 638 -38.58 -7.26 -43.79
N ALA A 639 -38.49 -7.58 -45.08
CA ALA A 639 -38.20 -6.60 -46.14
C ALA A 639 -39.39 -6.39 -47.07
N HIS A 640 -39.84 -5.15 -47.20
CA HIS A 640 -40.84 -4.75 -48.19
C HIS A 640 -40.11 -4.03 -49.31
N SER A 641 -40.85 -3.60 -50.32
CA SER A 641 -40.27 -2.89 -51.45
C SER A 641 -39.46 -1.66 -51.01
N GLU A 642 -39.99 -0.85 -50.09
CA GLU A 642 -39.37 0.42 -49.71
C GLU A 642 -38.89 0.54 -48.25
N CYS A 643 -39.05 -0.51 -47.44
CA CYS A 643 -38.55 -0.49 -46.06
C CYS A 643 -38.23 -1.85 -45.49
N LEU A 644 -37.51 -1.83 -44.38
CA LEU A 644 -37.29 -2.99 -43.52
C LEU A 644 -38.02 -2.78 -42.20
N GLU A 645 -38.61 -3.84 -41.67
CA GLU A 645 -39.22 -3.86 -40.33
C GLU A 645 -38.43 -4.83 -39.47
N ILE A 646 -37.87 -4.33 -38.37
CA ILE A 646 -37.05 -5.13 -37.47
C ILE A 646 -37.83 -5.41 -36.18
N TYR A 647 -38.08 -6.69 -35.90
CA TYR A 647 -38.76 -7.09 -34.68
C TYR A 647 -37.69 -7.60 -33.72
N LEU A 648 -37.39 -6.82 -32.70
CA LEU A 648 -36.40 -7.24 -31.69
C LEU A 648 -36.96 -8.35 -30.81
N ASN A 649 -36.18 -9.41 -30.65
CA ASN A 649 -36.55 -10.54 -29.82
C ASN A 649 -36.23 -10.21 -28.37
N GLU A 650 -37.27 -10.22 -27.52
CA GLU A 650 -37.15 -9.88 -26.10
C GLU A 650 -36.90 -11.11 -25.24
N SER A 651 -35.61 -11.43 -25.02
CA SER A 651 -35.21 -12.53 -24.16
C SER A 651 -36.01 -13.82 -24.44
N GLY A 652 -36.26 -14.07 -25.72
CA GLY A 652 -36.99 -15.26 -26.19
C GLY A 652 -38.44 -15.39 -25.77
N ASN A 653 -39.06 -14.27 -25.38
CA ASN A 653 -40.38 -14.30 -24.78
C ASN A 653 -41.41 -13.75 -25.75
N ARG A 654 -41.13 -12.60 -26.33
CA ARG A 654 -41.97 -12.00 -27.36
C ARG A 654 -41.15 -11.12 -28.30
N PHE A 655 -41.81 -10.47 -29.24
CA PHE A 655 -41.17 -9.47 -30.11
C PHE A 655 -41.64 -8.06 -29.77
N SER A 656 -40.76 -7.09 -29.96
CA SER A 656 -41.11 -5.68 -29.74
C SER A 656 -41.97 -5.16 -30.86
N LYS A 657 -42.57 -3.99 -30.63
CA LYS A 657 -43.20 -3.24 -31.72
C LYS A 657 -42.09 -2.93 -32.72
N PRO A 658 -42.33 -3.22 -34.01
CA PRO A 658 -41.23 -3.24 -35.00
C PRO A 658 -40.61 -1.87 -35.32
N ILE A 659 -39.29 -1.85 -35.40
CA ILE A 659 -38.56 -0.69 -35.87
C ILE A 659 -38.65 -0.65 -37.39
N SER A 660 -39.03 0.51 -37.93
CA SER A 660 -39.17 0.69 -39.36
C SER A 660 -37.93 1.39 -39.89
N LEU A 661 -37.29 0.80 -40.89
CA LEU A 661 -36.04 1.32 -41.43
C LEU A 661 -36.23 1.49 -42.93
N LEU A 662 -36.16 2.74 -43.39
CA LEU A 662 -36.33 3.04 -44.81
C LEU A 662 -35.11 2.59 -45.61
N LEU A 663 -35.39 2.06 -46.80
CA LEU A 663 -34.34 1.71 -47.77
C LEU A 663 -33.82 2.99 -48.41
N PRO A 664 -32.65 2.92 -49.12
CA PRO A 664 -32.10 4.16 -49.69
C PRO A 664 -33.01 4.82 -50.71
N ASP A 665 -32.70 6.05 -51.08
CA ASP A 665 -33.60 6.88 -51.87
C ASP A 665 -33.88 6.30 -53.28
N GLY A 666 -35.14 5.97 -53.55
CA GLY A 666 -35.58 5.44 -54.85
C GLY A 666 -35.37 3.95 -55.11
N VAL A 667 -35.19 3.15 -54.05
CA VAL A 667 -34.95 1.70 -54.14
C VAL A 667 -36.26 0.93 -53.99
N ASN A 668 -36.47 -0.07 -54.86
CA ASN A 668 -37.63 -0.95 -54.78
C ASN A 668 -37.21 -2.41 -54.75
N PHE A 669 -37.23 -2.97 -53.54
CA PHE A 669 -36.82 -4.35 -53.30
C PHE A 669 -37.75 -5.34 -54.01
N ASP A 670 -37.15 -6.33 -54.65
CA ASP A 670 -37.88 -7.34 -55.43
C ASP A 670 -36.94 -8.55 -55.63
N ASN A 671 -37.32 -9.49 -56.48
CA ASN A 671 -36.53 -10.72 -56.69
C ASN A 671 -35.17 -10.48 -57.35
N THR A 672 -35.02 -9.40 -58.12
CA THR A 672 -33.75 -9.06 -58.78
C THR A 672 -32.67 -8.61 -57.79
N CYS A 673 -33.10 -8.10 -56.64
CA CYS A 673 -32.19 -7.64 -55.59
C CYS A 673 -31.62 -8.76 -54.75
N GLN A 674 -30.57 -8.43 -54.01
CA GLN A 674 -29.96 -9.34 -53.04
C GLN A 674 -29.79 -8.63 -51.69
N LEU A 675 -30.11 -9.35 -50.62
CA LEU A 675 -30.03 -8.84 -49.25
C LEU A 675 -29.56 -9.96 -48.34
N GLN A 676 -28.59 -9.68 -47.48
CA GLN A 676 -28.25 -10.62 -46.42
C GLN A 676 -27.80 -9.94 -45.13
N ALA A 677 -27.91 -10.67 -44.03
CA ALA A 677 -27.47 -10.22 -42.73
C ALA A 677 -26.18 -10.94 -42.43
N ALA A 678 -25.16 -10.18 -42.07
CA ALA A 678 -23.82 -10.75 -41.84
C ALA A 678 -22.97 -9.79 -41.03
N ASP A 679 -22.16 -10.35 -40.16
CA ASP A 679 -21.40 -9.57 -39.20
C ASP A 679 -20.14 -9.06 -39.88
N ILE A 680 -20.31 -8.09 -40.77
CA ILE A 680 -19.21 -7.64 -41.61
C ILE A 680 -18.14 -6.85 -40.86
N GLN A 681 -18.51 -6.24 -39.73
CA GLN A 681 -17.54 -5.51 -38.91
C GLN A 681 -16.67 -6.42 -38.05
N GLY A 682 -17.12 -7.63 -37.79
CA GLY A 682 -16.48 -8.52 -36.84
C GLY A 682 -16.80 -8.12 -35.40
N LEU A 683 -18.04 -7.65 -35.17
CA LEU A 683 -18.47 -7.22 -33.83
C LEU A 683 -19.37 -8.22 -33.10
N GLY A 684 -19.70 -9.34 -33.71
CA GLY A 684 -20.73 -10.24 -33.18
C GLY A 684 -22.15 -9.71 -33.32
N ILE A 685 -22.37 -8.81 -34.27
CA ILE A 685 -23.72 -8.29 -34.58
C ILE A 685 -23.87 -8.15 -36.08
N ALA A 686 -25.07 -8.40 -36.56
CA ALA A 686 -25.35 -8.33 -38.00
C ALA A 686 -25.51 -6.88 -38.47
N SER A 687 -24.88 -6.61 -39.61
CA SER A 687 -25.22 -5.49 -40.47
C SER A 687 -26.01 -6.08 -41.64
N LEU A 688 -26.45 -5.21 -42.54
CA LEU A 688 -27.15 -5.63 -43.73
C LEU A 688 -26.36 -5.17 -44.94
N VAL A 689 -26.23 -6.05 -45.93
CA VAL A 689 -25.57 -5.75 -47.20
C VAL A 689 -26.61 -5.97 -48.29
N MET A 690 -26.76 -4.98 -49.15
CA MET A 690 -27.82 -4.99 -50.18
C MET A 690 -27.31 -4.63 -51.59
N THR A 691 -27.71 -5.45 -52.57
CA THR A 691 -27.44 -5.19 -53.98
C THR A 691 -28.73 -4.87 -54.71
N VAL A 692 -28.72 -3.76 -55.44
CA VAL A 692 -29.88 -3.23 -56.17
C VAL A 692 -29.46 -2.85 -57.62
N PRO A 693 -29.85 -3.65 -58.64
CA PRO A 693 -29.37 -3.36 -60.01
C PRO A 693 -29.87 -2.03 -60.61
N HIS A 694 -31.15 -1.73 -60.38
CA HIS A 694 -31.79 -0.54 -60.94
C HIS A 694 -31.44 0.66 -60.04
N MET A 695 -30.15 0.97 -59.95
CA MET A 695 -29.63 1.84 -58.88
C MET A 695 -28.15 2.12 -59.13
N SER A 696 -27.69 3.28 -58.67
CA SER A 696 -26.29 3.70 -58.83
C SER A 696 -25.82 4.43 -57.57
N PRO A 697 -24.83 3.89 -56.82
CA PRO A 697 -24.18 2.59 -57.08
C PRO A 697 -25.11 1.42 -56.77
N THR A 698 -24.66 0.20 -57.06
CA THR A 698 -25.51 -0.98 -56.85
C THR A 698 -25.42 -1.57 -55.44
N HIS A 699 -24.35 -1.27 -54.71
CA HIS A 699 -24.05 -1.96 -53.45
C HIS A 699 -24.13 -1.07 -52.22
N TRP A 700 -24.94 -1.50 -51.24
CA TRP A 700 -25.18 -0.74 -50.00
C TRP A 700 -24.94 -1.56 -48.74
N ARG A 701 -24.66 -0.85 -47.64
CA ARG A 701 -24.55 -1.45 -46.31
C ARG A 701 -25.35 -0.64 -45.29
N CYS A 702 -25.87 -1.33 -44.28
CA CYS A 702 -26.43 -0.67 -43.10
C CYS A 702 -25.89 -1.33 -41.83
N ASP A 703 -25.00 -0.62 -41.15
CA ASP A 703 -24.48 -1.05 -39.87
C ASP A 703 -25.44 -0.54 -38.82
N LEU A 704 -26.08 -1.43 -38.09
CA LEU A 704 -27.10 -1.03 -37.12
C LEU A 704 -26.53 -0.58 -35.77
N ALA A 705 -25.37 -1.14 -35.41
CA ALA A 705 -24.58 -0.68 -34.25
C ALA A 705 -23.09 -0.72 -34.56
N LEU A 706 -22.32 0.12 -33.88
CA LEU A 706 -20.85 0.16 -34.00
C LEU A 706 -20.12 -0.31 -32.75
N ASN A 707 -20.91 -0.74 -31.75
CA ASN A 707 -20.44 -1.26 -30.47
C ASN A 707 -21.24 -2.51 -30.22
N LYS A 708 -20.68 -3.46 -29.46
CA LYS A 708 -21.44 -4.60 -28.96
C LYS A 708 -22.18 -4.20 -27.68
N PRO A 709 -23.53 -4.18 -27.69
CA PRO A 709 -24.28 -3.79 -26.49
C PRO A 709 -24.14 -4.72 -25.27
N TRP A 710 -24.52 -4.20 -24.11
CA TRP A 710 -24.55 -4.95 -22.81
C TRP A 710 -23.19 -5.24 -22.15
N LEU A 711 -22.15 -4.55 -22.61
CA LEU A 711 -20.84 -4.62 -21.99
C LEU A 711 -20.63 -3.36 -21.16
N LEU A 712 -20.13 -3.55 -19.94
CA LEU A 712 -19.83 -2.47 -19.04
C LEU A 712 -18.80 -1.53 -19.65
N ASN A 713 -19.16 -0.25 -19.77
CA ASN A 713 -18.23 0.75 -20.30
C ASN A 713 -17.99 1.99 -19.41
N VAL A 714 -18.67 2.10 -18.26
CA VAL A 714 -18.44 3.22 -17.34
C VAL A 714 -18.66 2.80 -15.90
N MET A 715 -17.68 3.09 -15.03
CA MET A 715 -17.87 3.06 -13.56
C MET A 715 -17.73 4.47 -13.05
N ASN A 716 -18.55 4.84 -12.06
CA ASN A 716 -18.39 6.11 -11.37
C ASN A 716 -18.75 5.92 -9.90
N ASN A 717 -17.77 6.12 -9.02
CA ASN A 717 -17.96 6.00 -7.56
C ASN A 717 -18.63 7.22 -6.90
N ASN A 718 -18.90 8.27 -7.68
CA ASN A 718 -19.52 9.52 -7.21
C ASN A 718 -18.72 10.20 -6.11
N ARG A 719 -17.40 10.05 -6.18
CA ARG A 719 -16.49 10.69 -5.24
C ARG A 719 -15.35 11.43 -5.95
N GLY A 720 -15.47 11.61 -7.28
CA GLY A 720 -14.42 12.23 -8.11
C GLY A 720 -13.59 11.33 -9.01
N ALA A 721 -14.02 10.07 -9.16
CA ALA A 721 -13.32 9.07 -9.98
C ALA A 721 -14.27 8.38 -10.96
N GLU A 722 -13.96 8.47 -12.26
CA GLU A 722 -14.71 7.77 -13.29
C GLU A 722 -13.74 7.00 -14.19
N THR A 723 -14.11 5.74 -14.47
CA THR A 723 -13.38 4.91 -15.41
C THR A 723 -14.27 4.64 -16.61
N CYS A 724 -13.78 4.99 -17.80
CA CYS A 724 -14.46 4.65 -19.04
C CYS A 724 -13.68 3.55 -19.72
N LEU A 725 -14.38 2.56 -20.24
CA LEU A 725 -13.75 1.39 -20.87
C LEU A 725 -14.14 1.33 -22.33
N PHE A 726 -13.20 0.87 -23.17
CA PHE A 726 -13.44 0.75 -24.61
C PHE A 726 -13.02 -0.62 -25.08
N TYR A 727 -13.91 -1.25 -25.86
CA TYR A 727 -13.70 -2.59 -26.38
C TYR A 727 -13.34 -2.53 -27.85
N ARG A 728 -12.60 -3.55 -28.29
CA ARG A 728 -12.28 -3.76 -29.69
C ARG A 728 -12.19 -5.26 -29.93
N SER A 729 -12.86 -5.74 -30.98
CA SER A 729 -12.98 -7.16 -31.27
C SER A 729 -11.66 -7.81 -31.59
N SER A 730 -11.44 -9.04 -31.11
CA SER A 730 -10.27 -9.85 -31.48
C SER A 730 -10.12 -9.97 -33.00
N ALA A 731 -11.28 -10.05 -33.68
CA ALA A 731 -11.36 -10.08 -35.11
C ALA A 731 -10.72 -8.85 -35.76
N GLN A 732 -11.07 -7.66 -35.25
CA GLN A 732 -10.49 -6.39 -35.71
CA GLN A 732 -10.47 -6.43 -35.77
C GLN A 732 -8.98 -6.39 -35.44
N PHE A 733 -8.59 -6.91 -34.28
CA PHE A 733 -7.18 -7.03 -33.94
C PHE A 733 -6.43 -7.97 -34.88
N TRP A 734 -7.12 -9.02 -35.32
CA TRP A 734 -6.54 -9.98 -36.24
C TRP A 734 -6.19 -9.34 -37.59
N LEU A 735 -7.08 -8.50 -38.12
CA LEU A 735 -6.79 -7.84 -39.38
C LEU A 735 -5.59 -6.89 -39.27
N ASP A 736 -5.36 -6.28 -38.11
CA ASP A 736 -4.15 -5.46 -37.89
C ASP A 736 -2.92 -6.35 -37.91
N GLU A 737 -2.98 -7.43 -37.15
CA GLU A 737 -1.91 -8.44 -37.10
C GLU A 737 -1.59 -9.06 -38.47
N LYS A 738 -2.63 -9.35 -39.25
CA LYS A 738 -2.46 -10.01 -40.56
C LYS A 738 -1.74 -9.11 -41.56
N GLN A 739 -2.09 -7.83 -41.55
CA GLN A 739 -1.42 -6.83 -42.36
C GLN A 739 0.06 -6.76 -42.03
N LEU A 740 0.40 -6.78 -40.74
CA LEU A 740 1.81 -6.75 -40.32
C LEU A 740 2.55 -8.00 -40.79
N VAL A 741 1.92 -9.15 -40.61
CA VAL A 741 2.50 -10.44 -41.02
C VAL A 741 2.65 -10.54 -42.56
N GLU A 742 1.73 -9.91 -43.30
CA GLU A 742 1.81 -9.86 -44.78
C GLU A 742 2.85 -8.86 -45.27
N ALA A 743 2.91 -7.68 -44.65
CA ALA A 743 3.95 -6.69 -44.97
C ALA A 743 5.36 -7.27 -44.84
N ALA A 744 5.56 -8.18 -43.88
CA ALA A 744 6.86 -8.83 -43.64
C ALA A 744 7.10 -10.10 -44.48
N GLY A 745 6.40 -10.27 -45.59
CA GLY A 745 6.59 -11.42 -46.48
C GLY A 745 6.24 -12.80 -45.93
N GLN A 746 5.42 -12.87 -44.89
CA GLN A 746 5.07 -14.14 -44.24
C GLN A 746 3.59 -14.53 -44.44
N GLN A 747 3.32 -15.84 -44.32
CA GLN A 747 1.99 -16.41 -44.53
C GLN A 747 1.18 -16.41 -43.21
N PRO A 748 0.12 -15.58 -43.11
CA PRO A 748 -0.63 -15.51 -41.84
C PRO A 748 -1.41 -16.78 -41.52
N GLU A 749 -1.47 -17.15 -40.24
CA GLU A 749 -2.20 -18.33 -39.76
C GLU A 749 -3.08 -17.95 -38.57
N CYS A 750 -4.38 -17.80 -38.80
CA CYS A 750 -5.31 -17.44 -37.73
C CYS A 750 -5.67 -18.67 -36.93
N HIS A 751 -5.79 -18.54 -35.62
CA HIS A 751 -6.20 -19.65 -34.75
C HIS A 751 -7.40 -19.32 -33.83
N LEU A 752 -8.13 -18.25 -34.14
CA LEU A 752 -9.27 -17.83 -33.33
C LEU A 752 -10.42 -17.47 -34.27
N PRO A 753 -11.36 -18.42 -34.51
CA PRO A 753 -12.33 -18.28 -35.61
C PRO A 753 -13.60 -17.48 -35.35
N PHE A 754 -13.77 -16.91 -34.17
CA PHE A 754 -14.97 -16.11 -33.92
C PHE A 754 -14.56 -14.83 -33.19
N PRO A 755 -15.43 -13.79 -33.25
CA PRO A 755 -15.09 -12.52 -32.62
C PRO A 755 -15.35 -12.47 -31.10
N MET A 756 -14.30 -12.21 -30.34
CA MET A 756 -14.37 -11.95 -28.90
C MET A 756 -14.18 -10.46 -28.62
N HIS A 757 -14.84 -9.98 -27.58
CA HIS A 757 -14.87 -8.55 -27.28
C HIS A 757 -13.80 -8.28 -26.22
N LEU A 758 -12.68 -7.73 -26.67
CA LEU A 758 -11.50 -7.54 -25.83
C LEU A 758 -11.40 -6.13 -25.22
N HIS A 759 -10.76 -6.07 -24.06
CA HIS A 759 -10.58 -4.83 -23.33
C HIS A 759 -9.44 -4.09 -24.02
N TRP A 760 -9.80 -3.02 -24.70
CA TRP A 760 -8.85 -2.30 -25.54
C TRP A 760 -8.27 -1.09 -24.80
N ARG A 761 -9.14 -0.28 -24.23
CA ARG A 761 -8.72 0.96 -23.59
C ARG A 761 -9.47 1.17 -22.28
N SER A 762 -8.76 1.69 -21.29
CA SER A 762 -9.34 2.25 -20.07
C SER A 762 -8.91 3.71 -19.97
N GLU A 763 -9.84 4.60 -19.68
CA GLU A 763 -9.49 5.98 -19.36
C GLU A 763 -10.01 6.31 -17.97
N ILE A 764 -9.09 6.55 -17.04
CA ILE A 764 -9.43 6.74 -15.64
C ILE A 764 -9.30 8.22 -15.33
N PHE A 765 -10.45 8.87 -15.10
CA PHE A 765 -10.54 10.31 -14.93
C PHE A 765 -10.55 10.69 -13.44
N ASP A 766 -9.66 11.61 -13.04
CA ASP A 766 -9.76 12.31 -11.76
C ASP A 766 -10.57 13.57 -12.05
N GLU A 767 -11.83 13.56 -11.63
CA GLU A 767 -12.74 14.66 -11.91
C GLU A 767 -12.45 15.91 -11.09
N ILE A 768 -11.67 15.78 -10.02
CA ILE A 768 -11.26 16.92 -9.18
C ILE A 768 -10.03 17.65 -9.75
N THR A 769 -8.98 16.92 -10.12
CA THR A 769 -7.79 17.52 -10.73
C THR A 769 -7.92 17.75 -12.22
N GLY A 770 -8.82 17.03 -12.88
CA GLY A 770 -8.87 17.04 -14.34
C GLY A 770 -7.80 16.21 -15.01
N ASN A 771 -7.00 15.49 -14.23
CA ASN A 771 -5.99 14.58 -14.79
C ASN A 771 -6.60 13.24 -15.13
N ARG A 772 -5.86 12.45 -15.89
CA ARG A 772 -6.30 11.11 -16.27
C ARG A 772 -5.14 10.17 -16.56
N LEU A 773 -5.49 8.89 -16.66
CA LEU A 773 -4.56 7.85 -17.06
C LEU A 773 -5.22 7.03 -18.16
N THR A 774 -4.55 6.87 -19.28
CA THR A 774 -5.01 5.96 -20.33
C THR A 774 -4.18 4.69 -20.28
N GLN A 775 -4.86 3.54 -20.23
CA GLN A 775 -4.25 2.21 -20.36
C GLN A 775 -4.79 1.56 -21.64
N GLU A 776 -3.91 1.31 -22.61
CA GLU A 776 -4.26 0.63 -23.86
C GLU A 776 -3.62 -0.76 -23.97
N GLN A 777 -4.43 -1.75 -24.33
CA GLN A 777 -3.97 -3.12 -24.54
C GLN A 777 -4.02 -3.43 -26.04
N GLU A 778 -3.00 -4.14 -26.54
CA GLU A 778 -3.03 -4.68 -27.90
C GLU A 778 -2.81 -6.20 -27.83
N TYR A 779 -3.53 -6.96 -28.65
CA TYR A 779 -3.49 -8.42 -28.59
C TYR A 779 -2.98 -9.05 -29.88
N ALA A 780 -2.18 -10.10 -29.75
CA ALA A 780 -1.68 -10.90 -30.89
C ALA A 780 -1.57 -12.37 -30.52
N HIS A 781 -1.45 -13.21 -31.55
CA HIS A 781 -1.30 -14.65 -31.41
C HIS A 781 -2.45 -15.27 -30.63
N GLY A 782 -3.68 -14.92 -31.03
CA GLY A 782 -4.89 -15.46 -30.42
C GLY A 782 -4.99 -16.95 -30.72
N SER A 783 -5.40 -17.73 -29.71
CA SER A 783 -5.45 -19.18 -29.81
C SER A 783 -6.78 -19.68 -29.31
N TRP A 784 -7.52 -20.34 -30.18
CA TRP A 784 -8.66 -21.18 -29.82
C TRP A 784 -8.28 -22.56 -30.31
N ASP A 785 -8.79 -23.55 -29.61
CA ASP A 785 -8.47 -24.96 -29.82
C ASP A 785 -9.75 -25.70 -30.25
N GLY A 786 -9.72 -26.21 -31.47
CA GLY A 786 -10.85 -26.93 -32.06
C GLY A 786 -11.22 -28.20 -31.32
N GLN A 787 -10.23 -29.07 -31.10
CA GLN A 787 -10.43 -30.36 -30.41
C GLN A 787 -11.27 -30.28 -29.13
N GLU A 788 -10.93 -29.35 -28.23
CA GLU A 788 -11.61 -29.22 -26.93
C GLU A 788 -12.65 -28.11 -26.91
N ARG A 789 -12.84 -27.45 -28.05
CA ARG A 789 -13.72 -26.26 -28.17
C ARG A 789 -13.53 -25.29 -26.97
N GLU A 790 -12.30 -24.81 -26.83
CA GLU A 790 -11.84 -24.07 -25.65
C GLU A 790 -10.89 -22.94 -26.06
N PHE A 791 -11.17 -21.73 -25.57
CA PHE A 791 -10.27 -20.59 -25.73
C PHE A 791 -9.01 -20.70 -24.83
N ARG A 792 -7.83 -20.52 -25.42
CA ARG A 792 -6.55 -20.66 -24.70
C ARG A 792 -5.92 -19.35 -24.23
N GLY A 793 -6.38 -18.21 -24.75
CA GLY A 793 -5.76 -16.92 -24.44
C GLY A 793 -4.98 -16.34 -25.60
N PHE A 794 -4.44 -15.14 -25.39
CA PHE A 794 -3.62 -14.44 -26.39
C PHE A 794 -2.15 -14.63 -26.06
N GLY A 795 -1.37 -14.92 -27.10
CA GLY A 795 0.04 -15.17 -27.00
C GLY A 795 0.90 -13.96 -26.69
N ARG A 796 0.39 -12.76 -26.98
CA ARG A 796 1.13 -11.53 -26.70
C ARG A 796 0.21 -10.38 -26.33
N LEU A 797 0.52 -9.70 -25.23
CA LEU A 797 -0.18 -8.50 -24.78
C LEU A 797 0.82 -7.35 -24.75
N ILE A 798 0.49 -6.25 -25.41
CA ILE A 798 1.28 -5.01 -25.34
C ILE A 798 0.44 -3.98 -24.61
N GLN A 799 0.90 -3.55 -23.43
CA GLN A 799 0.19 -2.56 -22.63
C GLN A 799 0.89 -1.18 -22.66
N ARG A 800 0.14 -0.11 -22.90
CA ARG A 800 0.67 1.27 -22.91
C ARG A 800 -0.06 2.13 -21.89
N ASP A 801 0.68 2.69 -20.94
CA ASP A 801 0.09 3.58 -19.92
C ASP A 801 0.59 4.99 -20.17
N THR A 802 -0.33 5.94 -20.19
CA THR A 802 -0.03 7.33 -20.53
C THR A 802 -0.80 8.29 -19.61
N ASP A 803 -0.07 9.11 -18.85
CA ASP A 803 -0.66 10.13 -18.00
C ASP A 803 -1.06 11.30 -18.88
N GLY A 804 -2.24 11.86 -18.58
CA GLY A 804 -2.71 13.10 -19.20
C GLY A 804 -2.94 14.12 -18.10
N PHE A 805 -2.32 15.29 -18.21
CA PHE A 805 -2.45 16.34 -17.20
C PHE A 805 -3.24 17.51 -17.71
N ALA A 806 -3.85 18.24 -16.79
CA ALA A 806 -4.34 19.57 -17.07
C ALA A 806 -3.17 20.55 -17.09
N GLN A 807 -3.32 21.62 -17.87
CA GLN A 807 -2.24 22.58 -18.15
C GLN A 807 -1.77 23.36 -16.91
N GLY A 808 -0.45 23.48 -16.76
CA GLY A 808 0.15 24.27 -15.68
C GLY A 808 1.30 25.15 -16.15
N THR A 809 1.68 26.11 -15.30
CA THR A 809 2.80 27.04 -15.59
C THR A 809 4.21 26.41 -15.40
N VAL A 810 4.28 25.23 -14.76
CA VAL A 810 5.47 24.35 -14.73
C VAL A 810 5.05 22.97 -15.28
N ASP A 811 5.18 22.78 -16.59
CA ASP A 811 4.67 21.58 -17.26
C ASP A 811 5.49 20.31 -17.01
N ILE A 812 4.77 19.21 -16.83
CA ILE A 812 5.34 17.88 -16.59
C ILE A 812 5.36 17.14 -17.94
N PRO A 813 6.55 16.76 -18.42
CA PRO A 813 6.58 15.99 -19.66
C PRO A 813 6.05 14.58 -19.45
N THR A 814 4.92 14.25 -20.07
CA THR A 814 4.32 12.92 -19.99
C THR A 814 5.07 11.97 -20.92
N HIS A 815 5.62 10.90 -20.36
CA HIS A 815 6.32 9.89 -21.14
C HIS A 815 5.64 8.53 -20.95
N PRO A 816 4.92 8.04 -21.99
CA PRO A 816 4.23 6.77 -21.83
C PRO A 816 5.16 5.59 -21.55
N SER A 817 4.65 4.63 -20.79
CA SER A 817 5.33 3.36 -20.54
C SER A 817 4.71 2.28 -21.42
N ARG A 818 5.54 1.34 -21.87
CA ARG A 818 5.11 0.21 -22.66
C ARG A 818 5.59 -1.06 -21.96
N THR A 819 4.67 -1.98 -21.68
CA THR A 819 5.02 -3.35 -21.31
C THR A 819 4.61 -4.29 -22.43
N VAL A 820 5.55 -5.11 -22.89
CA VAL A 820 5.31 -6.17 -23.86
C VAL A 820 5.44 -7.49 -23.12
N SER A 821 4.39 -8.31 -23.15
CA SER A 821 4.35 -9.56 -22.42
C SER A 821 3.89 -10.71 -23.30
N TRP A 822 4.58 -11.84 -23.18
CA TRP A 822 4.20 -13.03 -23.93
C TRP A 822 3.69 -14.09 -22.95
N PHE A 823 2.59 -14.74 -23.32
CA PHE A 823 1.98 -15.80 -22.52
C PHE A 823 1.89 -17.05 -23.38
N ALA A 824 2.04 -18.20 -22.75
CA ALA A 824 1.84 -19.48 -23.42
C ALA A 824 0.37 -19.72 -23.74
N THR A 825 0.07 -20.07 -25.00
CA THR A 825 -1.25 -20.56 -25.40
C THR A 825 -1.39 -22.06 -25.13
N GLY A 826 -0.24 -22.74 -24.99
CA GLY A 826 -0.21 -24.19 -24.96
C GLY A 826 -0.50 -24.88 -26.27
N ILE A 827 -0.44 -24.18 -27.41
CA ILE A 827 -0.46 -24.78 -28.73
C ILE A 827 0.95 -24.55 -29.26
N PRO A 828 1.78 -25.62 -29.39
CA PRO A 828 3.21 -25.43 -29.75
C PRO A 828 3.55 -24.72 -31.09
N GLU A 829 2.70 -24.84 -32.10
CA GLU A 829 2.95 -24.12 -33.36
C GLU A 829 2.82 -22.59 -33.19
N ILE A 830 2.15 -22.14 -32.12
CA ILE A 830 2.11 -20.73 -31.73
C ILE A 830 3.28 -20.45 -30.79
N ASP A 831 3.36 -21.22 -29.71
CA ASP A 831 4.33 -20.98 -28.63
C ASP A 831 5.80 -20.98 -29.07
N THR A 832 6.14 -21.74 -30.12
CA THR A 832 7.54 -21.79 -30.62
C THR A 832 7.93 -20.59 -31.46
N THR A 833 6.95 -19.85 -31.98
CA THR A 833 7.21 -18.62 -32.74
C THR A 833 7.44 -17.35 -31.90
N LEU A 834 7.27 -17.43 -30.58
CA LEU A 834 7.24 -16.22 -29.74
C LEU A 834 8.60 -15.68 -29.43
N SER A 835 9.52 -16.56 -29.03
CA SER A 835 10.90 -16.15 -28.71
C SER A 835 11.56 -15.38 -29.84
N ALA A 836 11.18 -15.69 -31.07
CA ALA A 836 11.54 -14.90 -32.26
C ALA A 836 11.29 -13.41 -32.11
N GLU A 837 10.23 -13.05 -31.38
CA GLU A 837 9.78 -11.66 -31.22
C GLU A 837 10.39 -10.93 -30.05
N PHE A 838 11.12 -11.64 -29.19
CA PHE A 838 11.75 -11.03 -28.01
C PHE A 838 12.78 -10.01 -28.45
N TRP A 839 13.08 -9.07 -27.55
CA TRP A 839 14.13 -8.09 -27.77
C TRP A 839 15.50 -8.76 -27.93
N ARG A 840 16.11 -8.60 -29.10
CA ARG A 840 17.40 -9.25 -29.43
C ARG A 840 18.62 -8.37 -29.15
N GLY A 841 18.43 -7.15 -28.62
CA GLY A 841 19.50 -6.14 -28.49
C GLY A 841 20.65 -6.37 -27.51
N ASP A 842 20.63 -7.48 -26.77
CA ASP A 842 21.75 -7.86 -25.92
C ASP A 842 22.24 -9.23 -26.39
N ASP A 843 23.24 -9.19 -27.28
CA ASP A 843 23.90 -10.41 -27.80
C ASP A 843 24.46 -11.36 -26.74
N GLN A 844 24.81 -10.84 -25.56
CA GLN A 844 25.28 -11.64 -24.43
C GLN A 844 24.22 -12.19 -23.46
N ALA A 845 22.94 -11.86 -23.66
CA ALA A 845 21.87 -12.38 -22.80
C ALA A 845 21.74 -13.88 -22.98
N PHE A 846 21.36 -14.59 -21.92
CA PHE A 846 21.23 -16.04 -22.00
C PHE A 846 20.06 -16.44 -22.89
N SER A 847 20.08 -17.69 -23.35
CA SER A 847 19.12 -18.16 -24.33
C SER A 847 17.77 -18.40 -23.67
N PRO A 848 16.68 -18.36 -24.46
CA PRO A 848 15.32 -18.47 -23.93
C PRO A 848 15.11 -19.75 -23.14
N PHE A 849 14.31 -19.66 -22.08
CA PHE A 849 13.94 -20.84 -21.30
C PHE A 849 13.08 -21.80 -22.12
N SER A 850 13.05 -23.05 -21.69
CA SER A 850 12.30 -24.10 -22.37
C SER A 850 11.48 -24.90 -21.34
N PRO A 851 10.22 -25.22 -21.65
CA PRO A 851 9.40 -25.95 -20.68
C PRO A 851 9.88 -27.36 -20.39
N ARG A 852 10.04 -27.66 -19.10
CA ARG A 852 10.42 -28.97 -18.60
C ARG A 852 9.18 -29.78 -18.33
N PHE A 853 9.21 -31.09 -18.63
CA PHE A 853 8.09 -31.99 -18.32
C PHE A 853 8.61 -33.14 -17.47
N THR A 854 7.89 -33.42 -16.37
CA THR A 854 8.32 -34.39 -15.38
C THR A 854 7.24 -35.42 -15.04
N ARG A 855 7.68 -36.52 -14.44
CA ARG A 855 6.84 -37.54 -13.84
C ARG A 855 7.26 -37.74 -12.40
N TRP A 856 6.29 -37.91 -11.51
CA TRP A 856 6.61 -38.24 -10.11
C TRP A 856 6.93 -39.72 -9.99
N GLU A 857 8.13 -40.03 -9.48
CA GLU A 857 8.61 -41.40 -9.32
C GLU A 857 9.13 -41.56 -7.90
N ASN A 858 8.64 -42.57 -7.17
CA ASN A 858 8.95 -42.73 -5.74
C ASN A 858 10.32 -43.39 -5.44
N ASP A 859 10.80 -43.15 -4.22
CA ASP A 859 12.08 -43.69 -3.71
C ASP A 859 12.32 -43.16 -2.28
N SER A 860 13.17 -43.84 -1.53
CA SER A 860 13.54 -43.40 -0.17
C SER A 860 14.73 -42.45 -0.21
N GLY A 863 10.20 -39.58 -2.70
CA GLY A 863 10.06 -39.53 -4.16
C GLY A 863 10.53 -38.23 -4.79
N SER A 864 10.38 -38.10 -6.12
CA SER A 864 10.92 -36.93 -6.84
C SER A 864 10.39 -36.74 -8.28
N ASP A 865 10.56 -35.53 -8.81
CA ASP A 865 10.30 -35.27 -10.24
C ASP A 865 11.46 -35.82 -11.08
N VAL A 866 11.12 -36.43 -12.22
CA VAL A 866 12.12 -36.91 -13.19
C VAL A 866 11.69 -36.44 -14.58
N ALA A 867 12.63 -35.84 -15.30
CA ALA A 867 12.30 -35.27 -16.60
C ALA A 867 12.09 -36.39 -17.60
N PHE A 868 11.16 -36.17 -18.52
CA PHE A 868 10.95 -37.05 -19.68
C PHE A 868 10.54 -36.22 -20.88
N ILE A 869 10.58 -36.84 -22.06
CA ILE A 869 10.09 -36.21 -23.28
C ILE A 869 8.78 -36.89 -23.62
N PRO A 870 7.66 -36.17 -23.52
CA PRO A 870 6.38 -36.87 -23.70
C PRO A 870 6.09 -37.23 -25.15
N SER A 871 5.12 -38.13 -25.33
CA SER A 871 4.62 -38.49 -26.66
C SER A 871 3.76 -37.35 -27.20
N GLU A 872 3.61 -37.30 -28.53
CA GLU A 872 2.75 -36.29 -29.15
C GLU A 872 1.32 -36.31 -28.59
N HIS A 873 0.83 -37.50 -28.21
CA HIS A 873 -0.48 -37.59 -27.57
C HIS A 873 -0.55 -36.87 -26.21
N ASP A 874 0.34 -37.22 -25.29
CA ASP A 874 0.40 -36.56 -23.98
C ASP A 874 0.89 -35.12 -24.03
N ALA A 875 1.69 -34.77 -25.04
CA ALA A 875 2.16 -33.39 -25.21
C ALA A 875 0.99 -32.41 -25.22
N PHE A 876 -0.02 -32.70 -26.04
CA PHE A 876 -1.18 -31.85 -26.19
C PHE A 876 -1.71 -31.44 -24.81
N TRP A 877 -1.89 -32.41 -23.93
CA TRP A 877 -2.48 -32.14 -22.61
C TRP A 877 -1.50 -31.45 -21.66
N LEU A 878 -0.23 -31.80 -21.73
CA LEU A 878 0.77 -31.20 -20.84
C LEU A 878 1.19 -29.79 -21.27
N ASN A 879 1.12 -29.50 -22.57
CA ASN A 879 1.30 -28.13 -23.06
C ASN A 879 0.11 -27.25 -22.71
N ARG A 880 -1.08 -27.83 -22.81
CA ARG A 880 -2.31 -27.12 -22.43
C ARG A 880 -2.24 -26.65 -20.98
N ALA A 881 -1.63 -27.46 -20.12
CA ALA A 881 -1.48 -27.08 -18.71
C ALA A 881 -0.73 -25.77 -18.44
N MET A 882 0.05 -25.30 -19.42
CA MET A 882 0.72 -24.01 -19.33
C MET A 882 -0.08 -22.86 -19.93
N LYS A 883 -1.32 -23.07 -20.37
CA LYS A 883 -2.09 -21.98 -20.95
C LYS A 883 -2.19 -20.81 -19.97
N GLY A 884 -2.06 -19.60 -20.49
CA GLY A 884 -2.14 -18.38 -19.67
C GLY A 884 -0.94 -18.01 -18.81
N GLN A 885 0.11 -18.83 -18.80
CA GLN A 885 1.27 -18.57 -17.97
C GLN A 885 2.18 -17.53 -18.62
N LEU A 886 2.68 -16.61 -17.80
CA LEU A 886 3.59 -15.58 -18.28
C LEU A 886 4.97 -16.17 -18.63
N LEU A 887 5.41 -15.91 -19.87
CA LEU A 887 6.70 -16.38 -20.38
C LEU A 887 7.79 -15.33 -20.25
N ARG A 888 7.45 -14.09 -20.60
CA ARG A 888 8.44 -13.01 -20.62
C ARG A 888 7.75 -11.66 -20.63
N SER A 889 8.36 -10.70 -19.95
CA SER A 889 7.82 -9.35 -19.91
C SER A 889 8.96 -8.34 -20.07
N GLU A 890 8.76 -7.33 -20.92
CA GLU A 890 9.79 -6.33 -21.22
C GLU A 890 9.19 -4.94 -21.00
N LEU A 891 9.89 -4.08 -20.25
CA LEU A 891 9.37 -2.76 -19.90
C LEU A 891 10.16 -1.61 -20.55
N TYR A 892 9.43 -0.77 -21.28
CA TYR A 892 9.99 0.35 -22.02
C TYR A 892 9.37 1.67 -21.60
N GLY A 893 10.07 2.76 -21.93
CA GLY A 893 9.53 4.11 -21.91
C GLY A 893 9.64 4.67 -23.32
N ASP A 894 8.51 4.95 -23.96
CA ASP A 894 8.48 5.53 -25.31
C ASP A 894 8.60 7.03 -25.24
N ASP A 895 9.80 7.52 -24.97
CA ASP A 895 10.01 8.97 -24.79
C ASP A 895 10.80 9.66 -25.93
N GLY A 896 10.92 8.98 -27.08
CA GLY A 896 11.65 9.55 -28.23
C GLY A 896 13.15 9.75 -28.09
N THR A 897 13.75 9.24 -27.01
CA THR A 897 15.19 9.39 -26.77
C THR A 897 15.92 8.27 -27.53
N PRO A 898 17.26 8.37 -27.66
CA PRO A 898 18.04 7.31 -28.34
C PRO A 898 17.96 5.94 -27.69
N GLU A 899 17.86 5.93 -26.36
CA GLU A 899 17.74 4.70 -25.57
C GLU A 899 16.31 4.10 -25.45
N ALA A 900 15.31 4.72 -26.11
CA ALA A 900 13.90 4.30 -25.95
C ALA A 900 13.60 2.85 -26.36
N GLU A 901 14.24 2.40 -27.43
CA GLU A 901 14.14 1.01 -27.92
C GLU A 901 14.78 -0.01 -26.98
N ILE A 902 15.53 0.44 -25.98
CA ILE A 902 16.17 -0.43 -24.99
C ILE A 902 15.33 -0.47 -23.70
N PRO A 903 15.04 -1.68 -23.18
CA PRO A 903 14.19 -1.80 -22.01
C PRO A 903 14.85 -1.45 -20.69
N TYR A 904 14.03 -1.01 -19.74
CA TYR A 904 14.46 -0.85 -18.36
C TYR A 904 14.81 -2.21 -17.76
N SER A 905 13.91 -3.17 -17.95
CA SER A 905 14.05 -4.48 -17.36
C SER A 905 13.44 -5.54 -18.26
N VAL A 906 13.89 -6.78 -18.09
CA VAL A 906 13.37 -7.94 -18.81
C VAL A 906 13.24 -9.07 -17.80
N THR A 907 12.06 -9.66 -17.71
CA THR A 907 11.82 -10.81 -16.83
C THR A 907 11.33 -11.95 -17.69
N GLU A 908 11.88 -13.14 -17.47
CA GLU A 908 11.46 -14.35 -18.21
C GLU A 908 11.34 -15.53 -17.24
N MET A 909 10.39 -16.43 -17.52
CA MET A 909 10.06 -17.57 -16.65
C MET A 909 10.15 -18.91 -17.38
N ARG A 910 10.54 -19.93 -16.63
CA ARG A 910 10.52 -21.31 -17.10
C ARG A 910 9.46 -22.06 -16.33
N HIS A 911 8.70 -22.87 -17.06
CA HIS A 911 7.64 -23.65 -16.48
C HIS A 911 7.91 -25.15 -16.52
N GLN A 912 7.47 -25.85 -15.47
CA GLN A 912 7.53 -27.30 -15.36
C GLN A 912 6.11 -27.84 -15.21
N VAL A 913 5.73 -28.76 -16.09
CA VAL A 913 4.45 -29.47 -15.95
C VAL A 913 4.75 -30.90 -15.47
N ARG A 914 4.22 -31.25 -14.30
CA ARG A 914 4.34 -32.60 -13.74
C ARG A 914 3.11 -33.40 -14.12
N ALA A 915 3.30 -34.46 -14.90
CA ALA A 915 2.19 -35.32 -15.33
C ALA A 915 1.80 -36.30 -14.22
N LEU A 916 0.51 -36.43 -13.97
CA LEU A 916 -0.03 -37.29 -12.91
C LEU A 916 -1.07 -38.23 -13.52
N PRO A 917 -0.96 -39.53 -13.20
CA PRO A 917 -1.85 -40.51 -13.82
C PRO A 917 -3.27 -40.50 -13.23
N THR A 918 -4.26 -40.86 -14.03
CA THR A 918 -5.65 -41.04 -13.57
C THR A 918 -6.23 -42.33 -14.14
N THR A 919 -7.49 -42.64 -13.87
CA THR A 919 -8.14 -43.80 -14.49
C THR A 919 -8.17 -43.71 -16.01
N ASP A 920 -8.21 -42.48 -16.54
CA ASP A 920 -8.13 -42.24 -17.99
C ASP A 920 -6.67 -42.41 -18.44
N ALA A 921 -6.45 -43.36 -19.34
CA ALA A 921 -5.10 -43.61 -19.85
C ALA A 921 -4.71 -42.58 -20.93
N THR A 922 -5.72 -42.18 -21.72
CA THR A 922 -5.53 -41.21 -22.81
C THR A 922 -5.25 -39.77 -22.36
N VAL A 923 -5.67 -39.39 -21.16
CA VAL A 923 -5.59 -37.98 -20.71
C VAL A 923 -4.96 -37.87 -19.33
N PRO A 924 -3.67 -37.47 -19.26
CA PRO A 924 -3.06 -37.27 -17.96
C PRO A 924 -3.47 -35.96 -17.31
N SER A 925 -3.44 -35.97 -15.98
CA SER A 925 -3.60 -34.77 -15.18
C SER A 925 -2.23 -34.08 -15.10
N ALA A 926 -2.21 -32.83 -14.64
CA ALA A 926 -1.00 -32.02 -14.69
C ALA A 926 -0.94 -30.95 -13.59
N TRP A 927 0.27 -30.67 -13.13
CA TRP A 927 0.48 -29.60 -12.18
C TRP A 927 1.57 -28.71 -12.73
N CYS A 928 1.17 -27.53 -13.17
CA CYS A 928 2.12 -26.55 -13.74
C CYS A 928 2.71 -25.73 -12.60
N SER A 929 3.99 -25.42 -12.70
CA SER A 929 4.66 -24.55 -11.73
C SER A 929 5.71 -23.72 -12.43
N THR A 930 6.21 -22.72 -11.73
CA THR A 930 7.24 -21.85 -12.27
C THR A 930 8.54 -22.22 -11.58
N ILE A 931 9.50 -22.75 -12.33
CA ILE A 931 10.71 -23.30 -11.72
C ILE A 931 11.93 -22.42 -11.85
N GLU A 932 11.94 -21.51 -12.80
CA GLU A 932 13.01 -20.54 -12.89
C GLU A 932 12.42 -19.17 -13.21
N THR A 933 13.02 -18.12 -12.63
CA THR A 933 12.66 -16.75 -12.94
C THR A 933 13.96 -15.98 -13.09
N ARG A 934 14.14 -15.35 -14.23
CA ARG A 934 15.35 -14.60 -14.54
C ARG A 934 14.95 -13.18 -14.85
N SER A 935 15.52 -12.23 -14.10
CA SER A 935 15.27 -10.80 -14.29
C SER A 935 16.57 -10.08 -14.65
N TYR A 936 16.55 -9.34 -15.75
CA TYR A 936 17.67 -8.52 -16.15
C TYR A 936 17.32 -7.07 -15.86
N GLN A 937 18.21 -6.37 -15.16
CA GLN A 937 18.11 -4.90 -14.96
C GLN A 937 19.11 -4.21 -15.90
N TYR A 938 18.59 -3.65 -16.99
CA TYR A 938 19.38 -2.96 -17.99
C TYR A 938 19.43 -1.45 -17.77
N GLN A 939 18.33 -0.88 -17.29
CA GLN A 939 18.13 0.57 -17.23
C GLN A 939 18.40 1.26 -18.58
N ARG A 940 18.01 0.58 -19.65
CA ARG A 940 18.13 1.07 -21.03
C ARG A 940 19.56 1.23 -21.51
N VAL A 941 20.49 0.54 -20.87
CA VAL A 941 21.84 0.37 -21.38
C VAL A 941 22.01 -1.12 -21.58
N ALA A 942 22.28 -1.52 -22.82
CA ALA A 942 22.26 -2.94 -23.23
C ALA A 942 23.43 -3.81 -22.76
N ALA A 943 24.63 -3.22 -22.67
CA ALA A 943 25.85 -4.00 -22.47
C ALA A 943 26.16 -4.39 -21.03
N ASP A 944 25.62 -3.65 -20.05
CA ASP A 944 26.05 -3.77 -18.63
C ASP A 944 24.92 -4.07 -17.63
N PRO A 945 24.04 -5.05 -17.94
CA PRO A 945 22.92 -5.28 -17.07
C PRO A 945 23.33 -5.93 -15.77
N GLN A 946 22.47 -5.80 -14.76
CA GLN A 946 22.50 -6.67 -13.61
C GLN A 946 21.52 -7.82 -13.89
N CYS A 947 21.77 -8.98 -13.28
CA CYS A 947 20.98 -10.18 -13.57
C CYS A 947 20.91 -11.08 -12.37
N SER A 948 19.70 -11.50 -12.04
CA SER A 948 19.45 -12.42 -10.92
C SER A 948 18.47 -13.49 -11.37
N GLN A 949 18.48 -14.61 -10.64
CA GLN A 949 17.69 -15.77 -11.02
C GLN A 949 17.32 -16.62 -9.81
N GLN A 950 16.05 -17.02 -9.73
CA GLN A 950 15.55 -17.79 -8.60
C GLN A 950 15.04 -19.13 -9.14
N VAL A 951 15.50 -20.23 -8.55
CA VAL A 951 15.18 -21.55 -9.08
C VAL A 951 14.55 -22.42 -8.00
N VAL A 952 13.37 -22.98 -8.27
CA VAL A 952 12.79 -24.00 -7.39
C VAL A 952 13.29 -25.33 -7.94
N ILE A 953 14.25 -25.92 -7.24
CA ILE A 953 14.89 -27.16 -7.68
C ILE A 953 14.01 -28.36 -7.39
N LYS A 954 13.55 -28.52 -6.16
CA LYS A 954 12.71 -29.66 -5.76
C LYS A 954 11.40 -29.17 -5.15
N ALA A 955 10.31 -29.83 -5.49
CA ALA A 955 9.02 -29.58 -4.89
C ALA A 955 8.42 -30.91 -4.43
N ASP A 956 7.75 -30.91 -3.28
CA ASP A 956 7.13 -32.13 -2.74
C ASP A 956 5.92 -32.57 -3.57
N ARG A 957 5.28 -33.67 -3.18
CA ARG A 957 4.14 -34.20 -3.93
C ARG A 957 2.92 -33.29 -3.95
N TYR A 958 2.77 -32.49 -2.90
CA TYR A 958 1.70 -31.48 -2.76
C TYR A 958 2.04 -30.08 -3.31
N GLY A 959 3.10 -29.98 -4.11
CA GLY A 959 3.44 -28.73 -4.79
C GLY A 959 4.29 -27.75 -4.01
N SER A 960 4.61 -28.06 -2.75
CA SER A 960 5.38 -27.15 -1.90
C SER A 960 6.87 -27.23 -2.22
N PRO A 961 7.57 -26.07 -2.23
CA PRO A 961 9.00 -26.09 -2.54
C PRO A 961 9.86 -26.67 -1.43
N LEU A 962 10.70 -27.65 -1.77
CA LEU A 962 11.64 -28.28 -0.83
C LEU A 962 13.04 -27.68 -0.93
N LEU A 963 13.51 -27.48 -2.14
CA LEU A 963 14.84 -26.97 -2.38
C LEU A 963 14.73 -25.88 -3.38
N SER A 964 15.34 -24.74 -3.08
CA SER A 964 15.39 -23.63 -4.02
C SER A 964 16.69 -22.84 -3.87
N VAL A 965 16.98 -22.00 -4.83
CA VAL A 965 18.20 -21.23 -4.83
C VAL A 965 17.98 -19.86 -5.50
N ALA A 966 18.60 -18.83 -4.93
CA ALA A 966 18.58 -17.48 -5.46
C ALA A 966 20.00 -17.15 -5.89
N ILE A 967 20.14 -16.78 -7.15
CA ILE A 967 21.45 -16.56 -7.77
C ILE A 967 21.61 -15.10 -8.13
N ASN A 968 22.78 -14.54 -7.80
CA ASN A 968 23.16 -13.20 -8.23
C ASN A 968 24.37 -13.32 -9.13
N TYR A 969 24.17 -13.05 -10.43
CA TYR A 969 25.24 -13.14 -11.42
C TYR A 969 26.29 -12.04 -11.25
N PRO A 970 27.55 -12.32 -11.64
CA PRO A 970 28.59 -11.29 -11.63
C PRO A 970 28.38 -10.24 -12.71
N ARG A 971 28.92 -9.05 -12.48
CA ARG A 971 28.99 -8.02 -13.49
C ARG A 971 29.87 -8.46 -14.66
N ARG A 972 29.49 -8.06 -15.86
CA ARG A 972 30.22 -8.43 -17.08
C ARG A 972 31.61 -7.80 -17.12
N LYS A 973 32.48 -8.37 -17.96
CA LYS A 973 33.85 -7.86 -18.10
C LYS A 973 33.77 -6.43 -18.60
N LYS A 974 34.52 -5.56 -17.94
CA LYS A 974 34.54 -4.13 -18.26
C LYS A 974 34.90 -3.89 -19.74
N PRO A 975 34.06 -3.12 -20.46
CA PRO A 975 34.43 -2.77 -21.84
C PRO A 975 35.49 -1.67 -21.93
N GLU A 976 35.97 -1.43 -23.14
CA GLU A 976 37.08 -0.49 -23.37
C GLU A 976 36.62 0.95 -23.18
N LYS A 977 35.54 1.33 -23.85
CA LYS A 977 34.94 2.66 -23.71
C LYS A 977 33.70 2.55 -22.81
N SER A 978 33.27 3.67 -22.23
CA SER A 978 32.11 3.72 -21.33
C SER A 978 30.80 3.65 -22.11
N PRO A 979 29.88 2.73 -21.74
CA PRO A 979 28.56 2.70 -22.42
C PRO A 979 27.61 3.80 -21.94
N TYR A 980 27.91 4.43 -20.81
CA TYR A 980 27.04 5.44 -20.21
C TYR A 980 27.34 6.83 -20.83
N PRO A 981 26.35 7.74 -20.83
CA PRO A 981 26.51 9.04 -21.53
C PRO A 981 27.69 9.87 -21.02
N ASP A 982 28.32 10.64 -21.90
CA ASP A 982 29.60 11.33 -21.57
C ASP A 982 29.53 12.56 -20.63
N ASP A 983 28.34 12.90 -20.10
CA ASP A 983 28.16 14.05 -19.17
C ASP A 983 28.47 13.78 -17.67
N LEU A 984 28.70 12.52 -17.31
CA LEU A 984 29.15 12.13 -15.95
C LEU A 984 30.63 12.48 -15.75
N PRO A 985 31.13 12.37 -14.50
CA PRO A 985 32.58 12.51 -14.33
C PRO A 985 33.37 11.48 -15.15
N GLU A 986 34.47 11.92 -15.77
CA GLU A 986 35.29 11.03 -16.61
C GLU A 986 35.76 9.81 -15.82
N THR A 987 36.09 10.01 -14.54
CA THR A 987 36.55 8.93 -13.65
C THR A 987 35.48 7.89 -13.26
N LEU A 988 34.21 8.31 -13.25
CA LEU A 988 33.13 7.48 -12.69
C LEU A 988 32.98 6.10 -13.33
N PHE A 989 33.07 6.02 -14.65
CA PHE A 989 32.93 4.72 -15.34
C PHE A 989 33.93 3.69 -14.83
N ASP A 990 35.19 4.08 -14.71
CA ASP A 990 36.23 3.19 -14.15
C ASP A 990 35.98 2.96 -12.67
N SER A 991 35.64 4.02 -11.93
CA SER A 991 35.42 3.95 -10.48
C SER A 991 34.12 3.25 -10.09
N SER A 992 33.21 3.07 -11.04
CA SER A 992 31.98 2.28 -10.81
C SER A 992 32.24 0.81 -10.57
N TYR A 993 33.44 0.32 -10.89
CA TYR A 993 33.79 -1.11 -10.74
C TYR A 993 34.33 -1.47 -9.36
N ASP A 994 33.81 -2.57 -8.82
CA ASP A 994 34.19 -3.10 -7.51
C ASP A 994 34.24 -4.64 -7.61
N THR A 995 35.16 -5.27 -6.87
CA THR A 995 35.29 -6.74 -6.87
C THR A 995 34.05 -7.45 -6.33
N GLN A 996 33.31 -6.79 -5.44
CA GLN A 996 32.05 -7.35 -4.92
C GLN A 996 30.98 -7.56 -6.02
N GLN A 997 31.06 -6.76 -7.09
CA GLN A 997 30.21 -6.95 -8.28
C GLN A 997 30.57 -8.21 -9.06
N GLN A 998 31.80 -8.71 -8.90
CA GLN A 998 32.28 -9.88 -9.65
C GLN A 998 32.14 -11.20 -8.89
N GLN A 999 31.73 -11.15 -7.62
CA GLN A 999 31.51 -12.37 -6.84
C GLN A 999 30.14 -13.01 -7.11
N LEU A 1000 30.15 -14.22 -7.64
CA LEU A 1000 28.93 -15.00 -7.84
C LEU A 1000 28.40 -15.45 -6.49
N HIS A 1001 27.11 -15.22 -6.26
CA HIS A 1001 26.45 -15.67 -5.03
C HIS A 1001 25.28 -16.57 -5.40
N LEU A 1002 25.19 -17.69 -4.69
CA LEU A 1002 24.05 -18.58 -4.74
C LEU A 1002 23.63 -18.79 -3.30
N THR A 1003 22.37 -18.50 -3.01
CA THR A 1003 21.85 -18.67 -1.67
C THR A 1003 20.86 -19.81 -1.71
N LYS A 1004 21.19 -20.90 -1.04
CA LYS A 1004 20.39 -22.13 -1.05
C LYS A 1004 19.42 -22.14 0.11
N GLN A 1005 18.19 -22.56 -0.16
CA GLN A 1005 17.14 -22.63 0.85
C GLN A 1005 16.49 -24.00 0.81
N GLN A 1006 16.58 -24.73 1.92
CA GLN A 1006 15.89 -26.00 2.10
C GLN A 1006 14.72 -25.80 3.03
N GLN A 1007 13.68 -26.61 2.85
CA GLN A 1007 12.58 -26.66 3.81
C GLN A 1007 11.68 -27.87 3.61
N ASN A 1008 10.93 -28.16 4.67
CA ASN A 1008 9.99 -29.26 4.69
C ASN A 1008 8.73 -28.81 5.40
N TYR A 1009 7.73 -29.69 5.43
CA TYR A 1009 6.39 -29.34 5.86
C TYR A 1009 5.70 -30.49 6.61
N PHE A 1010 4.76 -30.13 7.48
CA PHE A 1010 3.86 -31.10 8.09
C PHE A 1010 2.63 -31.23 7.23
N HIS A 1011 2.09 -32.44 7.19
CA HIS A 1011 0.78 -32.69 6.59
C HIS A 1011 0.01 -33.62 7.49
N LEU A 1012 -1.31 -33.57 7.36
CA LEU A 1012 -2.24 -34.44 8.05
C LEU A 1012 -3.22 -34.93 7.00
N THR A 1013 -2.90 -36.09 6.43
CA THR A 1013 -3.74 -36.77 5.43
C THR A 1013 -4.35 -38.10 5.92
N ASN A 1014 -3.97 -38.55 7.11
CA ASN A 1014 -4.53 -39.76 7.71
C ASN A 1014 -6.06 -39.67 7.90
N ASP A 1015 -6.72 -40.82 7.84
CA ASP A 1015 -8.18 -40.91 7.96
C ASP A 1015 -8.85 -39.98 6.92
N ASP A 1016 -9.84 -39.19 7.33
CA ASP A 1016 -10.60 -38.36 6.39
C ASP A 1016 -10.37 -36.87 6.67
N ASN A 1017 -9.14 -36.52 7.09
CA ASN A 1017 -8.73 -35.12 7.16
C ASN A 1017 -7.59 -34.83 6.16
N TRP A 1018 -7.36 -33.55 5.89
CA TRP A 1018 -6.57 -33.10 4.73
C TRP A 1018 -6.06 -31.66 4.97
N LEU A 1019 -4.83 -31.59 5.47
CA LEU A 1019 -4.19 -30.34 5.82
C LEU A 1019 -2.75 -30.40 5.34
N LEU A 1020 -2.37 -29.47 4.46
CA LEU A 1020 -1.07 -29.51 3.75
C LEU A 1020 -0.26 -28.25 3.97
N GLY A 1021 1.06 -28.39 3.92
CA GLY A 1021 1.99 -27.26 3.84
C GLY A 1021 2.20 -26.47 5.13
N LEU A 1022 2.09 -27.14 6.27
CA LEU A 1022 2.23 -26.48 7.55
C LEU A 1022 3.69 -26.24 7.80
N PRO A 1023 4.06 -25.03 8.25
CA PRO A 1023 5.47 -24.76 8.46
C PRO A 1023 6.13 -25.76 9.39
N LYS A 1024 7.33 -26.19 9.04
CA LYS A 1024 8.07 -27.12 9.84
C LYS A 1024 9.52 -26.66 10.02
N GLU A 1025 10.38 -26.87 9.02
CA GLU A 1025 11.82 -26.59 9.16
C GLU A 1025 12.32 -25.83 7.93
N GLN A 1026 13.32 -24.98 8.14
CA GLN A 1026 13.97 -24.26 7.06
C GLN A 1026 15.43 -24.03 7.38
N ARG A 1027 16.27 -24.01 6.35
CA ARG A 1027 17.69 -23.71 6.49
C ARG A 1027 18.18 -22.93 5.27
N ASN A 1028 19.18 -22.07 5.48
CA ASN A 1028 19.74 -21.26 4.40
C ASN A 1028 21.25 -21.34 4.45
N ASP A 1029 21.85 -21.38 3.25
CA ASP A 1029 23.29 -21.58 3.09
C ASP A 1029 23.82 -20.71 1.95
N GLY A 1030 24.93 -20.03 2.20
CA GLY A 1030 25.51 -19.11 1.26
C GLY A 1030 26.67 -19.77 0.57
N TYR A 1031 26.70 -19.67 -0.77
CA TYR A 1031 27.80 -20.14 -1.59
C TYR A 1031 28.33 -18.97 -2.36
N GLN A 1032 29.65 -18.84 -2.41
CA GLN A 1032 30.27 -17.73 -3.09
C GLN A 1032 31.46 -18.21 -3.91
N TYR A 1033 31.48 -17.86 -5.19
CA TYR A 1033 32.55 -18.24 -6.11
C TYR A 1033 33.06 -17.01 -6.88
N ASP A 1034 34.19 -17.18 -7.56
CA ASP A 1034 34.75 -16.16 -8.47
C ASP A 1034 34.01 -16.20 -9.80
N GLN A 1035 34.24 -15.17 -10.63
CA GLN A 1035 33.50 -15.01 -11.90
C GLN A 1035 33.79 -16.07 -12.98
N GLU A 1036 34.93 -16.76 -12.92
CA GLU A 1036 35.28 -17.78 -13.92
C GLU A 1036 34.33 -18.97 -13.88
N ARG A 1037 33.77 -19.26 -12.71
CA ARG A 1037 33.02 -20.48 -12.47
C ARG A 1037 31.53 -20.39 -12.80
N ALA A 1038 31.05 -19.18 -13.09
CA ALA A 1038 29.71 -18.98 -13.64
C ALA A 1038 29.62 -19.69 -14.99
N PRO A 1039 28.61 -20.58 -15.20
CA PRO A 1039 28.53 -21.24 -16.51
C PRO A 1039 28.32 -20.21 -17.61
N ALA A 1040 29.00 -20.40 -18.75
CA ALA A 1040 29.01 -19.43 -19.84
C ALA A 1040 27.61 -19.12 -20.40
N ASN A 1041 26.73 -20.12 -20.46
CA ASN A 1041 25.36 -19.96 -20.99
C ASN A 1041 24.29 -19.90 -19.90
N GLY A 1042 24.72 -19.61 -18.67
CA GLY A 1042 23.82 -19.40 -17.55
C GLY A 1042 23.47 -20.66 -16.82
N PHE A 1043 22.86 -20.48 -15.65
CA PHE A 1043 22.34 -21.57 -14.85
C PHE A 1043 20.97 -22.04 -15.31
N THR A 1044 20.79 -23.35 -15.30
CA THR A 1044 19.48 -23.98 -15.34
C THR A 1044 19.34 -24.90 -14.15
N LEU A 1045 18.11 -25.39 -13.96
CA LEU A 1045 17.78 -26.37 -12.93
C LEU A 1045 18.71 -27.57 -13.07
N GLU A 1046 18.88 -28.01 -14.31
CA GLU A 1046 19.72 -29.15 -14.66
C GLU A 1046 21.14 -28.99 -14.13
N THR A 1047 21.77 -27.85 -14.43
CA THR A 1047 23.14 -27.54 -13.99
C THR A 1047 23.29 -27.47 -12.47
N LEU A 1048 22.18 -27.17 -11.78
CA LEU A 1048 22.16 -27.14 -10.31
C LEU A 1048 21.94 -28.51 -9.64
N ILE A 1049 21.16 -29.41 -10.24
CA ILE A 1049 20.97 -30.78 -9.70
C ILE A 1049 22.10 -31.75 -10.09
N ALA A 1050 22.87 -31.42 -11.13
CA ALA A 1050 23.99 -32.25 -11.59
C ALA A 1050 24.98 -32.57 -10.47
N SER A 1051 25.71 -33.67 -10.64
CA SER A 1051 26.68 -34.14 -9.64
C SER A 1051 27.83 -33.15 -9.39
N ASN A 1052 28.20 -32.40 -10.43
CA ASN A 1052 29.25 -31.36 -10.35
C ASN A 1052 28.71 -29.96 -10.00
N SER A 1053 27.53 -29.89 -9.37
CA SER A 1053 26.89 -28.61 -9.11
C SER A 1053 27.68 -27.73 -8.15
N LEU A 1054 27.51 -26.42 -8.34
CA LEU A 1054 28.08 -25.43 -7.44
C LEU A 1054 27.34 -25.33 -6.10
N ILE A 1055 26.16 -25.96 -5.97
CA ILE A 1055 25.47 -26.13 -4.67
C ILE A 1055 25.39 -27.61 -4.20
N GLY A 1056 26.27 -28.46 -4.72
CA GLY A 1056 26.37 -29.85 -4.24
C GLY A 1056 26.89 -29.94 -2.81
N SER A 1057 26.61 -31.06 -2.15
CA SER A 1057 27.03 -31.24 -0.75
C SER A 1057 28.54 -31.48 -0.60
N ASN A 1058 29.22 -31.77 -1.70
CA ASN A 1058 30.69 -31.71 -1.73
C ASN A 1058 31.23 -30.32 -1.41
N GLN A 1059 30.57 -29.29 -1.96
CA GLN A 1059 31.11 -27.93 -2.02
C GLN A 1059 31.12 -27.15 -0.69
N PRO A 1060 32.16 -26.32 -0.46
CA PRO A 1060 32.21 -25.53 0.78
C PRO A 1060 31.11 -24.46 0.82
N PHE A 1061 30.60 -24.16 2.01
CA PHE A 1061 29.51 -23.21 2.18
C PHE A 1061 29.61 -22.41 3.47
N THR A 1062 28.78 -21.37 3.54
CA THR A 1062 28.59 -20.57 4.74
C THR A 1062 27.17 -20.80 5.25
N TYR A 1063 27.05 -21.33 6.45
CA TYR A 1063 25.74 -21.56 7.08
C TYR A 1063 25.11 -20.24 7.46
N LEU A 1064 23.96 -19.93 6.88
CA LEU A 1064 23.30 -18.64 7.10
C LEU A 1064 22.28 -18.65 8.24
N GLY A 1065 21.70 -19.80 8.54
CA GLY A 1065 20.78 -19.94 9.69
C GLY A 1065 19.72 -20.99 9.46
N GLN A 1066 18.75 -21.04 10.35
CA GLN A 1066 17.66 -22.00 10.25
C GLN A 1066 16.47 -21.55 11.05
N SER A 1067 15.34 -22.14 10.74
CA SER A 1067 14.06 -21.79 11.35
C SER A 1067 13.23 -23.06 11.59
N ARG A 1068 12.64 -23.20 12.78
CA ARG A 1068 11.76 -24.33 13.13
C ARG A 1068 10.48 -23.88 13.85
N VAL A 1069 9.35 -24.43 13.44
CA VAL A 1069 8.09 -24.26 14.18
C VAL A 1069 7.78 -25.55 14.94
N ALA A 1070 7.52 -25.42 16.24
CA ALA A 1070 7.11 -26.52 17.09
C ALA A 1070 5.62 -26.38 17.40
N TYR A 1071 4.92 -27.50 17.46
CA TYR A 1071 3.48 -27.45 17.73
C TYR A 1071 3.15 -28.12 19.07
N GLN A 1072 1.93 -27.90 19.54
CA GLN A 1072 1.42 -28.52 20.77
C GLN A 1072 0.03 -29.08 20.52
N GLY A 1073 -0.40 -29.95 21.41
CA GLY A 1073 -1.73 -30.54 21.32
C GLY A 1073 -1.84 -31.77 20.44
N GLY A 1074 -0.69 -32.27 19.96
CA GLY A 1074 -0.61 -33.53 19.19
C GLY A 1074 0.54 -34.38 19.70
N VAL A 1075 1.08 -35.23 18.83
CA VAL A 1075 2.16 -36.14 19.19
C VAL A 1075 3.52 -35.40 19.26
N ASP A 1076 4.13 -35.36 20.44
CA ASP A 1076 5.37 -34.60 20.69
C ASP A 1076 5.22 -33.11 20.30
N GLU A 1077 5.99 -32.62 19.32
CA GLU A 1077 5.85 -31.23 18.84
C GLU A 1077 5.31 -31.19 17.41
N GLN A 1078 4.41 -32.12 17.09
CA GLN A 1078 3.80 -32.23 15.77
C GLN A 1078 2.38 -31.72 15.81
N PRO A 1079 1.89 -31.20 14.68
CA PRO A 1079 0.58 -30.56 14.70
C PRO A 1079 -0.58 -31.52 14.83
N SER A 1080 -1.61 -31.10 15.55
CA SER A 1080 -2.95 -31.67 15.41
C SER A 1080 -3.60 -30.97 14.25
N LEU A 1081 -4.85 -31.31 13.92
CA LEU A 1081 -5.58 -30.60 12.86
C LEU A 1081 -5.72 -29.09 13.14
N GLN A 1082 -5.64 -28.69 14.42
CA GLN A 1082 -5.75 -27.28 14.84
C GLN A 1082 -4.43 -26.52 14.74
N ALA A 1083 -3.33 -27.19 14.42
CA ALA A 1083 -2.07 -26.51 14.08
C ALA A 1083 -1.69 -25.41 15.10
N LEU A 1084 -1.77 -25.76 16.38
CA LEU A 1084 -1.54 -24.85 17.49
C LEU A 1084 -0.06 -24.72 17.73
N VAL A 1085 0.48 -23.53 17.53
CA VAL A 1085 1.91 -23.30 17.67
C VAL A 1085 2.31 -23.30 19.14
N ALA A 1086 3.45 -23.94 19.41
CA ALA A 1086 4.03 -24.01 20.76
C ALA A 1086 5.03 -22.88 20.89
N TYR A 1087 5.92 -22.81 19.89
CA TYR A 1087 6.86 -21.71 19.75
C TYR A 1087 7.53 -21.71 18.36
N GLY A 1088 8.21 -20.62 18.02
CA GLY A 1088 9.08 -20.51 16.84
C GLY A 1088 10.53 -20.48 17.31
N GLU A 1089 11.41 -21.11 16.56
CA GLU A 1089 12.80 -21.30 16.97
C GLU A 1089 13.69 -20.92 15.79
N THR A 1090 14.62 -19.97 16.02
CA THR A 1090 15.55 -19.54 14.97
C THR A 1090 16.99 -19.54 15.47
N ALA A 1091 17.91 -19.90 14.58
CA ALA A 1091 19.33 -19.93 14.92
C ALA A 1091 19.91 -18.52 15.00
N ILE A 1092 20.61 -18.25 16.09
CA ILE A 1092 21.20 -16.94 16.35
C ILE A 1092 22.73 -16.99 16.33
N LEU A 1093 23.34 -18.06 16.85
CA LEU A 1093 24.80 -18.17 16.82
C LEU A 1093 25.26 -19.52 16.33
N ASP A 1094 26.25 -19.53 15.44
CA ASP A 1094 27.04 -20.72 15.08
C ASP A 1094 28.50 -20.53 15.55
N GLU A 1095 29.37 -21.51 15.31
CA GLU A 1095 30.79 -21.41 15.71
C GLU A 1095 31.51 -20.16 15.14
N LYS A 1096 31.15 -19.76 13.91
CA LYS A 1096 31.72 -18.57 13.25
C LYS A 1096 31.34 -17.27 13.99
N THR A 1097 30.07 -17.14 14.38
CA THR A 1097 29.59 -15.92 15.04
C THR A 1097 30.06 -15.79 16.49
N LEU A 1098 30.36 -16.92 17.13
CA LEU A 1098 30.95 -16.92 18.48
C LEU A 1098 32.36 -16.35 18.54
N GLN A 1099 33.05 -16.25 17.39
CA GLN A 1099 34.34 -15.55 17.27
C GLN A 1099 34.29 -14.14 17.84
N ALA A 1100 33.11 -13.52 17.79
CA ALA A 1100 32.82 -12.28 18.51
C ALA A 1100 33.42 -12.17 19.94
N PHE A 1101 33.38 -13.26 20.71
CA PHE A 1101 33.75 -13.22 22.13
C PHE A 1101 35.21 -13.57 22.46
N VAL A 1102 36.08 -13.69 21.46
CA VAL A 1102 37.38 -14.36 21.64
C VAL A 1102 38.38 -13.65 22.54
N GLY A 1103 38.48 -12.32 22.43
CA GLY A 1103 39.36 -11.56 23.35
C GLY A 1103 38.73 -11.11 24.67
N VAL A 1104 37.43 -11.35 24.84
CA VAL A 1104 36.65 -10.74 25.91
C VAL A 1104 36.09 -11.74 26.93
N LEU A 1105 35.63 -12.89 26.43
CA LEU A 1105 35.11 -13.95 27.27
C LEU A 1105 35.77 -15.27 26.90
N ASP A 1106 35.62 -16.28 27.76
CA ASP A 1106 36.16 -17.61 27.52
C ASP A 1106 34.99 -18.59 27.46
N SER A 1107 35.26 -19.77 26.92
CA SER A 1107 34.23 -20.82 26.72
C SER A 1107 33.23 -20.94 27.86
N LYS A 1108 33.73 -21.15 29.08
CA LYS A 1108 32.87 -21.43 30.24
C LYS A 1108 31.96 -20.24 30.54
N THR A 1109 32.57 -19.04 30.66
CA THR A 1109 31.82 -17.82 30.97
C THR A 1109 30.88 -17.42 29.83
N ARG A 1110 31.37 -17.51 28.60
CA ARG A 1110 30.57 -17.24 27.41
C ARG A 1110 29.29 -18.08 27.35
N ASP A 1111 29.44 -19.39 27.57
CA ASP A 1111 28.30 -20.32 27.44
C ASP A 1111 27.25 -20.11 28.53
N GLU A 1112 27.66 -19.91 29.77
CA GLU A 1112 26.70 -19.76 30.87
C GLU A 1112 25.96 -18.41 30.81
N LEU A 1113 26.58 -17.40 30.19
CA LEU A 1113 25.90 -16.15 29.82
C LEU A 1113 24.81 -16.38 28.79
N LEU A 1114 25.15 -17.08 27.70
CA LEU A 1114 24.18 -17.40 26.65
C LEU A 1114 22.96 -18.18 27.20
N PHE A 1115 23.19 -19.12 28.13
CA PHE A 1115 22.11 -19.86 28.79
CA PHE A 1115 22.08 -19.84 28.78
C PHE A 1115 21.23 -18.91 29.63
N SER A 1116 21.86 -18.01 30.40
CA SER A 1116 21.09 -17.07 31.25
C SER A 1116 20.41 -15.97 30.43
N ALA A 1117 20.94 -15.67 29.24
CA ALA A 1117 20.29 -14.80 28.27
C ALA A 1117 19.09 -15.46 27.56
N GLY A 1118 18.79 -16.72 27.89
CA GLY A 1118 17.60 -17.39 27.38
C GLY A 1118 17.85 -18.16 26.10
N TYR A 1119 19.07 -18.12 25.57
CA TYR A 1119 19.41 -18.93 24.39
C TYR A 1119 19.60 -20.38 24.81
N GLN A 1120 19.63 -21.28 23.83
CA GLN A 1120 19.83 -22.70 24.10
C GLN A 1120 20.38 -23.42 22.88
N LEU A 1121 21.02 -24.55 23.15
CA LEU A 1121 21.56 -25.38 22.09
C LEU A 1121 20.47 -26.27 21.53
N ALA A 1122 20.40 -26.30 20.21
CA ALA A 1122 19.47 -27.17 19.49
C ALA A 1122 20.20 -27.77 18.30
N PRO A 1123 19.72 -28.94 17.83
CA PRO A 1123 20.34 -29.59 16.68
C PRO A 1123 20.28 -28.73 15.42
N ARG A 1124 21.42 -28.58 14.74
CA ARG A 1124 21.46 -27.92 13.44
C ARG A 1124 20.66 -28.77 12.46
N LEU A 1125 19.81 -28.11 11.68
CA LEU A 1125 18.85 -28.80 10.80
C LEU A 1125 19.48 -29.14 9.45
N PHE A 1126 18.84 -30.09 8.76
CA PHE A 1126 19.36 -30.69 7.53
C PHE A 1126 20.86 -30.91 7.64
N ARG A 1127 21.25 -31.63 8.70
CA ARG A 1127 22.64 -31.70 9.16
C ARG A 1127 23.59 -32.33 8.12
N VAL A 1128 24.86 -31.95 8.16
CA VAL A 1128 25.92 -32.63 7.36
C VAL A 1128 26.97 -33.20 8.33
N GLU A 1129 27.28 -34.48 8.18
CA GLU A 1129 28.27 -35.21 9.00
C GLU A 1129 28.55 -34.63 10.40
N SER A 1130 29.46 -33.66 10.47
CA SER A 1130 30.07 -33.18 11.70
C SER A 1130 29.74 -31.70 11.99
N GLU A 1131 28.46 -31.36 11.90
CA GLU A 1131 28.02 -29.97 12.13
C GLU A 1131 27.49 -29.81 13.55
N PRO A 1132 28.08 -28.88 14.33
CA PRO A 1132 27.69 -28.72 15.73
C PRO A 1132 26.33 -28.05 15.94
N ASP A 1133 25.75 -28.25 17.12
CA ASP A 1133 24.52 -27.55 17.50
C ASP A 1133 24.72 -26.04 17.50
N VAL A 1134 23.61 -25.35 17.32
CA VAL A 1134 23.61 -23.89 17.16
C VAL A 1134 22.81 -23.28 18.30
N TRP A 1135 23.15 -22.05 18.63
CA TRP A 1135 22.43 -21.32 19.68
C TRP A 1135 21.17 -20.75 19.09
N VAL A 1136 20.03 -21.08 19.69
CA VAL A 1136 18.74 -20.65 19.16
C VAL A 1136 17.94 -19.83 20.16
N ALA A 1137 17.06 -18.99 19.63
CA ALA A 1137 16.13 -18.20 20.42
C ALA A 1137 14.74 -18.68 20.10
N ARG A 1138 13.90 -18.83 21.14
CA ARG A 1138 12.53 -19.28 20.99
C ARG A 1138 11.53 -18.20 21.32
N GLN A 1139 10.51 -18.09 20.49
CA GLN A 1139 9.59 -16.97 20.50
C GLN A 1139 8.15 -17.47 20.33
N GLY A 1140 7.22 -16.84 21.01
CA GLY A 1140 5.81 -16.95 20.69
C GLY A 1140 5.13 -18.13 21.35
N TYR A 1141 4.97 -18.05 22.67
CA TYR A 1141 4.30 -19.09 23.44
C TYR A 1141 2.85 -18.68 23.74
N SER A 1142 1.93 -19.58 23.43
CA SER A 1142 0.53 -19.41 23.76
C SER A 1142 -0.03 -20.68 24.41
N GLU A 1143 -0.92 -20.50 25.38
CA GLU A 1143 -1.76 -21.56 25.91
C GLU A 1143 -3.15 -21.36 25.30
N PHE A 1144 -3.69 -22.43 24.70
CA PHE A 1144 -4.99 -22.37 24.02
C PHE A 1144 -6.07 -23.08 24.81
N GLY A 1145 -7.31 -22.75 24.51
CA GLY A 1145 -8.45 -23.40 25.12
C GLY A 1145 -8.77 -24.71 24.43
N ASP A 1146 -9.80 -25.39 24.92
CA ASP A 1146 -10.29 -26.63 24.32
C ASP A 1146 -11.31 -26.30 23.23
N TYR A 1147 -11.84 -27.34 22.57
CA TYR A 1147 -12.83 -27.20 21.50
C TYR A 1147 -14.09 -26.42 21.88
N SER A 1148 -14.50 -26.50 23.14
CA SER A 1148 -15.70 -25.77 23.61
C SER A 1148 -15.47 -24.25 23.63
N GLN A 1149 -14.20 -23.87 23.70
CA GLN A 1149 -13.74 -22.49 23.60
C GLN A 1149 -13.18 -22.16 22.19
N PHE A 1150 -13.62 -22.88 21.16
CA PHE A 1150 -13.15 -22.70 19.79
C PHE A 1150 -11.64 -22.61 19.66
N TRP A 1151 -10.93 -23.36 20.49
CA TRP A 1151 -9.47 -23.40 20.50
C TRP A 1151 -8.82 -22.00 20.54
N ARG A 1152 -9.47 -21.04 21.19
CA ARG A 1152 -8.96 -19.66 21.20
C ARG A 1152 -7.79 -19.52 22.17
N PRO A 1153 -6.90 -18.54 21.94
CA PRO A 1153 -5.78 -18.36 22.87
C PRO A 1153 -6.26 -17.80 24.21
N LEU A 1154 -5.78 -18.39 25.30
CA LEU A 1154 -6.10 -17.92 26.64
C LEU A 1154 -4.94 -17.23 27.33
N SER A 1155 -3.73 -17.33 26.78
CA SER A 1155 -2.59 -16.64 27.35
C SER A 1155 -1.49 -16.49 26.32
N GLN A 1156 -0.63 -15.50 26.53
CA GLN A 1156 0.42 -15.18 25.57
C GLN A 1156 1.68 -14.71 26.28
N ARG A 1157 2.85 -15.15 25.78
CA ARG A 1157 4.11 -14.48 26.09
C ARG A 1157 5.15 -14.60 24.98
N SER A 1158 6.04 -13.62 24.92
CA SER A 1158 7.00 -13.54 23.84
C SER A 1158 8.10 -14.55 24.06
N THR A 1159 8.61 -14.64 25.29
CA THR A 1159 9.63 -15.63 25.67
C THR A 1159 9.35 -16.20 27.05
N LEU A 1160 10.11 -17.22 27.42
CA LEU A 1160 10.09 -17.78 28.77
C LEU A 1160 10.77 -16.88 29.83
N LEU A 1161 11.53 -15.87 29.39
CA LEU A 1161 12.13 -14.92 30.31
C LEU A 1161 11.13 -13.94 30.92
N THR A 1162 10.05 -13.63 30.22
CA THR A 1162 8.99 -12.76 30.75
C THR A 1162 7.71 -13.53 31.01
N GLY A 1163 6.83 -12.90 31.77
CA GLY A 1163 5.60 -13.51 32.24
C GLY A 1163 4.49 -13.42 31.24
N LYS A 1164 3.49 -14.27 31.46
CA LYS A 1164 2.39 -14.41 30.54
C LYS A 1164 1.32 -13.37 30.80
N THR A 1165 0.51 -13.13 29.77
CA THR A 1165 -0.65 -12.24 29.80
C THR A 1165 -1.88 -13.12 29.55
N THR A 1166 -2.88 -12.99 30.42
CA THR A 1166 -4.13 -13.76 30.36
C THR A 1166 -5.12 -13.10 29.42
N LEU A 1167 -5.91 -13.90 28.70
CA LEU A 1167 -6.97 -13.37 27.83
C LEU A 1167 -8.33 -13.96 28.23
N LYS A 1168 -9.30 -13.11 28.52
CA LYS A 1168 -10.67 -13.54 28.77
C LYS A 1168 -11.58 -13.09 27.63
N TRP A 1169 -12.38 -14.04 27.11
CA TRP A 1169 -13.23 -13.83 25.94
C TRP A 1169 -14.66 -13.52 26.35
N ASP A 1170 -15.47 -13.00 25.44
CA ASP A 1170 -16.90 -12.80 25.70
C ASP A 1170 -17.64 -14.15 25.64
N LYS A 1171 -18.97 -14.14 25.75
CA LYS A 1171 -19.77 -15.36 25.86
C LYS A 1171 -19.46 -16.39 24.77
N HIS A 1172 -19.48 -15.92 23.52
CA HIS A 1172 -19.38 -16.81 22.35
C HIS A 1172 -17.98 -16.81 21.68
N TYR A 1173 -16.97 -16.40 22.43
CA TYR A 1173 -15.57 -16.41 22.00
C TYR A 1173 -15.34 -15.69 20.67
N CYS A 1174 -15.93 -14.49 20.56
CA CYS A 1174 -15.76 -13.60 19.42
C CYS A 1174 -14.64 -12.64 19.64
N VAL A 1175 -14.65 -11.96 20.75
CA VAL A 1175 -13.69 -10.88 21.04
C VAL A 1175 -13.22 -11.00 22.49
N VAL A 1176 -12.05 -10.44 22.80
CA VAL A 1176 -11.54 -10.51 24.16
C VAL A 1176 -11.97 -9.25 24.91
N ILE A 1177 -12.50 -9.46 26.10
CA ILE A 1177 -13.06 -8.36 26.91
C ILE A 1177 -12.15 -8.00 28.09
N GLU A 1178 -11.06 -8.73 28.29
CA GLU A 1178 -10.16 -8.43 29.41
C GLU A 1178 -8.77 -9.05 29.19
N THR A 1179 -7.74 -8.27 29.48
CA THR A 1179 -6.37 -8.73 29.48
C THR A 1179 -5.81 -8.46 30.85
N GLN A 1180 -4.94 -9.35 31.32
CA GLN A 1180 -4.32 -9.21 32.61
C GLN A 1180 -2.87 -9.65 32.53
N ASP A 1181 -1.95 -8.73 32.79
CA ASP A 1181 -0.53 -9.02 32.66
C ASP A 1181 0.05 -9.67 33.93
N ALA A 1182 1.34 -10.00 33.87
CA ALA A 1182 2.03 -10.68 34.96
C ALA A 1182 2.22 -9.85 36.21
N ALA A 1183 1.98 -8.54 36.15
CA ALA A 1183 1.90 -7.69 37.36
C ALA A 1183 0.47 -7.43 37.84
N GLN A 1184 -0.45 -8.32 37.46
CA GLN A 1184 -1.90 -8.20 37.79
C GLN A 1184 -2.63 -6.97 37.21
N LEU A 1185 -2.05 -6.27 36.22
CA LEU A 1185 -2.67 -5.06 35.68
C LEU A 1185 -3.74 -5.42 34.67
N VAL A 1186 -4.91 -4.79 34.78
CA VAL A 1186 -6.12 -5.24 34.08
C VAL A 1186 -6.60 -4.19 33.10
N THR A 1187 -6.75 -4.57 31.83
CA THR A 1187 -7.47 -3.77 30.85
C THR A 1187 -8.81 -4.43 30.52
N GLN A 1188 -9.88 -3.65 30.37
CA GLN A 1188 -11.19 -4.21 29.99
C GLN A 1188 -11.81 -3.45 28.83
N ALA A 1189 -12.67 -4.12 28.08
CA ALA A 1189 -13.33 -3.49 26.95
C ALA A 1189 -14.76 -4.00 26.78
N ARG A 1190 -15.68 -3.07 26.48
CA ARG A 1190 -17.04 -3.41 26.05
C ARG A 1190 -17.13 -3.14 24.56
N TYR A 1191 -17.95 -3.93 23.86
CA TYR A 1191 -17.93 -3.98 22.41
C TYR A 1191 -19.22 -3.52 21.79
N ASP A 1192 -19.09 -2.82 20.67
CA ASP A 1192 -20.20 -2.48 19.79
C ASP A 1192 -20.34 -3.68 18.86
N TYR A 1193 -21.35 -4.49 19.12
CA TYR A 1193 -21.43 -5.80 18.48
C TYR A 1193 -22.01 -5.73 17.07
N ARG A 1194 -22.39 -4.57 16.59
CA ARG A 1194 -22.67 -4.48 15.16
C ARG A 1194 -21.36 -4.49 14.31
N PHE A 1195 -20.24 -4.09 14.92
CA PHE A 1195 -18.95 -4.13 14.23
C PHE A 1195 -17.92 -5.03 14.90
N LEU A 1196 -18.23 -5.54 16.10
CA LEU A 1196 -17.24 -6.26 16.92
C LEU A 1196 -15.95 -5.49 17.17
N THR A 1197 -16.08 -4.17 17.36
CA THR A 1197 -14.97 -3.32 17.80
C THR A 1197 -15.33 -2.69 19.16
N PRO A 1198 -14.31 -2.43 20.02
CA PRO A 1198 -14.61 -1.83 21.31
C PRO A 1198 -15.18 -0.42 21.19
N TYR A 1199 -16.10 -0.07 22.08
CA TYR A 1199 -16.50 1.32 22.23
C TYR A 1199 -16.08 1.93 23.57
N SER A 1200 -15.75 1.10 24.55
CA SER A 1200 -15.34 1.59 25.87
C SER A 1200 -14.21 0.74 26.42
N LEU A 1201 -13.31 1.37 27.15
CA LEU A 1201 -12.08 0.75 27.58
C LEU A 1201 -11.70 1.23 28.98
N THR A 1202 -11.60 0.29 29.92
CA THR A 1202 -11.09 0.58 31.25
C THR A 1202 -9.62 0.18 31.29
N ASP A 1203 -8.71 1.13 31.54
CA ASP A 1203 -7.27 0.83 31.66
C ASP A 1203 -6.88 0.37 33.07
N ALA A 1204 -5.61 0.04 33.24
CA ALA A 1204 -5.04 -0.51 34.50
C ALA A 1204 -5.21 0.37 35.74
N ASN A 1205 -5.28 1.68 35.55
CA ASN A 1205 -5.61 2.62 36.62
C ASN A 1205 -7.12 2.89 36.76
N ASP A 1206 -7.95 2.05 36.13
CA ASP A 1206 -9.41 2.19 36.14
C ASP A 1206 -9.99 3.46 35.51
N ASN A 1207 -9.18 4.20 34.73
CA ASN A 1207 -9.68 5.35 33.97
C ASN A 1207 -10.45 4.83 32.74
N GLN A 1208 -11.38 5.64 32.26
CA GLN A 1208 -12.33 5.25 31.24
C GLN A 1208 -12.06 5.98 29.93
N HIS A 1209 -12.15 5.24 28.83
CA HIS A 1209 -12.02 5.80 27.49
C HIS A 1209 -13.23 5.35 26.68
N TYR A 1210 -13.73 6.25 25.84
CA TYR A 1210 -15.02 6.06 25.24
C TYR A 1210 -15.04 6.62 23.83
N VAL A 1211 -15.75 5.93 22.93
CA VAL A 1211 -16.04 6.43 21.59
C VAL A 1211 -17.49 6.13 21.25
N VAL A 1212 -18.07 6.99 20.42
CA VAL A 1212 -19.36 6.74 19.76
C VAL A 1212 -19.07 6.43 18.29
N LEU A 1213 -19.50 5.24 17.86
CA LEU A 1213 -19.34 4.79 16.49
C LEU A 1213 -20.63 5.08 15.74
N ASN A 1214 -20.49 5.51 14.49
CA ASN A 1214 -21.67 5.76 13.66
C ASN A 1214 -22.09 4.44 13.03
N PRO A 1215 -23.20 4.45 12.28
CA PRO A 1215 -23.65 3.17 11.71
C PRO A 1215 -22.68 2.49 10.73
N PHE A 1216 -21.66 3.20 10.24
CA PHE A 1216 -20.59 2.58 9.44
C PHE A 1216 -19.31 2.30 10.22
N GLY A 1217 -19.39 2.33 11.55
CA GLY A 1217 -18.25 2.00 12.41
C GLY A 1217 -17.17 3.05 12.55
N GLU A 1218 -17.46 4.29 12.15
CA GLU A 1218 -16.49 5.39 12.24
C GLU A 1218 -16.68 6.17 13.54
N VAL A 1219 -15.58 6.68 14.08
CA VAL A 1219 -15.59 7.45 15.32
C VAL A 1219 -16.09 8.89 15.07
N ILE A 1220 -17.29 9.19 15.55
CA ILE A 1220 -17.88 10.53 15.45
C ILE A 1220 -17.76 11.33 16.76
N ALA A 1221 -17.43 10.66 17.87
CA ALA A 1221 -17.14 11.36 19.12
C ALA A 1221 -16.32 10.47 20.04
N SER A 1222 -15.53 11.10 20.89
CA SER A 1222 -14.67 10.36 21.84
C SER A 1222 -14.33 11.22 23.05
N ARG A 1223 -14.22 10.57 24.21
CA ARG A 1223 -13.81 11.28 25.42
C ARG A 1223 -13.17 10.33 26.40
N PHE A 1224 -12.61 10.89 27.45
CA PHE A 1224 -12.07 10.08 28.52
C PHE A 1224 -12.18 10.78 29.84
N TRP A 1225 -12.14 9.97 30.89
CA TRP A 1225 -12.22 10.46 32.25
C TRP A 1225 -11.71 9.36 33.17
N GLY A 1226 -11.60 9.69 34.44
CA GLY A 1226 -11.12 8.77 35.46
C GLY A 1226 -10.63 9.58 36.64
N THR A 1227 -9.47 9.22 37.14
CA THR A 1227 -8.93 9.82 38.36
C THR A 1227 -7.48 10.25 38.13
N GLU A 1228 -7.10 11.34 38.77
CA GLU A 1228 -5.83 12.02 38.56
C GLU A 1228 -5.58 12.84 39.83
N ALA A 1229 -4.42 12.69 40.44
CA ALA A 1229 -4.03 13.50 41.59
C ALA A 1229 -5.04 13.45 42.75
N GLY A 1230 -5.55 12.26 43.04
CA GLY A 1230 -6.44 12.10 44.19
C GLY A 1230 -7.93 12.24 43.96
N LYS A 1231 -8.34 12.85 42.85
CA LYS A 1231 -9.75 13.20 42.61
C LYS A 1231 -10.19 12.86 41.18
N ASP A 1232 -11.52 12.80 40.97
CA ASP A 1232 -12.12 12.61 39.63
C ASP A 1232 -11.59 13.65 38.67
N ALA A 1233 -11.44 13.26 37.41
CA ALA A 1233 -10.78 14.11 36.43
C ALA A 1233 -11.24 13.80 35.04
N GLY A 1234 -10.92 14.71 34.13
CA GLY A 1234 -11.23 14.57 32.73
C GLY A 1234 -12.59 15.10 32.38
N TYR A 1235 -13.12 14.60 31.26
CA TYR A 1235 -14.39 15.06 30.72
C TYR A 1235 -15.56 14.58 31.55
N SER A 1236 -16.68 15.30 31.45
CA SER A 1236 -17.94 14.81 31.97
C SER A 1236 -18.29 13.50 31.26
N THR A 1237 -18.98 12.61 31.97
CA THR A 1237 -19.29 11.28 31.45
C THR A 1237 -20.36 11.39 30.38
N PRO A 1238 -20.48 10.38 29.51
CA PRO A 1238 -21.57 10.39 28.53
C PRO A 1238 -22.96 10.27 29.18
N GLN A 1239 -23.02 9.68 30.38
CA GLN A 1239 -24.25 9.60 31.17
C GLN A 1239 -24.62 10.97 31.74
N ALA A 1240 -23.61 11.68 32.27
CA ALA A 1240 -23.80 13.04 32.81
C ALA A 1240 -24.15 14.05 31.73
N LYS A 1241 -23.26 14.21 30.75
CA LYS A 1241 -23.43 15.17 29.65
C LYS A 1241 -23.33 14.45 28.31
N PRO A 1242 -24.47 13.95 27.79
CA PRO A 1242 -24.53 13.42 26.44
C PRO A 1242 -24.22 14.49 25.42
N PHE A 1243 -23.46 14.14 24.38
CA PHE A 1243 -23.09 15.09 23.35
C PHE A 1243 -23.77 14.67 22.06
N VAL A 1244 -24.51 15.58 21.46
CA VAL A 1244 -25.08 15.36 20.15
C VAL A 1244 -24.08 15.91 19.12
N VAL A 1245 -23.67 15.06 18.17
CA VAL A 1245 -22.72 15.44 17.10
C VAL A 1245 -23.52 16.27 16.10
N PRO A 1246 -23.05 17.49 15.79
CA PRO A 1246 -23.90 18.31 14.90
C PRO A 1246 -24.10 17.66 13.52
N ALA A 1247 -25.25 17.95 12.92
CA ALA A 1247 -25.67 17.35 11.63
C ALA A 1247 -24.85 17.83 10.42
N THR A 1248 -24.40 19.08 10.45
CA THR A 1248 -23.61 19.67 9.36
C THR A 1248 -22.33 20.33 9.89
N ILE A 1249 -21.40 20.57 8.97
CA ILE A 1249 -20.18 21.32 9.24
C ILE A 1249 -20.45 22.77 9.70
N GLU A 1250 -21.45 23.39 9.09
CA GLU A 1250 -21.89 24.76 9.41
C GLU A 1250 -22.29 24.89 10.89
N ALA A 1251 -23.19 24.00 11.31
CA ALA A 1251 -23.57 23.86 12.70
C ALA A 1251 -22.35 23.61 13.60
N ALA A 1252 -21.49 22.68 13.20
CA ALA A 1252 -20.34 22.29 14.02
C ALA A 1252 -19.35 23.42 14.16
N LEU A 1253 -19.09 24.16 13.08
CA LEU A 1253 -18.23 25.37 13.15
C LEU A 1253 -18.81 26.48 14.07
N ALA A 1254 -20.13 26.47 14.29
CA ALA A 1254 -20.82 27.38 15.18
C ALA A 1254 -21.00 26.90 16.66
N LEU A 1255 -20.28 25.88 17.10
CA LEU A 1255 -20.41 25.42 18.49
C LEU A 1255 -19.74 26.37 19.46
N SER A 1256 -20.34 26.48 20.65
CA SER A 1256 -19.77 27.22 21.76
C SER A 1256 -18.84 26.31 22.55
N PRO A 1257 -17.78 26.87 23.14
CA PRO A 1257 -16.97 26.16 24.13
C PRO A 1257 -17.78 25.54 25.28
N GLY A 1258 -17.20 24.53 25.93
CA GLY A 1258 -17.87 23.78 26.97
C GLY A 1258 -18.40 22.44 26.49
N ILE A 1259 -17.78 21.84 25.47
CA ILE A 1259 -18.28 20.57 24.98
C ILE A 1259 -17.55 19.47 25.72
N PRO A 1260 -18.27 18.40 26.12
CA PRO A 1260 -17.70 17.37 26.95
C PRO A 1260 -16.99 16.24 26.20
N VAL A 1261 -16.45 16.51 25.01
CA VAL A 1261 -15.75 15.50 24.21
C VAL A 1261 -14.35 15.99 23.83
N ALA A 1262 -13.38 15.08 23.88
CA ALA A 1262 -12.03 15.33 23.39
C ALA A 1262 -12.05 15.63 21.89
N HIS A 1263 -12.82 14.84 21.14
CA HIS A 1263 -12.88 14.96 19.70
C HIS A 1263 -14.30 14.76 19.25
N CYS A 1264 -14.68 15.38 18.13
CA CYS A 1264 -15.86 14.94 17.39
C CYS A 1264 -15.67 15.14 15.90
N ALA A 1265 -16.42 14.40 15.10
CA ALA A 1265 -16.15 14.32 13.67
C ALA A 1265 -17.43 14.25 12.81
N ILE A 1266 -17.48 15.13 11.80
CA ILE A 1266 -18.55 15.16 10.84
C ILE A 1266 -17.98 14.67 9.52
N PHE A 1267 -18.59 13.62 8.96
CA PHE A 1267 -18.17 13.06 7.65
C PHE A 1267 -19.11 13.44 6.50
N GLU A 1268 -18.53 13.96 5.42
CA GLU A 1268 -19.27 14.36 4.22
C GLU A 1268 -18.74 13.58 3.02
N PRO A 1269 -19.01 12.26 2.99
CA PRO A 1269 -18.52 11.44 1.87
C PRO A 1269 -19.22 11.67 0.53
N GLU A 1270 -20.45 12.22 0.55
CA GLU A 1270 -21.26 12.39 -0.65
C GLU A 1270 -21.21 13.80 -1.25
N SER A 1271 -20.22 14.61 -0.88
CA SER A 1271 -20.21 16.02 -1.25
C SER A 1271 -19.89 16.30 -2.73
N TRP A 1272 -19.27 15.34 -3.41
CA TRP A 1272 -19.04 15.45 -4.85
C TRP A 1272 -20.34 15.27 -5.68
N MET A 1273 -21.39 14.74 -5.04
CA MET A 1273 -22.74 14.70 -5.61
C MET A 1273 -23.49 15.99 -5.27
N GLN A 1274 -24.14 16.59 -6.29
CA GLN A 1274 -24.90 17.82 -6.10
C GLN A 1274 -26.17 17.56 -5.31
N LYS A 1275 -26.47 18.46 -4.36
CA LYS A 1275 -27.68 18.32 -3.54
C LYS A 1275 -28.85 18.94 -4.30
N LEU A 1276 -29.93 18.18 -4.43
CA LEU A 1276 -31.13 18.63 -5.13
C LEU A 1276 -32.33 18.13 -4.35
N THR A 1277 -33.16 19.04 -3.82
CA THR A 1277 -34.32 18.64 -3.00
C THR A 1277 -35.63 18.66 -3.79
N GLN A 1278 -36.64 17.93 -3.30
CA GLN A 1278 -37.98 17.98 -3.88
C GLN A 1278 -38.50 19.42 -3.94
N HIS A 1279 -38.25 20.19 -2.87
CA HIS A 1279 -38.66 21.60 -2.83
C HIS A 1279 -37.94 22.44 -3.89
N ASP A 1280 -36.64 22.19 -4.12
CA ASP A 1280 -35.91 22.83 -5.23
C ASP A 1280 -36.63 22.60 -6.54
N VAL A 1281 -36.97 21.33 -6.78
CA VAL A 1281 -37.52 20.90 -8.07
C VAL A 1281 -38.96 21.38 -8.24
N SER A 1282 -39.84 20.99 -7.33
CA SER A 1282 -41.28 21.37 -7.36
C SER A 1282 -41.50 22.87 -7.51
N GLU A 1283 -40.70 23.67 -6.81
CA GLU A 1283 -40.76 25.14 -6.88
C GLU A 1283 -40.30 25.68 -8.25
N ARG A 1284 -39.24 25.10 -8.81
CA ARG A 1284 -38.71 25.57 -10.10
C ARG A 1284 -39.55 25.19 -11.32
N MET A 1285 -40.49 24.26 -11.16
CA MET A 1285 -41.48 23.95 -12.21
C MET A 1285 -42.90 24.42 -11.85
N ALA A 1286 -43.23 24.40 -10.55
CA ALA A 1286 -44.62 24.42 -10.07
C ALA A 1286 -45.38 23.25 -10.69
N ASP A 1287 -45.05 22.04 -10.23
CA ASP A 1287 -45.73 20.81 -10.64
C ASP A 1287 -46.18 19.87 -9.50
N ASN A 1288 -45.99 20.28 -8.24
CA ASN A 1288 -46.28 19.46 -7.05
C ASN A 1288 -45.52 18.12 -6.96
N GLY A 1289 -44.30 18.08 -7.51
CA GLY A 1289 -43.43 16.90 -7.47
C GLY A 1289 -43.62 15.86 -8.56
N THR A 1290 -44.25 16.23 -9.66
CA THR A 1290 -44.42 15.34 -10.81
C THR A 1290 -43.07 14.97 -11.42
N LEU A 1291 -42.21 15.98 -11.63
CA LEU A 1291 -40.86 15.73 -12.16
C LEU A 1291 -39.98 15.11 -11.08
N TRP A 1292 -40.02 15.66 -9.86
CA TRP A 1292 -39.22 15.11 -8.75
C TRP A 1292 -39.40 13.60 -8.58
N ASN A 1293 -40.66 13.15 -8.58
CA ASN A 1293 -40.95 11.71 -8.42
C ASN A 1293 -40.62 10.89 -9.68
N ALA A 1294 -40.59 11.53 -10.84
CA ALA A 1294 -40.07 10.88 -12.06
C ALA A 1294 -38.54 10.72 -12.01
N LEU A 1295 -37.84 11.78 -11.61
CA LEU A 1295 -36.38 11.77 -11.47
C LEU A 1295 -35.87 10.83 -10.35
N LEU A 1296 -36.67 10.67 -9.32
CA LEU A 1296 -36.36 9.75 -8.23
C LEU A 1296 -36.52 8.31 -8.68
N GLN A 1297 -37.66 7.99 -9.28
CA GLN A 1297 -37.88 6.69 -9.93
C GLN A 1297 -36.75 6.29 -10.87
N ALA A 1298 -36.35 7.23 -11.73
CA ALA A 1298 -35.31 6.98 -12.73
C ALA A 1298 -33.87 7.01 -12.18
N ARG A 1299 -33.74 7.21 -10.87
CA ARG A 1299 -32.48 7.21 -10.11
CA ARG A 1299 -32.45 7.13 -10.18
C ARG A 1299 -31.48 8.25 -10.64
N PHE A 1300 -32.04 9.38 -11.09
CA PHE A 1300 -31.32 10.62 -11.43
C PHE A 1300 -30.81 11.24 -10.13
N VAL A 1301 -31.65 11.12 -9.10
CA VAL A 1301 -31.40 11.64 -7.77
C VAL A 1301 -31.80 10.58 -6.73
N THR A 1302 -31.09 10.57 -5.60
CA THR A 1302 -31.38 9.63 -4.51
C THR A 1302 -32.51 10.15 -3.65
N GLU A 1303 -33.12 9.27 -2.86
CA GLU A 1303 -34.21 9.69 -1.94
C GLU A 1303 -33.78 10.77 -0.95
N ASP A 1304 -32.50 10.78 -0.58
CA ASP A 1304 -31.93 11.80 0.31
C ASP A 1304 -31.26 12.96 -0.43
N GLY A 1305 -31.62 13.16 -1.70
CA GLY A 1305 -31.32 14.37 -2.43
C GLY A 1305 -29.92 14.53 -3.01
N TYR A 1306 -29.32 13.44 -3.47
CA TYR A 1306 -27.99 13.52 -4.12
C TYR A 1306 -28.12 13.11 -5.58
N VAL A 1307 -27.61 13.95 -6.47
CA VAL A 1307 -27.71 13.72 -7.92
C VAL A 1307 -26.59 12.77 -8.34
N CYS A 1308 -26.99 11.60 -8.83
CA CYS A 1308 -26.09 10.55 -9.29
C CYS A 1308 -25.50 10.85 -10.67
N ALA A 1309 -24.18 10.68 -10.81
CA ALA A 1309 -23.48 11.04 -12.04
C ALA A 1309 -24.04 10.30 -13.27
N LEU A 1310 -24.08 8.98 -13.20
CA LEU A 1310 -24.50 8.14 -14.32
C LEU A 1310 -26.02 8.05 -14.47
N GLY A 1311 -26.76 8.16 -13.37
CA GLY A 1311 -28.22 8.30 -13.42
C GLY A 1311 -28.69 9.54 -14.16
N ARG A 1312 -27.98 10.66 -13.97
CA ARG A 1312 -28.18 11.87 -14.75
C ARG A 1312 -27.98 11.59 -16.25
N ARG A 1313 -26.76 11.22 -16.61
CA ARG A 1313 -26.38 10.95 -18.00
C ARG A 1313 -27.39 10.02 -18.71
N ARG A 1314 -27.83 8.98 -18.04
CA ARG A 1314 -28.81 8.03 -18.60
C ARG A 1314 -30.16 8.69 -18.84
N TRP A 1315 -30.62 9.47 -17.87
CA TRP A 1315 -31.87 10.25 -18.01
C TRP A 1315 -31.76 11.28 -19.13
N MET A 1316 -30.65 12.01 -19.19
CA MET A 1316 -30.44 13.02 -20.23
C MET A 1316 -30.46 12.43 -21.64
N ALA A 1317 -29.91 11.23 -21.80
CA ALA A 1317 -29.91 10.53 -23.08
C ALA A 1317 -31.31 10.11 -23.57
N ARG A 1318 -32.25 9.87 -22.66
CA ARG A 1318 -33.56 9.29 -23.01
C ARG A 1318 -34.72 10.28 -23.02
N HIS A 1319 -34.81 11.11 -21.98
CA HIS A 1319 -35.88 12.08 -21.81
C HIS A 1319 -35.42 13.53 -22.00
N GLY A 1320 -34.11 13.77 -22.22
CA GLY A 1320 -33.58 15.13 -22.21
C GLY A 1320 -33.75 15.82 -20.87
N LEU A 1321 -33.55 17.13 -20.85
CA LEU A 1321 -33.76 17.90 -19.62
C LEU A 1321 -33.97 19.38 -19.92
N SER A 1322 -35.10 19.93 -19.46
CA SER A 1322 -35.48 21.31 -19.74
C SER A 1322 -34.42 22.30 -19.27
N VAL A 1323 -34.33 23.44 -19.96
CA VAL A 1323 -33.32 24.47 -19.66
C VAL A 1323 -33.61 25.22 -18.33
N LEU A 1324 -34.83 25.08 -17.80
CA LEU A 1324 -35.18 25.55 -16.46
C LEU A 1324 -34.44 24.74 -15.37
N MET A 1325 -34.37 23.41 -15.56
CA MET A 1325 -33.64 22.50 -14.67
C MET A 1325 -32.11 22.64 -14.80
N LEU A 1326 -31.60 22.73 -16.03
CA LEU A 1326 -30.16 22.91 -16.28
C LEU A 1326 -29.58 24.12 -15.55
N THR A 1327 -30.32 25.24 -15.57
CA THR A 1327 -29.93 26.47 -14.88
C THR A 1327 -29.79 26.23 -13.38
N LEU A 1328 -30.83 25.68 -12.77
CA LEU A 1328 -30.80 25.34 -11.34
C LEU A 1328 -29.58 24.52 -11.00
N LEU A 1329 -29.40 23.43 -11.75
CA LEU A 1329 -28.30 22.48 -11.55
C LEU A 1329 -26.90 23.11 -11.71
N ALA A 1330 -26.74 24.02 -12.67
CA ALA A 1330 -25.46 24.70 -12.88
C ALA A 1330 -25.05 25.61 -11.73
N GLU A 1331 -26.02 26.09 -10.95
CA GLU A 1331 -25.75 26.95 -9.78
C GLU A 1331 -25.56 26.19 -8.47
N ILE A 1332 -25.88 24.90 -8.45
CA ILE A 1332 -25.64 24.04 -7.27
C ILE A 1332 -24.20 23.53 -7.33
N PRO A 1333 -23.35 23.92 -6.37
CA PRO A 1333 -21.96 23.56 -6.53
C PRO A 1333 -21.70 22.16 -5.98
N ARG A 1334 -20.45 21.76 -6.00
CA ARG A 1334 -19.99 20.55 -5.36
C ARG A 1334 -18.56 20.71 -4.90
N THR A 1335 -18.08 19.76 -4.11
CA THR A 1335 -16.79 19.90 -3.45
C THR A 1335 -16.25 18.51 -3.05
N PRO A 1336 -14.91 18.33 -3.03
CA PRO A 1336 -14.42 16.97 -2.82
C PRO A 1336 -14.85 16.40 -1.47
N PRO A 1337 -14.96 15.07 -1.37
CA PRO A 1337 -15.25 14.41 -0.10
C PRO A 1337 -14.41 14.98 1.02
N HIS A 1338 -15.05 15.24 2.16
CA HIS A 1338 -14.35 15.85 3.27
C HIS A 1338 -14.89 15.47 4.65
N SER A 1339 -14.07 15.76 5.65
CA SER A 1339 -14.43 15.56 7.05
C SER A 1339 -13.91 16.71 7.88
N LEU A 1340 -14.62 17.00 8.97
CA LEU A 1340 -14.23 18.02 9.93
C LEU A 1340 -14.03 17.30 11.23
N THR A 1341 -12.88 17.50 11.86
CA THR A 1341 -12.64 17.03 13.22
C THR A 1341 -12.37 18.19 14.15
N ILE A 1342 -13.19 18.26 15.22
CA ILE A 1342 -13.06 19.24 16.30
C ILE A 1342 -12.34 18.57 17.47
N THR A 1343 -11.29 19.22 17.97
CA THR A 1343 -10.50 18.73 19.09
C THR A 1343 -10.54 19.76 20.21
N THR A 1344 -10.94 19.37 21.42
CA THR A 1344 -10.88 20.29 22.57
C THR A 1344 -9.53 20.19 23.30
N ASP A 1345 -9.00 21.33 23.75
CA ASP A 1345 -7.70 21.38 24.44
C ASP A 1345 -7.77 21.33 25.97
N ARG A 1346 -8.92 21.64 26.56
CA ARG A 1346 -9.16 21.52 28.00
C ARG A 1346 -10.39 20.65 28.25
N TYR A 1347 -10.52 20.18 29.49
CA TYR A 1347 -11.72 19.45 29.89
C TYR A 1347 -12.88 20.43 29.95
N ASP A 1348 -14.11 19.93 29.88
CA ASP A 1348 -15.29 20.82 29.82
C ASP A 1348 -15.56 21.61 31.12
N SER A 1349 -15.04 21.10 32.24
CA SER A 1349 -15.00 21.88 33.49
C SER A 1349 -14.22 23.23 33.38
N ASP A 1350 -13.27 23.33 32.46
CA ASP A 1350 -12.36 24.47 32.35
C ASP A 1350 -12.92 25.47 31.34
N ASP A 1351 -13.15 26.70 31.78
CA ASP A 1351 -13.75 27.72 30.90
C ASP A 1351 -12.80 28.29 29.82
N GLN A 1352 -11.51 27.94 29.90
CA GLN A 1352 -10.55 28.27 28.86
C GLN A 1352 -10.59 27.35 27.63
N GLN A 1353 -11.45 26.33 27.63
CA GLN A 1353 -11.48 25.38 26.51
C GLN A 1353 -11.65 26.09 25.15
N GLN A 1354 -10.80 25.73 24.20
CA GLN A 1354 -10.94 26.13 22.81
C GLN A 1354 -11.37 24.96 21.94
N LEU A 1355 -12.00 25.26 20.83
CA LEU A 1355 -12.36 24.28 19.83
C LEU A 1355 -11.40 24.36 18.65
N ARG A 1356 -10.44 23.46 18.60
CA ARG A 1356 -9.51 23.37 17.47
C ARG A 1356 -10.26 22.68 16.33
N GLN A 1357 -10.01 23.09 15.08
CA GLN A 1357 -10.82 22.65 13.95
C GLN A 1357 -9.92 22.25 12.81
N ARG A 1358 -10.08 21.02 12.33
CA ARG A 1358 -9.22 20.46 11.28
C ARG A 1358 -10.10 19.84 10.19
N ILE A 1359 -9.87 20.23 8.94
CA ILE A 1359 -10.68 19.74 7.80
C ILE A 1359 -9.80 19.04 6.79
N LEU A 1360 -10.19 17.80 6.45
CA LEU A 1360 -9.46 17.00 5.48
C LEU A 1360 -10.30 16.85 4.22
N PHE A 1361 -9.61 16.85 3.07
CA PHE A 1361 -10.23 16.61 1.76
C PHE A 1361 -9.64 15.36 1.14
N SER A 1362 -10.52 14.49 0.66
CA SER A 1362 -10.09 13.29 -0.09
C SER A 1362 -10.55 13.42 -1.51
N ASP A 1363 -9.95 12.59 -2.36
CA ASP A 1363 -10.36 12.47 -3.75
C ASP A 1363 -11.11 11.15 -3.97
N GLY A 1364 -11.49 10.90 -5.22
CA GLY A 1364 -12.20 9.66 -5.59
C GLY A 1364 -11.39 8.37 -5.51
N PHE A 1365 -10.09 8.47 -5.27
CA PHE A 1365 -9.24 7.31 -5.07
C PHE A 1365 -8.84 7.19 -3.60
N GLY A 1366 -9.53 7.91 -2.71
CA GLY A 1366 -9.27 7.85 -1.28
C GLY A 1366 -8.00 8.52 -0.77
N ARG A 1367 -7.39 9.35 -1.58
CA ARG A 1367 -6.11 9.96 -1.24
C ARG A 1367 -6.31 11.30 -0.54
N LEU A 1368 -5.44 11.60 0.41
CA LEU A 1368 -5.49 12.84 1.16
C LEU A 1368 -5.05 13.99 0.28
N LEU A 1369 -5.97 14.91 0.02
CA LEU A 1369 -5.81 15.94 -0.99
C LEU A 1369 -5.20 17.20 -0.38
N GLN A 1370 -5.72 17.60 0.77
CA GLN A 1370 -5.22 18.72 1.55
C GLN A 1370 -5.78 18.64 2.97
N SER A 1371 -5.22 19.46 3.83
CA SER A 1371 -5.56 19.47 5.23
C SER A 1371 -5.59 20.92 5.70
N ALA A 1372 -6.68 21.34 6.32
CA ALA A 1372 -6.86 22.73 6.76
C ALA A 1372 -7.00 22.81 8.27
N GLN A 1373 -6.17 23.64 8.91
CA GLN A 1373 -6.22 23.83 10.34
C GLN A 1373 -6.69 25.26 10.62
N ARG A 1374 -7.72 25.42 11.44
CA ARG A 1374 -8.18 26.76 11.82
C ARG A 1374 -7.12 27.45 12.69
N VAL A 1375 -6.87 28.71 12.37
CA VAL A 1375 -5.88 29.52 13.08
C VAL A 1375 -6.50 30.82 13.56
N GLU A 1376 -5.71 31.56 14.34
CA GLU A 1376 -6.11 32.90 14.81
C GLU A 1376 -6.34 33.85 13.63
N ALA A 1377 -7.18 34.85 13.84
CA ALA A 1377 -7.45 35.89 12.83
C ALA A 1377 -6.18 36.58 12.34
N GLY A 1378 -6.15 36.94 11.06
CA GLY A 1378 -5.00 37.62 10.47
C GLY A 1378 -5.06 37.68 8.97
N GLU A 1379 -3.91 37.94 8.36
CA GLU A 1379 -3.80 38.09 6.91
C GLU A 1379 -3.91 36.74 6.24
N SER A 1380 -4.82 36.62 5.28
CA SER A 1380 -4.94 35.43 4.44
C SER A 1380 -5.25 35.81 3.01
N TRP A 1381 -5.07 34.85 2.12
CA TRP A 1381 -5.53 34.96 0.75
C TRP A 1381 -7.04 34.69 0.72
N GLN A 1382 -7.64 34.87 -0.45
CA GLN A 1382 -9.10 35.01 -0.55
C GLN A 1382 -9.69 33.97 -1.48
N ARG A 1383 -10.72 33.26 -1.03
CA ARG A 1383 -11.44 32.31 -1.87
C ARG A 1383 -12.73 32.96 -2.33
N SER A 1384 -12.98 32.96 -3.64
CA SER A 1384 -14.26 33.42 -4.19
C SER A 1384 -15.34 32.34 -4.08
N GLU A 1385 -16.60 32.71 -4.30
CA GLU A 1385 -17.74 31.76 -4.34
C GLU A 1385 -17.53 30.66 -5.38
N ASP A 1386 -16.93 31.04 -6.52
CA ASP A 1386 -16.60 30.08 -7.59
C ASP A 1386 -15.34 29.23 -7.30
N SER A 1387 -14.83 29.31 -6.07
CA SER A 1387 -13.69 28.50 -5.59
C SER A 1387 -12.34 28.85 -6.20
N SER A 1388 -12.21 30.07 -6.74
CA SER A 1388 -10.94 30.56 -7.25
C SER A 1388 -10.32 31.56 -6.26
N LEU A 1389 -9.03 31.83 -6.45
CA LEU A 1389 -8.29 32.82 -5.66
C LEU A 1389 -8.58 34.21 -6.18
N VAL A 1390 -8.81 35.16 -5.27
CA VAL A 1390 -8.86 36.57 -5.64
C VAL A 1390 -7.42 37.04 -5.72
N VAL A 1391 -7.15 37.81 -6.78
CA VAL A 1391 -5.80 38.24 -7.17
C VAL A 1391 -5.79 39.75 -7.48
N ASN A 1392 -4.66 40.40 -7.20
CA ASN A 1392 -4.47 41.83 -7.51
C ASN A 1392 -4.19 42.02 -9.00
N VAL A 1393 -4.45 43.24 -9.47
CA VAL A 1393 -4.07 43.67 -10.83
C VAL A 1393 -2.57 43.39 -11.08
N SER A 1394 -1.74 43.55 -10.05
CA SER A 1394 -0.31 43.18 -10.09
C SER A 1394 -0.01 41.67 -10.31
N GLY A 1395 -0.97 40.80 -10.02
CA GLY A 1395 -0.86 39.36 -10.28
C GLY A 1395 -0.63 38.48 -9.06
N THR A 1396 -0.19 39.07 -7.94
CA THR A 1396 -0.03 38.33 -6.68
C THR A 1396 -1.36 38.34 -5.91
N PRO A 1397 -1.64 37.24 -5.16
CA PRO A 1397 -2.87 37.08 -4.38
C PRO A 1397 -3.26 38.26 -3.50
N ALA A 1398 -4.54 38.57 -3.48
CA ALA A 1398 -5.10 39.69 -2.74
C ALA A 1398 -5.23 39.33 -1.26
N LEU A 1399 -4.64 40.14 -0.39
CA LEU A 1399 -4.63 39.92 1.06
C LEU A 1399 -5.78 40.62 1.75
N VAL A 1400 -6.36 39.97 2.76
CA VAL A 1400 -7.36 40.61 3.65
C VAL A 1400 -7.13 40.15 5.07
N VAL A 1401 -7.60 40.89 6.05
CA VAL A 1401 -7.69 40.39 7.43
C VAL A 1401 -9.07 39.77 7.64
N THR A 1402 -9.08 38.61 8.27
CA THR A 1402 -10.27 37.79 8.39
C THR A 1402 -10.37 37.12 9.75
N ASP A 1403 -11.62 36.93 10.16
CA ASP A 1403 -12.01 36.23 11.37
C ASP A 1403 -12.05 34.70 11.14
N ASN A 1404 -11.96 34.28 9.88
CA ASN A 1404 -12.20 32.90 9.46
C ASN A 1404 -10.98 32.38 8.68
N ARG A 1405 -9.83 32.35 9.36
CA ARG A 1405 -8.57 32.02 8.69
C ARG A 1405 -8.15 30.58 8.93
N TRP A 1406 -7.61 29.96 7.88
CA TRP A 1406 -7.27 28.55 7.88
C TRP A 1406 -5.91 28.38 7.28
N ALA A 1407 -5.09 27.51 7.87
CA ALA A 1407 -3.79 27.15 7.33
C ALA A 1407 -3.88 25.84 6.56
N VAL A 1408 -3.63 25.91 5.25
CA VAL A 1408 -3.72 24.76 4.35
C VAL A 1408 -2.36 24.11 4.15
N SER A 1409 -2.29 22.80 4.42
CA SER A 1409 -1.04 22.05 4.49
C SER A 1409 -1.16 20.75 3.73
N GLY A 1410 -0.05 20.35 3.13
CA GLY A 1410 0.09 19.05 2.50
C GLY A 1410 -0.70 18.91 1.22
N ARG A 1411 -0.97 20.04 0.56
CA ARG A 1411 -1.79 20.02 -0.64
C ARG A 1411 -0.99 19.36 -1.76
N THR A 1412 -1.60 18.34 -2.36
CA THR A 1412 -0.94 17.47 -3.30
C THR A 1412 -1.83 17.22 -4.52
N GLU A 1413 -1.23 17.41 -5.70
CA GLU A 1413 -1.84 17.00 -6.97
C GLU A 1413 -1.24 15.64 -7.33
N TYR A 1414 -2.12 14.67 -7.57
CA TYR A 1414 -1.72 13.32 -7.92
C TYR A 1414 -1.82 13.09 -9.42
N ASP A 1415 -0.93 12.25 -9.94
CA ASP A 1415 -1.04 11.70 -11.29
C ASP A 1415 -1.93 10.44 -11.27
N GLY A 1416 -1.93 9.69 -12.37
CA GLY A 1416 -2.66 8.42 -12.46
C GLY A 1416 -2.25 7.35 -11.47
N LYS A 1417 -0.94 7.18 -11.26
CA LYS A 1417 -0.42 6.11 -10.38
C LYS A 1417 -0.51 6.44 -8.88
N GLY A 1418 -0.93 7.66 -8.54
CA GLY A 1418 -1.15 8.03 -7.14
C GLY A 1418 0.06 8.67 -6.51
N GLN A 1419 0.99 9.13 -7.37
CA GLN A 1419 2.19 9.80 -6.92
C GLN A 1419 1.98 11.32 -6.95
N GLY A 1420 2.55 11.99 -5.96
CA GLY A 1420 2.42 13.43 -5.83
C GLY A 1420 3.23 14.15 -6.88
N ILE A 1421 2.54 14.68 -7.88
CA ILE A 1421 3.18 15.32 -9.02
C ILE A 1421 3.51 16.79 -8.71
N ARG A 1422 2.66 17.43 -7.92
CA ARG A 1422 2.93 18.75 -7.37
C ARG A 1422 2.59 18.72 -5.89
N VAL A 1423 3.49 19.24 -5.05
CA VAL A 1423 3.22 19.37 -3.62
C VAL A 1423 3.42 20.83 -3.22
N TYR A 1424 2.33 21.46 -2.77
CA TYR A 1424 2.28 22.91 -2.56
C TYR A 1424 2.80 23.32 -1.19
N GLN A 1425 3.34 24.54 -1.12
CA GLN A 1425 3.72 25.16 0.16
C GLN A 1425 2.46 25.45 0.97
N PRO A 1426 2.59 25.56 2.31
CA PRO A 1426 1.43 25.95 3.10
C PRO A 1426 0.92 27.35 2.80
N TYR A 1427 -0.37 27.59 3.00
CA TYR A 1427 -0.96 28.89 2.70
C TYR A 1427 -2.15 29.20 3.61
N PHE A 1428 -2.37 30.49 3.87
CA PHE A 1428 -3.55 30.96 4.62
C PHE A 1428 -4.68 31.25 3.66
N LEU A 1429 -5.90 30.99 4.10
CA LEU A 1429 -7.06 31.19 3.26
C LEU A 1429 -8.26 31.51 4.11
N ASP A 1430 -9.08 32.45 3.66
CA ASP A 1430 -10.24 32.92 4.44
C ASP A 1430 -11.46 31.96 4.39
N ASP A 1431 -11.22 30.65 4.28
CA ASP A 1431 -12.28 29.68 4.12
C ASP A 1431 -11.73 28.27 4.27
N TRP A 1432 -12.51 27.39 4.88
CA TRP A 1432 -12.21 25.94 4.90
C TRP A 1432 -12.39 25.24 3.56
N ARG A 1433 -13.15 25.84 2.64
CA ARG A 1433 -13.48 25.22 1.36
C ARG A 1433 -12.26 24.99 0.45
N TYR A 1434 -12.48 24.19 -0.60
CA TYR A 1434 -11.42 23.73 -1.48
C TYR A 1434 -11.13 24.82 -2.50
N LEU A 1435 -9.87 25.23 -2.60
CA LEU A 1435 -9.43 26.14 -3.66
C LEU A 1435 -9.25 25.28 -4.90
N SER A 1436 -9.83 25.67 -6.03
CA SER A 1436 -9.74 24.89 -7.27
C SER A 1436 -8.29 24.58 -7.69
N ASP A 1437 -8.05 23.35 -8.18
CA ASP A 1437 -6.74 22.94 -8.73
C ASP A 1437 -6.33 23.88 -9.86
N ASP A 1438 -7.32 24.45 -10.54
CA ASP A 1438 -7.13 25.53 -11.54
C ASP A 1438 -6.41 26.77 -10.96
N SER A 1439 -6.91 27.34 -9.87
CA SER A 1439 -6.24 28.50 -9.20
C SER A 1439 -4.90 28.13 -8.55
N ALA A 1440 -4.83 26.92 -7.99
CA ALA A 1440 -3.60 26.43 -7.33
C ALA A 1440 -2.39 26.45 -8.27
N ARG A 1441 -2.55 25.87 -9.46
CA ARG A 1441 -1.46 25.78 -10.43
C ARG A 1441 -0.89 27.14 -10.85
N THR A 1442 -1.76 28.14 -10.99
CA THR A 1442 -1.36 29.50 -11.37
C THR A 1442 -0.66 30.29 -10.27
N ASP A 1443 -1.17 30.22 -9.05
CA ASP A 1443 -0.88 31.23 -8.01
C ASP A 1443 -0.05 30.79 -6.79
N LEU A 1444 -0.01 29.48 -6.50
CA LEU A 1444 0.64 28.97 -5.29
C LEU A 1444 1.96 28.32 -5.61
N PHE A 1445 2.88 28.38 -4.67
CA PHE A 1445 4.19 27.77 -4.86
C PHE A 1445 4.10 26.27 -4.63
N ALA A 1446 4.82 25.54 -5.46
CA ALA A 1446 4.82 24.08 -5.43
C ALA A 1446 6.10 23.53 -5.98
N ASP A 1447 6.55 22.42 -5.40
CA ASP A 1447 7.61 21.60 -5.97
C ASP A 1447 6.95 20.59 -6.90
N THR A 1448 7.55 20.40 -8.08
CA THR A 1448 7.07 19.47 -9.10
C THR A 1448 7.98 18.25 -9.07
N HIS A 1449 7.37 17.08 -8.96
CA HIS A 1449 8.07 15.82 -8.89
C HIS A 1449 7.75 15.02 -10.14
N ILE A 1450 8.78 14.61 -10.86
CA ILE A 1450 8.64 13.88 -12.12
C ILE A 1450 9.06 12.44 -11.88
N TYR A 1451 8.17 11.50 -12.19
CA TYR A 1451 8.43 10.08 -11.97
C TYR A 1451 8.61 9.35 -13.30
N ASP A 1452 9.48 8.34 -13.29
CA ASP A 1452 9.81 7.53 -14.46
C ASP A 1452 8.87 6.32 -14.53
N PRO A 1453 8.92 5.53 -15.62
CA PRO A 1453 8.02 4.38 -15.75
C PRO A 1453 8.03 3.33 -14.63
N LEU A 1454 9.09 3.24 -13.83
CA LEU A 1454 9.07 2.38 -12.63
C LEU A 1454 8.54 3.10 -11.37
N GLY A 1455 8.00 4.30 -11.52
CA GLY A 1455 7.49 5.09 -10.39
C GLY A 1455 8.56 5.59 -9.44
N ARG A 1456 9.77 5.81 -9.93
CA ARG A 1456 10.85 6.40 -9.15
C ARG A 1456 10.99 7.87 -9.51
N GLU A 1457 11.09 8.71 -8.49
CA GLU A 1457 11.40 10.12 -8.70
C GLU A 1457 12.80 10.23 -9.29
N TYR A 1458 12.89 10.82 -10.49
CA TYR A 1458 14.16 11.14 -11.12
C TYR A 1458 14.45 12.64 -11.26
N GLN A 1459 13.44 13.48 -11.06
CA GLN A 1459 13.64 14.91 -11.18
C GLN A 1459 12.67 15.66 -10.28
N VAL A 1460 13.14 16.77 -9.71
CA VAL A 1460 12.31 17.69 -8.94
C VAL A 1460 12.61 19.10 -9.40
N ILE A 1461 11.57 19.86 -9.71
CA ILE A 1461 11.70 21.29 -10.00
C ILE A 1461 11.18 22.02 -8.78
N THR A 1462 12.07 22.69 -8.06
CA THR A 1462 11.68 23.40 -6.83
C THR A 1462 10.87 24.64 -7.18
N ALA A 1463 10.05 25.10 -6.25
CA ALA A 1463 9.21 26.29 -6.44
C ALA A 1463 10.01 27.52 -6.88
N LYS A 1464 11.24 27.65 -6.38
CA LYS A 1464 12.12 28.78 -6.73
C LYS A 1464 12.61 28.70 -8.18
N GLY A 1465 12.64 27.49 -8.75
CA GLY A 1465 13.06 27.27 -10.12
C GLY A 1465 14.18 26.27 -10.31
N TYR A 1466 14.82 25.80 -9.23
CA TYR A 1466 15.99 24.90 -9.31
C TYR A 1466 15.61 23.44 -9.59
N ARG A 1467 16.61 22.59 -9.76
CA ARG A 1467 16.38 21.17 -10.07
C ARG A 1467 17.21 20.23 -9.21
N ARG A 1468 16.59 19.15 -8.77
CA ARG A 1468 17.31 17.96 -8.31
C ARG A 1468 17.00 16.88 -9.34
N GLU A 1469 18.04 16.27 -9.89
CA GLU A 1469 17.92 15.20 -10.87
C GLU A 1469 18.58 13.97 -10.28
N ARG A 1470 18.18 12.81 -10.76
CA ARG A 1470 18.76 11.56 -10.31
C ARG A 1470 18.76 10.58 -11.47
N GLN A 1471 19.85 9.83 -11.63
CA GLN A 1471 19.99 8.91 -12.75
C GLN A 1471 20.21 7.50 -12.24
N TYR A 1472 19.39 6.58 -12.72
CA TYR A 1472 19.43 5.19 -12.30
C TYR A 1472 20.18 4.36 -13.33
N THR A 1473 21.19 3.62 -12.87
CA THR A 1473 21.87 2.62 -13.68
C THR A 1473 21.93 1.32 -12.87
N PRO A 1474 22.23 0.19 -13.53
CA PRO A 1474 22.15 -1.07 -12.79
C PRO A 1474 23.15 -1.17 -11.65
N TRP A 1475 24.33 -0.58 -11.84
CA TRP A 1475 25.45 -0.69 -10.89
C TRP A 1475 25.72 0.57 -10.07
N PHE A 1476 25.08 1.68 -10.45
CA PHE A 1476 25.18 2.92 -9.68
C PHE A 1476 24.02 3.86 -9.91
N VAL A 1477 23.76 4.70 -8.90
CA VAL A 1477 22.80 5.79 -8.98
C VAL A 1477 23.58 7.09 -8.81
N VAL A 1478 23.19 8.11 -9.57
CA VAL A 1478 23.84 9.43 -9.57
C VAL A 1478 22.80 10.48 -9.14
N ASN A 1479 23.07 11.15 -8.01
CA ASN A 1479 22.20 12.22 -7.49
C ASN A 1479 22.85 13.57 -7.67
N GLN A 1480 22.08 14.53 -8.18
CA GLN A 1480 22.52 15.89 -8.40
C GLN A 1480 21.59 16.83 -7.68
N ASP A 1481 22.14 17.67 -6.80
CA ASP A 1481 21.32 18.64 -6.04
C ASP A 1481 21.16 19.97 -6.79
N GLU A 1482 20.63 20.98 -6.12
CA GLU A 1482 20.29 22.23 -6.78
C GLU A 1482 21.49 23.05 -7.24
N ASN A 1483 22.62 22.91 -6.54
CA ASN A 1483 23.88 23.55 -6.94
C ASN A 1483 24.50 22.83 -8.15
N ASP A 1484 24.51 21.50 -8.11
CA ASP A 1484 25.07 20.66 -9.19
C ASP A 1484 24.43 20.95 -10.54
N THR A 1485 23.11 20.79 -10.59
CA THR A 1485 22.34 20.96 -11.83
C THR A 1485 22.34 22.39 -12.37
N ALA A 1486 22.35 23.37 -11.44
CA ALA A 1486 22.39 24.83 -11.77
C ALA A 1486 23.58 25.18 -12.67
N ALA A 1487 24.71 24.52 -12.43
CA ALA A 1487 25.84 24.49 -13.37
C ALA A 1487 25.61 23.48 -14.52
N ASN A 1488 24.80 23.88 -15.51
CA ASN A 1488 24.51 23.08 -16.72
C ASN A 1488 24.29 23.97 -17.94
N SER B 4 29.98 25.90 -12.30
CA SER B 4 31.45 25.72 -12.56
C SER B 4 32.14 25.00 -11.40
N LEU B 5 32.00 25.53 -10.18
CA LEU B 5 32.55 24.87 -8.98
C LEU B 5 31.79 23.57 -8.65
N PHE B 6 30.47 23.60 -8.82
CA PHE B 6 29.61 22.47 -8.47
C PHE B 6 29.21 21.61 -9.68
N SER B 7 29.71 21.94 -10.88
CA SER B 7 29.35 21.21 -12.12
C SER B 7 30.00 19.82 -12.17
N ARG B 8 29.18 18.81 -12.49
CA ARG B 8 29.63 17.43 -12.51
C ARG B 8 30.33 17.06 -11.19
N THR B 9 29.65 17.33 -10.07
CA THR B 9 30.06 16.83 -8.72
C THR B 9 28.86 16.19 -7.99
N PRO B 10 28.33 15.08 -8.55
CA PRO B 10 27.18 14.41 -7.94
C PRO B 10 27.56 13.60 -6.70
N LYS B 11 26.54 13.20 -5.93
CA LYS B 11 26.64 12.10 -4.96
C LYS B 11 26.29 10.83 -5.75
N VAL B 12 27.10 9.79 -5.57
CA VAL B 12 26.96 8.58 -6.35
C VAL B 12 26.96 7.38 -5.44
N THR B 13 26.10 6.41 -5.74
CA THR B 13 25.96 5.20 -4.95
C THR B 13 26.27 4.04 -5.86
N VAL B 14 27.31 3.28 -5.54
CA VAL B 14 27.74 2.13 -6.35
C VAL B 14 27.34 0.81 -5.69
N PHE B 15 26.57 0.00 -6.42
CA PHE B 15 26.06 -1.26 -5.87
C PHE B 15 26.99 -2.45 -6.18
N ASP B 16 26.96 -3.45 -5.29
CA ASP B 16 27.43 -4.79 -5.62
C ASP B 16 26.36 -5.48 -6.50
N ASN B 17 26.51 -6.78 -6.75
CA ASN B 17 25.54 -7.52 -7.57
C ASN B 17 24.29 -7.96 -6.80
N ARG B 18 24.13 -7.51 -5.55
CA ARG B 18 22.95 -7.77 -4.72
C ARG B 18 22.23 -6.49 -4.31
N GLY B 19 22.55 -5.37 -4.97
CA GLY B 19 21.94 -4.08 -4.63
C GLY B 19 22.32 -3.49 -3.27
N LEU B 20 23.46 -3.90 -2.72
CA LEU B 20 24.01 -3.31 -1.49
C LEU B 20 25.05 -2.26 -1.88
N THR B 21 25.24 -1.26 -1.03
CA THR B 21 26.10 -0.12 -1.38
C THR B 21 27.58 -0.42 -1.17
N ALA B 22 28.27 -0.76 -2.26
CA ALA B 22 29.71 -1.07 -2.21
C ALA B 22 30.59 0.17 -2.05
N ARG B 23 30.22 1.27 -2.72
CA ARG B 23 30.97 2.52 -2.64
C ARG B 23 30.03 3.70 -2.61
N ASP B 24 30.35 4.67 -1.75
CA ASP B 24 29.78 6.01 -1.82
C ASP B 24 30.86 6.90 -2.41
N ILE B 25 30.53 7.55 -3.53
CA ILE B 25 31.49 8.40 -4.24
C ILE B 25 31.03 9.84 -4.17
N ALA B 26 32.00 10.72 -3.92
CA ALA B 26 31.82 12.17 -3.82
C ALA B 26 32.92 12.85 -4.63
N TYR B 27 32.71 14.11 -4.98
CA TYR B 27 33.62 14.81 -5.87
C TYR B 27 33.97 16.15 -5.25
N HIS B 28 35.22 16.26 -4.78
CA HIS B 28 35.71 17.43 -4.05
C HIS B 28 36.33 18.43 -5.00
N ARG B 29 35.98 19.70 -4.82
CA ARG B 29 36.57 20.79 -5.57
C ARG B 29 36.61 22.05 -4.70
N HIS B 30 37.79 22.69 -4.62
CA HIS B 30 38.00 23.94 -3.87
C HIS B 30 37.80 25.09 -4.87
N PRO B 31 37.14 26.20 -4.47
CA PRO B 31 37.04 27.35 -5.39
C PRO B 31 38.39 27.99 -5.76
N ASP B 32 39.37 27.92 -4.86
CA ASP B 32 40.77 28.29 -5.14
C ASP B 32 41.35 27.64 -6.39
N ALA B 33 41.09 26.33 -6.56
CA ALA B 33 41.59 25.56 -7.70
C ALA B 33 40.43 24.87 -8.43
N PRO B 34 39.66 25.64 -9.24
CA PRO B 34 38.48 25.07 -9.92
C PRO B 34 38.81 24.14 -11.08
N GLU B 35 40.07 24.11 -11.54
CA GLU B 35 40.53 23.12 -12.51
C GLU B 35 40.55 21.69 -11.94
N VAL B 36 40.90 21.54 -10.64
CA VAL B 36 41.10 20.20 -10.01
C VAL B 36 39.86 19.64 -9.24
N THR B 37 39.54 18.37 -9.52
CA THR B 37 38.41 17.65 -8.95
C THR B 37 38.92 16.36 -8.32
N ASN B 38 38.84 16.24 -6.99
CA ASN B 38 39.30 15.03 -6.27
C ASN B 38 38.15 14.03 -6.01
N GLU B 39 38.19 12.88 -6.66
CA GLU B 39 37.20 11.82 -6.46
C GLU B 39 37.47 11.14 -5.12
N ARG B 40 36.42 10.98 -4.31
CA ARG B 40 36.55 10.42 -2.96
C ARG B 40 35.63 9.19 -2.81
N ILE B 41 36.25 8.02 -2.63
CA ILE B 41 35.54 6.75 -2.56
C ILE B 41 35.50 6.23 -1.11
N THR B 42 34.29 5.99 -0.62
CA THR B 42 34.08 5.40 0.70
C THR B 42 33.62 3.94 0.49
N PRO B 43 34.54 2.96 0.63
CA PRO B 43 34.12 1.58 0.40
C PRO B 43 33.42 0.94 1.60
N HIS B 44 32.48 0.05 1.29
CA HIS B 44 31.77 -0.77 2.28
C HIS B 44 31.78 -2.23 1.80
N GLN B 45 32.08 -3.15 2.72
CA GLN B 45 32.09 -4.60 2.46
C GLN B 45 30.93 -5.32 3.10
N TYR B 46 30.44 -6.36 2.42
CA TYR B 46 29.37 -7.19 2.95
C TYR B 46 29.78 -8.66 2.87
N ASP B 47 29.28 -9.46 3.81
CA ASP B 47 29.54 -10.90 3.81
C ASP B 47 28.48 -11.64 2.99
N ALA B 48 28.55 -12.97 3.01
CA ALA B 48 27.63 -13.85 2.27
C ALA B 48 26.15 -13.57 2.51
N ARG B 49 25.77 -13.32 3.77
CA ARG B 49 24.35 -13.07 4.11
C ARG B 49 23.84 -11.72 3.57
N GLY B 50 24.76 -10.79 3.35
CA GLY B 50 24.41 -9.43 2.95
C GLY B 50 24.42 -8.44 4.10
N PHE B 51 25.13 -8.77 5.18
CA PHE B 51 25.32 -7.85 6.31
C PHE B 51 26.64 -7.11 6.11
N LEU B 52 26.64 -5.81 6.40
CA LEU B 52 27.84 -4.96 6.38
C LEU B 52 28.90 -5.49 7.36
N THR B 53 30.14 -5.62 6.88
CA THR B 53 31.29 -6.06 7.69
C THR B 53 32.37 -4.99 7.90
N GLN B 54 32.51 -4.09 6.93
CA GLN B 54 33.56 -3.08 6.95
C GLN B 54 33.15 -1.80 6.28
N SER B 55 33.68 -0.69 6.76
CA SER B 55 33.54 0.62 6.14
C SER B 55 34.86 1.34 6.30
N ALA B 56 35.18 2.23 5.38
CA ALA B 56 36.38 3.05 5.51
C ALA B 56 36.22 4.38 4.77
N ASP B 57 36.74 5.46 5.35
CA ASP B 57 36.75 6.79 4.71
C ASP B 57 37.78 6.80 3.58
N PRO B 58 37.75 7.80 2.70
CA PRO B 58 38.72 7.79 1.59
C PRO B 58 40.20 7.85 2.03
N ARG B 59 40.49 8.59 3.11
CA ARG B 59 41.86 8.79 3.58
C ARG B 59 42.50 7.53 4.13
N LEU B 60 41.74 6.77 4.92
CA LEU B 60 42.21 5.52 5.50
C LEU B 60 42.19 4.33 4.52
N HIS B 61 41.25 4.33 3.56
CA HIS B 61 41.30 3.35 2.46
C HIS B 61 42.57 3.55 1.66
N ASP B 62 42.84 4.81 1.27
CA ASP B 62 44.11 5.18 0.61
C ASP B 62 45.34 4.59 1.34
N ALA B 63 45.33 4.62 2.67
CA ALA B 63 46.43 4.06 3.48
C ALA B 63 46.25 2.58 3.86
N GLY B 64 45.35 1.86 3.18
CA GLY B 64 45.08 0.44 3.45
C GLY B 64 44.47 0.11 4.81
N ARG B 65 43.98 1.10 5.55
CA ARG B 65 43.38 0.88 6.87
C ARG B 65 41.84 0.97 6.81
N VAL B 66 41.20 0.71 7.95
CA VAL B 66 39.75 0.61 8.05
C VAL B 66 39.21 1.45 9.21
N ASN B 67 38.03 2.06 9.03
CA ASN B 67 37.34 2.82 10.10
C ASN B 67 36.53 1.94 11.08
N PHE B 68 35.77 1.00 10.53
CA PHE B 68 34.93 0.09 11.35
C PHE B 68 34.95 -1.35 10.82
N SER B 69 34.94 -2.31 11.75
CA SER B 69 34.67 -3.72 11.42
C SER B 69 33.50 -4.18 12.27
N TYR B 70 32.57 -4.93 11.66
CA TYR B 70 31.37 -5.40 12.36
C TYR B 70 31.29 -6.91 12.31
N LEU B 71 30.99 -7.54 13.44
CA LEU B 71 30.70 -8.98 13.51
C LEU B 71 29.28 -9.16 14.02
N THR B 72 28.50 -9.95 13.29
CA THR B 72 27.07 -10.07 13.50
C THR B 72 26.63 -11.49 13.85
N ASP B 73 25.54 -11.59 14.61
CA ASP B 73 24.85 -12.86 14.76
C ASP B 73 24.14 -13.16 13.43
N LEU B 74 23.48 -14.30 13.37
CA LEU B 74 22.94 -14.81 12.10
C LEU B 74 21.70 -14.05 11.64
N ALA B 75 21.07 -13.32 12.56
CA ALA B 75 19.95 -12.42 12.23
C ALA B 75 20.39 -11.00 11.81
N GLY B 76 21.67 -10.65 11.96
CA GLY B 76 22.16 -9.30 11.64
C GLY B 76 22.51 -8.43 12.85
N GLY B 77 22.09 -8.84 14.05
CA GLY B 77 22.47 -8.15 15.29
C GLY B 77 23.98 -8.06 15.44
N VAL B 78 24.48 -6.86 15.71
CA VAL B 78 25.92 -6.61 15.79
C VAL B 78 26.43 -6.98 17.17
N LEU B 79 27.17 -8.07 17.23
CA LEU B 79 27.81 -8.54 18.45
C LEU B 79 29.13 -7.84 18.76
N ARG B 80 29.81 -7.26 17.75
CA ARG B 80 31.07 -6.57 17.99
C ARG B 80 31.42 -5.51 16.96
N THR B 81 31.88 -4.35 17.46
CA THR B 81 32.33 -3.23 16.62
C THR B 81 33.78 -2.88 17.01
N GLN B 82 34.69 -2.91 16.04
CA GLN B 82 36.07 -2.45 16.19
C GLN B 82 36.20 -1.16 15.41
N GLY B 83 36.18 -0.03 16.11
CA GLY B 83 36.25 1.27 15.47
C GLY B 83 37.59 1.95 15.66
N ALA B 84 38.07 2.61 14.62
CA ALA B 84 39.29 3.42 14.68
C ALA B 84 39.16 4.56 15.69
N ASP B 85 38.00 5.24 15.65
CA ASP B 85 37.77 6.39 16.53
C ASP B 85 37.33 5.99 17.96
N ASN B 86 36.49 4.97 18.10
CA ASN B 86 35.85 4.67 19.40
C ASN B 86 36.15 3.29 20.01
N GLY B 87 37.19 2.63 19.50
CA GLY B 87 37.63 1.38 20.07
C GLY B 87 36.75 0.20 19.77
N THR B 88 36.91 -0.84 20.57
CA THR B 88 36.24 -2.10 20.37
C THR B 88 35.20 -2.30 21.47
N SER B 89 34.05 -2.87 21.11
CA SER B 89 33.01 -3.16 22.08
C SER B 89 32.22 -4.39 21.69
N VAL B 90 31.76 -5.12 22.69
CA VAL B 90 31.00 -6.35 22.50
C VAL B 90 29.64 -6.21 23.18
N SER B 91 28.60 -6.67 22.49
CA SER B 91 27.22 -6.47 22.88
C SER B 91 26.43 -7.78 22.72
N LEU B 92 25.51 -8.04 23.64
CA LEU B 92 24.60 -9.19 23.52
C LEU B 92 23.27 -8.86 24.17
N ASN B 93 22.20 -8.93 23.39
CA ASN B 93 20.85 -8.83 23.93
C ASN B 93 20.31 -10.23 24.23
N ASP B 94 19.44 -10.33 25.22
CA ASP B 94 18.79 -11.60 25.49
C ASP B 94 17.73 -11.94 24.43
N VAL B 95 17.20 -13.15 24.48
CA VAL B 95 16.17 -13.59 23.54
C VAL B 95 14.89 -12.73 23.52
N ALA B 96 14.61 -12.02 24.61
CA ALA B 96 13.53 -11.03 24.62
C ALA B 96 13.88 -9.68 23.97
N GLY B 97 15.06 -9.55 23.37
CA GLY B 97 15.49 -8.30 22.73
C GLY B 97 16.03 -7.19 23.63
N ARG B 98 16.19 -7.48 24.93
CA ARG B 98 16.57 -6.47 25.91
C ARG B 98 18.11 -6.43 26.03
N PRO B 99 18.69 -5.29 26.45
CA PRO B 99 20.11 -5.27 26.80
C PRO B 99 20.44 -6.29 27.87
N PHE B 100 21.49 -7.08 27.65
CA PHE B 100 21.97 -8.06 28.64
C PHE B 100 23.39 -7.79 29.10
N ILE B 101 24.29 -7.55 28.16
CA ILE B 101 25.68 -7.24 28.48
C ILE B 101 26.32 -6.39 27.39
N VAL B 102 27.15 -5.44 27.82
CA VAL B 102 27.99 -4.67 26.92
C VAL B 102 29.35 -4.53 27.57
N VAL B 103 30.38 -4.93 26.83
CA VAL B 103 31.76 -4.80 27.27
C VAL B 103 32.47 -3.84 26.32
N SER B 104 33.01 -2.74 26.86
CA SER B 104 33.63 -1.67 26.06
C SER B 104 34.92 -1.17 26.77
N HIS B 105 35.51 -0.07 26.28
CA HIS B 105 36.85 0.38 26.72
C HIS B 105 37.87 -0.72 26.47
N ILE B 106 37.84 -1.28 25.25
CA ILE B 106 38.79 -2.30 24.81
C ILE B 106 39.51 -1.70 23.61
N SER B 107 40.83 -1.91 23.53
CA SER B 107 41.64 -1.49 22.40
C SER B 107 42.20 -2.70 21.65
N ALA B 108 42.35 -2.57 20.33
CA ALA B 108 43.01 -3.58 19.50
C ALA B 108 44.48 -3.19 19.22
N THR B 109 45.33 -4.19 18.94
CA THR B 109 46.79 -4.01 18.83
C THR B 109 47.24 -3.33 17.51
N THR B 113 46.43 -8.79 20.51
CA THR B 113 45.09 -8.99 19.95
C THR B 113 44.13 -7.93 20.50
N GLU B 114 43.82 -7.99 21.79
CA GLU B 114 42.85 -7.07 22.40
C GLU B 114 43.21 -6.70 23.85
N ASP B 115 43.52 -5.42 24.07
CA ASP B 115 43.83 -4.88 25.40
C ASP B 115 42.52 -4.77 26.21
N ARG B 116 42.29 -5.76 27.06
CA ARG B 116 41.07 -5.90 27.86
C ARG B 116 41.20 -5.33 29.29
N SER B 117 42.36 -4.76 29.63
CA SER B 117 42.71 -4.47 31.03
C SER B 117 41.92 -3.35 31.68
N LEU B 118 41.51 -2.36 30.88
CA LEU B 118 40.71 -1.21 31.36
C LEU B 118 39.23 -1.34 30.98
N ALA B 119 38.75 -2.57 30.80
CA ALA B 119 37.46 -2.80 30.15
C ALA B 119 36.33 -2.59 31.14
N VAL B 120 35.26 -1.93 30.66
CA VAL B 120 34.05 -1.75 31.44
C VAL B 120 33.01 -2.76 30.97
N THR B 121 32.43 -3.50 31.92
CA THR B 121 31.38 -4.46 31.64
C THR B 121 30.09 -3.99 32.31
N ARG B 122 29.08 -3.72 31.48
CA ARG B 122 27.78 -3.23 31.91
C ARG B 122 26.75 -4.35 31.72
N THR B 123 25.97 -4.64 32.78
CA THR B 123 24.99 -5.73 32.77
C THR B 123 23.67 -5.29 33.37
N TRP B 124 22.62 -6.04 33.05
CA TRP B 124 21.24 -5.72 33.41
C TRP B 124 20.60 -6.89 34.13
N GLN B 125 19.75 -6.58 35.08
CA GLN B 125 18.99 -7.56 35.83
C GLN B 125 17.50 -7.20 35.71
N TYR B 126 16.69 -8.14 35.25
CA TYR B 126 15.26 -7.91 35.04
C TYR B 126 14.49 -8.64 36.12
N GLU B 127 13.18 -8.41 36.15
CA GLU B 127 12.29 -9.19 37.00
C GLU B 127 12.32 -10.66 36.59
N ASP B 128 11.92 -11.55 37.48
CA ASP B 128 11.85 -12.98 37.18
C ASP B 128 10.72 -13.28 36.20
N ALA B 129 10.74 -14.50 35.68
CA ALA B 129 9.84 -14.95 34.61
C ALA B 129 8.35 -14.90 34.92
N ALA B 130 7.98 -14.87 36.21
CA ALA B 130 6.58 -14.75 36.61
C ALA B 130 6.05 -13.31 36.66
N LEU B 131 6.93 -12.33 36.43
CA LEU B 131 6.56 -10.91 36.32
C LEU B 131 6.74 -10.44 34.87
N PRO B 132 6.34 -9.19 34.54
CA PRO B 132 6.40 -8.75 33.12
C PRO B 132 7.79 -8.63 32.48
N GLY B 133 8.82 -8.45 33.30
CA GLY B 133 10.21 -8.40 32.81
C GLY B 133 10.75 -6.99 32.70
N ARG B 134 10.26 -6.10 33.56
CA ARG B 134 10.75 -4.72 33.63
C ARG B 134 12.15 -4.72 34.29
N PRO B 135 13.00 -3.73 33.93
CA PRO B 135 14.37 -3.71 34.48
C PRO B 135 14.41 -3.45 35.97
N LEU B 136 15.27 -4.15 36.70
CA LEU B 136 15.42 -3.95 38.16
C LEU B 136 16.71 -3.21 38.54
N ASN B 137 17.83 -3.59 37.94
CA ASN B 137 19.06 -2.81 38.11
C ASN B 137 20.04 -2.92 36.94
N VAL B 138 20.93 -1.93 36.89
CA VAL B 138 22.04 -1.90 35.96
C VAL B 138 23.29 -1.98 36.81
N THR B 139 24.27 -2.74 36.33
CA THR B 139 25.50 -2.96 37.06
C THR B 139 26.66 -2.61 36.16
N GLU B 140 27.73 -2.08 36.74
CA GLU B 140 28.93 -1.71 36.03
C GLU B 140 30.15 -2.19 36.79
N GLN B 141 31.00 -2.95 36.09
CA GLN B 141 32.21 -3.54 36.64
C GLN B 141 33.38 -3.06 35.77
N ILE B 142 34.34 -2.41 36.41
CA ILE B 142 35.47 -1.80 35.71
C ILE B 142 36.74 -2.57 36.07
N SER B 143 37.45 -3.09 35.06
CA SER B 143 38.75 -3.77 35.24
C SER B 143 38.74 -4.94 36.28
N THR B 144 39.44 -4.74 37.40
CA THR B 144 39.53 -5.71 38.50
C THR B 144 38.72 -5.30 39.74
N GLU B 145 38.08 -4.13 39.69
CA GLU B 145 37.29 -3.60 40.82
C GLU B 145 35.99 -4.39 41.00
N VAL B 146 35.40 -4.28 42.19
CA VAL B 146 34.14 -4.94 42.49
C VAL B 146 33.03 -4.25 41.67
N ALA B 147 32.06 -5.03 41.21
CA ALA B 147 30.88 -4.50 40.53
C ALA B 147 30.16 -3.46 41.39
N ARG B 148 29.72 -2.37 40.76
CA ARG B 148 28.88 -1.37 41.41
C ARG B 148 27.49 -1.36 40.78
N ILE B 149 26.46 -1.30 41.61
CA ILE B 149 25.08 -1.18 41.15
C ILE B 149 24.76 0.29 40.88
N THR B 150 24.82 0.69 39.61
CA THR B 150 24.67 2.10 39.22
C THR B 150 23.24 2.59 39.08
N GLU B 151 22.30 1.68 38.82
CA GLU B 151 20.87 2.04 38.69
C GLU B 151 19.95 1.02 39.35
N ARG B 152 18.82 1.51 39.86
CA ARG B 152 17.75 0.65 40.35
C ARG B 152 16.37 1.25 40.04
N PHE B 153 15.42 0.36 39.87
CA PHE B 153 14.06 0.72 39.54
C PHE B 153 13.14 0.02 40.51
N VAL B 154 12.14 0.77 40.99
CA VAL B 154 11.11 0.25 41.88
C VAL B 154 9.80 0.64 41.21
N TYR B 155 8.88 -0.32 41.10
CA TYR B 155 7.63 -0.13 40.39
C TYR B 155 6.48 -0.06 41.36
N ALA B 156 5.40 0.59 40.95
CA ALA B 156 4.20 0.66 41.74
C ALA B 156 3.35 -0.55 41.42
N GLY B 157 2.52 -0.97 42.38
CA GLY B 157 1.53 -2.03 42.18
C GLY B 157 0.31 -1.45 41.51
N ASN B 158 -0.87 -1.82 41.98
CA ASN B 158 -2.10 -1.19 41.53
C ASN B 158 -3.15 -1.12 42.64
N THR B 159 -2.68 -0.71 43.80
CA THR B 159 -3.58 -0.33 44.89
C THR B 159 -4.43 0.84 44.40
N GLY B 160 -5.58 1.03 45.02
CA GLY B 160 -6.48 2.12 44.68
C GLY B 160 -5.81 3.49 44.68
N ALA B 161 -4.90 3.71 45.62
CA ALA B 161 -4.16 4.98 45.74
C ALA B 161 -3.27 5.18 44.53
N GLU B 162 -2.57 4.13 44.11
CA GLU B 162 -1.72 4.18 42.93
C GLU B 162 -2.53 4.46 41.66
N LYS B 163 -3.67 3.80 41.51
CA LYS B 163 -4.54 4.05 40.37
C LYS B 163 -5.01 5.49 40.31
N THR B 164 -5.32 6.02 41.48
CA THR B 164 -5.75 7.41 41.66
C THR B 164 -4.67 8.43 41.24
N LEU B 165 -3.42 8.00 41.26
CA LEU B 165 -2.28 8.80 40.78
C LEU B 165 -1.74 8.34 39.39
N ASN B 166 -2.45 7.40 38.76
CA ASN B 166 -2.09 6.86 37.44
C ASN B 166 -0.67 6.33 37.43
N LEU B 167 -0.38 5.54 38.46
CA LEU B 167 0.96 5.03 38.73
C LEU B 167 1.08 3.55 38.45
N ALA B 168 -0.03 2.85 38.19
CA ALA B 168 -0.05 1.36 38.17
C ALA B 168 0.99 0.74 37.24
N GLY B 169 1.93 -0.01 37.83
CA GLY B 169 2.96 -0.69 37.06
C GLY B 169 4.11 0.14 36.53
N LEU B 170 4.05 1.47 36.69
CA LEU B 170 5.12 2.35 36.24
C LEU B 170 6.20 2.49 37.31
N CYS B 171 7.44 2.75 36.87
CA CYS B 171 8.55 3.01 37.79
C CYS B 171 8.30 4.29 38.57
N VAL B 172 8.11 4.17 39.88
CA VAL B 172 7.93 5.35 40.74
C VAL B 172 9.23 5.83 41.39
N ARG B 173 10.21 4.94 41.55
CA ARG B 173 11.53 5.30 42.07
C ARG B 173 12.59 4.81 41.12
N HIS B 174 13.31 5.75 40.50
CA HIS B 174 14.48 5.43 39.67
C HIS B 174 15.71 5.97 40.37
N TYR B 175 16.55 5.06 40.89
CA TYR B 175 17.84 5.41 41.50
C TYR B 175 18.85 5.39 40.36
N ASP B 176 19.57 6.49 40.14
CA ASP B 176 20.51 6.58 39.03
C ASP B 176 21.91 7.01 39.47
N THR B 177 22.73 7.51 38.55
CA THR B 177 24.11 7.93 38.84
C THR B 177 24.27 9.19 39.71
N ALA B 178 23.19 9.94 39.88
CA ALA B 178 23.20 11.16 40.69
C ALA B 178 22.39 11.04 41.97
N GLY B 179 21.55 10.02 42.07
CA GLY B 179 20.68 9.86 43.23
C GLY B 179 19.33 9.30 42.83
N LEU B 180 18.26 9.89 43.36
CA LEU B 180 16.90 9.39 43.17
C LEU B 180 16.01 10.36 42.40
N VAL B 181 15.21 9.81 41.48
CA VAL B 181 14.11 10.51 40.83
C VAL B 181 12.84 9.75 41.18
N GLN B 182 11.90 10.47 41.79
CA GLN B 182 10.69 9.92 42.36
C GLN B 182 9.50 10.52 41.65
N THR B 183 8.63 9.69 41.08
CA THR B 183 7.45 10.15 40.37
C THR B 183 6.24 9.92 41.25
N ASP B 184 5.58 10.97 41.69
CA ASP B 184 4.48 10.84 42.67
C ASP B 184 3.08 11.00 42.08
N SER B 185 2.97 11.48 40.85
CA SER B 185 1.67 11.73 40.22
C SER B 185 1.79 11.78 38.70
N ILE B 186 0.81 11.20 38.03
CA ILE B 186 0.76 11.19 36.56
C ILE B 186 -0.67 11.56 36.12
N ALA B 187 -0.76 12.23 34.98
CA ALA B 187 -2.05 12.65 34.44
C ALA B 187 -2.75 11.50 33.74
N LEU B 188 -4.06 11.65 33.52
CA LEU B 188 -4.84 10.81 32.59
C LEU B 188 -4.17 10.70 31.21
N THR B 189 -3.53 11.80 30.80
CA THR B 189 -2.84 11.91 29.53
C THR B 189 -1.42 11.36 29.55
N GLY B 190 -0.93 10.98 30.72
CA GLY B 190 0.39 10.35 30.87
C GLY B 190 1.55 11.25 31.23
N VAL B 191 1.34 12.57 31.30
CA VAL B 191 2.40 13.51 31.68
C VAL B 191 2.69 13.45 33.19
N SER B 192 3.98 13.47 33.56
CA SER B 192 4.37 13.49 34.98
C SER B 192 3.99 14.84 35.58
N LEU B 193 3.20 14.81 36.65
CA LEU B 193 2.68 16.00 37.33
C LEU B 193 3.52 16.41 38.55
N SER B 194 4.09 15.43 39.25
CA SER B 194 5.01 15.69 40.37
C SER B 194 6.17 14.71 40.32
N VAL B 195 7.38 15.25 40.15
CA VAL B 195 8.61 14.48 40.30
C VAL B 195 9.46 15.16 41.37
N THR B 196 10.31 14.38 42.01
CA THR B 196 11.13 14.80 43.14
C THR B 196 12.52 14.17 43.00
N ARG B 197 13.55 15.02 43.09
CA ARG B 197 14.94 14.62 42.94
C ARG B 197 15.63 14.77 44.30
N ARG B 198 16.40 13.74 44.68
CA ARG B 198 17.36 13.83 45.77
C ARG B 198 18.72 13.44 45.23
N LEU B 199 19.76 14.11 45.71
CA LEU B 199 21.13 13.79 45.34
C LEU B 199 21.77 12.78 46.29
N LEU B 200 22.80 12.08 45.80
CA LEU B 200 23.72 11.30 46.64
C LEU B 200 24.28 12.15 47.78
N LYS B 201 24.63 11.51 48.89
CA LYS B 201 25.48 12.15 49.91
C LYS B 201 26.85 12.45 49.30
N ASP B 202 27.39 13.61 49.65
CA ASP B 202 28.72 14.05 49.21
C ASP B 202 28.77 14.02 47.68
N ALA B 203 27.79 14.68 47.07
CA ALA B 203 27.61 14.66 45.61
C ALA B 203 28.54 15.61 44.89
N ASP B 204 29.12 16.57 45.61
CA ASP B 204 30.09 17.51 45.01
C ASP B 204 31.48 16.90 44.77
N ASN B 205 31.75 15.76 45.41
CA ASN B 205 33.05 15.08 45.34
C ASN B 205 33.03 14.07 44.19
N PRO B 206 33.93 14.23 43.18
CA PRO B 206 33.91 13.28 42.06
C PRO B 206 34.41 11.87 42.41
N ASP B 207 34.89 11.68 43.65
CA ASP B 207 35.23 10.36 44.18
C ASP B 207 33.98 9.54 44.45
N THR B 208 32.91 10.17 44.95
CA THR B 208 31.65 9.46 45.22
C THR B 208 30.97 9.00 43.93
N VAL B 209 30.86 7.69 43.74
CA VAL B 209 30.15 7.08 42.61
C VAL B 209 28.90 6.45 43.19
N ALA B 210 27.87 6.32 42.36
CA ALA B 210 26.68 5.60 42.78
C ALA B 210 27.02 4.12 42.92
N ASP B 211 26.59 3.54 44.03
CA ASP B 211 26.60 2.09 44.22
C ASP B 211 25.46 1.77 45.16
N TRP B 212 24.35 1.30 44.62
CA TRP B 212 23.12 1.15 45.36
C TRP B 212 23.07 -0.20 46.07
N GLN B 213 23.95 -0.35 47.05
CA GLN B 213 24.10 -1.57 47.83
C GLN B 213 23.06 -1.58 48.94
N GLY B 214 22.48 -2.75 49.24
CA GLY B 214 21.50 -2.89 50.34
C GLY B 214 20.31 -3.78 50.01
N GLU B 215 19.70 -4.37 51.04
CA GLU B 215 18.61 -5.36 50.87
C GLU B 215 17.27 -4.77 50.41
N GLY B 216 17.09 -3.46 50.54
CA GLY B 216 15.83 -2.81 50.14
C GLY B 216 15.91 -1.30 50.15
N ALA B 217 14.78 -0.66 49.86
CA ALA B 217 14.72 0.79 49.70
C ALA B 217 15.14 1.59 50.95
N SER B 218 14.91 1.03 52.14
CA SER B 218 15.32 1.66 53.40
C SER B 218 16.84 1.89 53.45
N ALA B 219 17.60 0.93 52.95
CA ALA B 219 19.06 1.01 52.89
C ALA B 219 19.56 1.98 51.81
N TRP B 220 18.93 1.93 50.63
CA TRP B 220 19.33 2.75 49.48
C TRP B 220 19.09 4.22 49.76
N ASN B 221 17.95 4.54 50.36
CA ASN B 221 17.64 5.90 50.76
C ASN B 221 18.65 6.48 51.77
N ASP B 222 19.24 5.64 52.61
CA ASP B 222 20.28 6.11 53.55
C ASP B 222 21.57 6.57 52.88
N LEU B 223 21.73 6.31 51.59
CA LEU B 223 22.84 6.87 50.79
C LEU B 223 22.51 8.22 50.11
N LEU B 224 21.33 8.77 50.38
CA LEU B 224 20.88 10.03 49.77
C LEU B 224 20.91 11.20 50.73
N SER B 225 21.20 12.38 50.19
CA SER B 225 21.03 13.63 50.92
C SER B 225 19.57 13.86 51.37
N GLY B 226 19.42 14.75 52.35
CA GLY B 226 18.11 15.08 52.88
C GLY B 226 17.25 15.96 51.97
N GLU B 227 17.86 16.94 51.29
CA GLU B 227 17.09 17.96 50.56
C GLU B 227 16.34 17.36 49.35
N GLU B 228 15.08 17.76 49.20
CA GLU B 228 14.21 17.33 48.10
C GLU B 228 13.96 18.46 47.13
N TYR B 229 14.21 18.24 45.85
CA TYR B 229 13.93 19.23 44.83
C TYR B 229 12.72 18.77 44.02
N VAL B 230 11.57 19.38 44.31
CA VAL B 230 10.30 18.96 43.76
C VAL B 230 9.93 19.84 42.56
N THR B 231 9.78 19.22 41.40
CA THR B 231 9.25 19.89 40.22
C THR B 231 7.80 19.44 40.04
N LEU B 232 6.88 20.42 39.94
CA LEU B 232 5.46 20.14 39.67
C LEU B 232 5.06 20.65 38.29
N THR B 233 4.04 20.01 37.71
CA THR B 233 3.62 20.28 36.35
C THR B 233 2.10 20.25 36.24
N THR B 234 1.58 21.08 35.35
CA THR B 234 0.18 21.12 35.02
C THR B 234 0.09 20.97 33.52
N ALA B 235 -0.97 20.31 33.03
CA ALA B 235 -1.11 20.00 31.61
C ALA B 235 -2.54 20.02 31.12
N ASP B 236 -2.69 20.26 29.82
CA ASP B 236 -4.02 20.39 29.21
C ASP B 236 -4.56 19.03 28.76
N ALA B 237 -5.76 19.02 28.18
CA ALA B 237 -6.41 17.79 27.73
C ALA B 237 -5.63 16.99 26.67
N THR B 238 -4.73 17.65 25.92
CA THR B 238 -3.89 16.99 24.90
C THR B 238 -2.59 16.40 25.48
N GLY B 239 -2.43 16.48 26.80
CA GLY B 239 -1.19 16.12 27.46
C GLY B 239 -0.03 17.07 27.19
N THR B 240 -0.33 18.36 27.05
CA THR B 240 0.67 19.39 26.73
C THR B 240 0.81 20.33 27.92
N VAL B 241 2.05 20.68 28.24
CA VAL B 241 2.37 21.42 29.47
C VAL B 241 1.77 22.82 29.46
N LEU B 242 1.08 23.15 30.56
CA LEU B 242 0.53 24.48 30.79
C LEU B 242 1.38 25.26 31.82
N THR B 243 1.57 24.69 33.03
CA THR B 243 2.45 25.30 34.04
C THR B 243 3.51 24.36 34.60
N THR B 244 4.60 24.97 35.06
CA THR B 244 5.70 24.29 35.75
C THR B 244 6.09 25.06 37.01
N THR B 245 5.99 24.42 38.17
CA THR B 245 6.49 24.96 39.43
C THR B 245 7.85 24.31 39.74
N ASP B 246 8.92 25.12 39.73
CA ASP B 246 10.26 24.61 40.01
C ASP B 246 10.48 24.32 41.50
N ALA B 247 11.66 23.82 41.83
CA ALA B 247 11.98 23.39 43.19
C ALA B 247 12.05 24.52 44.21
N LYS B 248 12.25 25.75 43.75
CA LYS B 248 12.17 26.91 44.64
C LYS B 248 10.84 27.67 44.57
N GLY B 249 9.81 27.03 43.99
CA GLY B 249 8.46 27.55 43.98
C GLY B 249 8.12 28.58 42.91
N ASN B 250 9.04 28.83 41.97
CA ASN B 250 8.80 29.76 40.86
C ASN B 250 7.93 29.09 39.79
N ILE B 251 6.87 29.77 39.34
CA ILE B 251 5.91 29.21 38.39
C ILE B 251 6.07 29.79 36.98
N GLN B 252 6.29 28.92 35.99
CA GLN B 252 6.19 29.27 34.56
C GLN B 252 4.88 28.81 33.98
N ARG B 253 4.22 29.68 33.22
CA ARG B 253 2.91 29.40 32.66
C ARG B 253 2.88 29.70 31.16
N VAL B 254 2.20 28.85 30.40
CA VAL B 254 2.03 29.07 28.96
C VAL B 254 0.57 28.93 28.52
N ARG B 255 0.31 29.48 27.33
CA ARG B 255 -1.01 29.46 26.71
C ARG B 255 -0.85 29.07 25.24
N TYR B 256 -1.82 28.30 24.75
CA TYR B 256 -1.82 27.82 23.35
C TYR B 256 -2.95 28.48 22.56
N ASP B 257 -2.68 28.81 21.30
CA ASP B 257 -3.69 29.37 20.39
C ASP B 257 -4.64 28.26 19.89
N VAL B 258 -5.62 28.63 19.06
CA VAL B 258 -6.62 27.68 18.56
C VAL B 258 -6.05 26.56 17.66
N ALA B 259 -4.83 26.76 17.17
CA ALA B 259 -4.08 25.73 16.45
C ALA B 259 -3.11 24.88 17.33
N GLY B 260 -3.10 25.09 18.64
CA GLY B 260 -2.19 24.38 19.55
C GLY B 260 -0.74 24.87 19.64
N LEU B 261 -0.49 26.08 19.14
CA LEU B 261 0.83 26.72 19.19
C LEU B 261 0.93 27.74 20.31
N LEU B 262 2.14 27.86 20.89
CA LEU B 262 2.42 28.79 22.00
C LEU B 262 2.05 30.23 21.60
N SER B 263 1.10 30.83 22.33
CA SER B 263 0.67 32.22 22.07
C SER B 263 1.11 33.21 23.15
N GLY B 264 1.38 32.74 24.37
CA GLY B 264 1.87 33.59 25.44
C GLY B 264 2.54 32.80 26.54
N SER B 265 3.42 33.46 27.29
CA SER B 265 4.01 32.90 28.50
C SER B 265 4.20 33.95 29.59
N TRP B 266 4.22 33.45 30.82
CA TRP B 266 4.32 34.26 32.03
C TRP B 266 5.30 33.64 33.01
N LEU B 267 5.77 34.45 33.96
CA LEU B 267 6.57 33.94 35.08
C LEU B 267 6.00 34.54 36.36
N THR B 268 5.80 33.69 37.37
CA THR B 268 5.46 34.15 38.71
C THR B 268 6.58 33.70 39.64
N VAL B 269 7.52 34.60 39.92
CA VAL B 269 8.60 34.36 40.87
C VAL B 269 7.98 34.15 42.24
N ARG B 270 8.51 33.22 43.04
CA ARG B 270 7.97 32.94 44.39
C ARG B 270 7.71 34.22 45.21
N ASP B 271 6.48 34.37 45.72
CA ASP B 271 6.04 35.54 46.51
C ASP B 271 6.00 36.86 45.73
N ARG B 272 5.84 36.80 44.42
CA ARG B 272 5.63 37.99 43.61
C ARG B 272 4.36 37.79 42.80
N THR B 273 4.03 38.73 41.94
CA THR B 273 2.88 38.57 41.04
C THR B 273 3.35 38.09 39.69
N GLU B 274 2.40 37.60 38.91
CA GLU B 274 2.67 37.11 37.59
C GLU B 274 3.05 38.27 36.67
N GLN B 275 4.07 38.04 35.84
CA GLN B 275 4.52 38.99 34.84
C GLN B 275 4.65 38.33 33.47
N VAL B 276 4.45 39.14 32.43
CA VAL B 276 4.39 38.68 31.05
C VAL B 276 5.81 38.49 30.53
N ILE B 277 6.14 37.29 30.02
CA ILE B 277 7.44 37.02 29.37
C ILE B 277 7.28 37.06 27.85
N VAL B 278 6.25 36.40 27.32
CA VAL B 278 5.86 36.57 25.92
C VAL B 278 4.43 37.06 25.91
N LYS B 279 4.21 38.27 25.37
CA LYS B 279 2.88 38.87 25.31
C LYS B 279 2.01 38.23 24.23
N SER B 280 2.59 38.00 23.06
CA SER B 280 1.87 37.45 21.93
C SER B 280 2.87 36.79 21.00
N LEU B 281 2.36 35.89 20.17
CA LEU B 281 3.21 35.17 19.25
C LEU B 281 2.37 34.64 18.11
N THR B 282 2.59 35.19 16.92
CA THR B 282 1.92 34.78 15.69
C THR B 282 2.80 33.85 14.85
N TYR B 283 2.20 33.17 13.88
CA TYR B 283 2.92 32.18 13.08
C TYR B 283 2.58 32.26 11.59
N SER B 284 3.52 31.84 10.75
CA SER B 284 3.26 31.64 9.33
C SER B 284 2.35 30.43 9.09
N ALA B 285 1.98 30.22 7.84
CA ALA B 285 1.14 29.08 7.46
C ALA B 285 1.82 27.75 7.74
N ALA B 286 3.15 27.75 7.68
CA ALA B 286 3.97 26.58 7.98
C ALA B 286 4.17 26.33 9.49
N GLY B 287 3.65 27.21 10.34
CA GLY B 287 3.78 27.07 11.80
C GLY B 287 5.12 27.52 12.37
N GLN B 288 5.80 28.44 11.71
CA GLN B 288 7.10 28.93 12.15
C GLN B 288 6.86 30.37 12.67
N LYS B 289 7.61 30.76 13.70
CA LYS B 289 7.42 32.05 14.37
C LYS B 289 7.43 33.19 13.36
N GLN B 290 6.43 34.06 13.43
CA GLN B 290 6.33 35.22 12.54
C GLN B 290 6.67 36.51 13.27
N ARG B 291 5.90 36.81 14.31
CA ARG B 291 6.00 38.03 15.09
C ARG B 291 5.89 37.68 16.58
N GLU B 292 6.88 38.09 17.37
CA GLU B 292 6.96 37.77 18.80
C GLU B 292 7.12 39.04 19.61
N ASP B 293 6.23 39.22 20.58
CA ASP B 293 6.20 40.41 21.42
C ASP B 293 6.58 40.00 22.84
N HIS B 294 7.65 40.60 23.38
CA HIS B 294 8.15 40.29 24.72
C HIS B 294 7.60 41.20 25.81
N GLY B 295 7.67 40.71 27.06
CA GLY B 295 7.31 41.46 28.26
C GLY B 295 7.97 42.83 28.38
N ASN B 296 9.16 42.98 27.78
CA ASN B 296 9.86 44.25 27.74
C ASN B 296 9.45 45.14 26.56
N GLY B 297 8.33 44.83 25.91
CA GLY B 297 7.87 45.61 24.76
C GLY B 297 8.63 45.40 23.46
N VAL B 298 9.72 44.62 23.48
CA VAL B 298 10.56 44.36 22.29
C VAL B 298 9.83 43.40 21.35
N VAL B 299 9.85 43.72 20.06
CA VAL B 299 9.17 42.94 19.02
C VAL B 299 10.21 42.28 18.14
N ILE B 300 10.04 40.98 17.91
CA ILE B 300 10.84 40.22 16.94
C ILE B 300 9.96 39.91 15.73
N THR B 301 10.44 40.27 14.53
CA THR B 301 9.76 39.96 13.29
C THR B 301 10.66 39.04 12.49
N TYR B 302 10.14 37.87 12.16
CA TYR B 302 10.83 36.87 11.38
C TYR B 302 10.37 36.91 9.93
N THR B 303 11.31 36.71 9.00
CA THR B 303 11.01 36.80 7.59
C THR B 303 11.46 35.54 6.85
N TYR B 304 10.58 35.04 5.96
CA TYR B 304 10.80 33.78 5.25
C TYR B 304 10.70 33.95 3.74
N GLU B 305 11.62 33.32 3.00
CA GLU B 305 11.49 33.17 1.56
C GLU B 305 10.18 32.39 1.30
N ALA B 306 9.31 32.93 0.44
CA ALA B 306 7.99 32.29 0.18
C ALA B 306 8.10 30.89 -0.48
N GLU B 307 9.15 30.71 -1.27
CA GLU B 307 9.33 29.51 -2.06
C GLU B 307 9.88 28.37 -1.23
N THR B 308 10.99 28.64 -0.54
CA THR B 308 11.76 27.64 0.20
C THR B 308 11.48 27.58 1.69
N GLN B 309 10.82 28.62 2.21
CA GLN B 309 10.54 28.74 3.65
C GLN B 309 11.77 28.94 4.52
N ARG B 310 12.90 29.30 3.90
CA ARG B 310 14.14 29.51 4.62
C ARG B 310 14.03 30.83 5.36
N LEU B 311 14.62 30.87 6.55
CA LEU B 311 14.64 32.08 7.38
C LEU B 311 15.54 33.15 6.72
N THR B 312 14.91 34.21 6.23
CA THR B 312 15.58 35.31 5.53
C THR B 312 15.96 36.48 6.44
N GLY B 313 15.09 36.79 7.43
CA GLY B 313 15.28 37.95 8.30
C GLY B 313 14.92 37.76 9.76
N ILE B 314 15.78 38.24 10.64
CA ILE B 314 15.47 38.33 12.08
C ILE B 314 15.60 39.80 12.49
N ARG B 315 14.47 40.46 12.75
CA ARG B 315 14.43 41.88 13.08
C ARG B 315 13.96 42.10 14.52
N THR B 316 14.85 42.62 15.37
CA THR B 316 14.52 42.90 16.78
C THR B 316 14.44 44.41 16.98
N GLU B 317 13.38 44.89 17.61
CA GLU B 317 13.20 46.34 17.79
C GLU B 317 12.31 46.77 18.96
N ARG B 318 12.58 47.95 19.49
CA ARG B 318 11.62 48.66 20.32
C ARG B 318 10.78 49.51 19.37
N PRO B 319 9.46 49.25 19.31
CA PRO B 319 8.61 49.89 18.30
C PRO B 319 8.20 51.34 18.62
N ALA B 320 7.33 51.90 17.79
CA ALA B 320 6.73 53.22 18.02
C ALA B 320 6.06 53.30 19.40
N GLY B 321 6.35 54.38 20.13
CA GLY B 321 5.70 54.67 21.42
C GLY B 321 6.21 53.88 22.61
N HIS B 322 7.41 53.33 22.50
CA HIS B 322 8.01 52.52 23.57
C HIS B 322 8.73 53.44 24.57
N ALA B 323 8.49 53.25 25.87
CA ALA B 323 8.99 54.17 26.91
C ALA B 323 10.49 54.50 26.79
N SER B 324 11.32 53.50 26.51
CA SER B 324 12.76 53.71 26.25
C SER B 324 13.14 54.23 24.84
N GLY B 325 12.16 54.52 24.00
CA GLY B 325 12.40 55.17 22.72
C GLY B 325 12.70 54.18 21.61
N ALA B 326 12.03 54.35 20.48
CA ALA B 326 12.15 53.45 19.33
C ALA B 326 13.60 53.31 18.84
N LYS B 327 13.96 52.08 18.53
CA LYS B 327 15.27 51.74 17.97
C LYS B 327 15.20 50.33 17.36
N VAL B 328 15.87 50.13 16.23
CA VAL B 328 16.08 48.82 15.65
C VAL B 328 17.43 48.33 16.19
N LEU B 329 17.38 47.27 17.00
CA LEU B 329 18.56 46.72 17.67
C LEU B 329 19.30 45.69 16.80
N GLN B 330 18.55 45.03 15.92
CA GLN B 330 19.08 44.03 15.01
C GLN B 330 18.18 43.97 13.76
N ASP B 331 18.80 43.88 12.58
CA ASP B 331 18.06 43.65 11.33
C ASP B 331 18.88 42.70 10.44
N LEU B 332 18.91 41.43 10.88
CA LEU B 332 19.68 40.40 10.19
C LEU B 332 18.99 40.00 8.91
N ARG B 333 19.80 39.82 7.86
CA ARG B 333 19.34 39.35 6.56
C ARG B 333 20.29 38.28 6.05
N TYR B 334 19.72 37.19 5.54
CA TYR B 334 20.50 36.03 5.08
C TYR B 334 20.27 35.79 3.58
N GLU B 335 21.35 35.44 2.90
CA GLU B 335 21.33 35.12 1.48
C GLU B 335 21.87 33.71 1.36
N TYR B 336 21.07 32.82 0.78
CA TYR B 336 21.43 31.42 0.63
C TYR B 336 21.84 31.11 -0.81
N ASP B 337 22.69 30.10 -0.96
CA ASP B 337 22.92 29.51 -2.27
C ASP B 337 21.75 28.52 -2.52
N PRO B 338 21.67 27.92 -3.72
CA PRO B 338 20.49 27.11 -4.03
C PRO B 338 20.16 25.97 -3.05
N VAL B 339 21.16 25.21 -2.60
CA VAL B 339 20.93 24.13 -1.62
C VAL B 339 20.75 24.58 -0.16
N GLY B 340 20.98 25.86 0.12
CA GLY B 340 20.69 26.43 1.44
C GLY B 340 21.87 26.62 2.37
N ASN B 341 23.07 26.73 1.81
CA ASN B 341 24.25 27.18 2.55
C ASN B 341 24.16 28.70 2.61
N VAL B 342 24.67 29.26 3.70
CA VAL B 342 24.60 30.70 3.94
C VAL B 342 25.78 31.34 3.24
N LEU B 343 25.50 32.17 2.24
CA LEU B 343 26.56 32.87 1.51
C LEU B 343 26.90 34.22 2.17
N LYS B 344 25.86 34.95 2.60
CA LYS B 344 26.03 36.32 3.07
C LYS B 344 25.06 36.63 4.21
N ILE B 345 25.55 37.31 5.24
CA ILE B 345 24.74 37.82 6.36
C ILE B 345 24.99 39.32 6.48
N THR B 346 23.93 40.13 6.41
CA THR B 346 24.04 41.59 6.61
C THR B 346 23.19 42.04 7.79
N ASN B 347 23.63 43.13 8.42
CA ASN B 347 22.91 43.72 9.54
C ASN B 347 22.96 45.25 9.42
N ASP B 348 21.90 45.82 8.85
CA ASP B 348 21.83 47.27 8.64
C ASP B 348 21.59 48.06 9.92
N ALA B 349 21.03 47.40 10.94
CA ALA B 349 20.81 48.04 12.24
C ALA B 349 22.09 48.28 13.05
N GLU B 350 23.17 47.57 12.71
CA GLU B 350 24.47 47.74 13.37
C GLU B 350 24.75 49.23 13.62
N ALA B 351 24.80 49.62 14.90
CA ALA B 351 24.81 51.04 15.33
C ALA B 351 26.06 51.83 14.93
N THR B 352 27.23 51.18 15.06
CA THR B 352 28.53 51.76 14.69
C THR B 352 28.65 52.10 13.20
N ARG B 353 27.90 51.41 12.35
CA ARG B 353 27.97 51.57 10.89
C ARG B 353 29.38 51.16 10.39
N PHE B 354 29.88 50.05 10.96
CA PHE B 354 31.27 49.58 10.76
C PHE B 354 31.57 49.15 9.33
N TRP B 355 30.62 48.47 8.70
CA TRP B 355 30.86 47.83 7.39
C TRP B 355 30.86 48.79 6.19
N SER B 356 30.05 49.85 6.25
CA SER B 356 30.09 50.90 5.21
C SER B 356 31.32 51.81 5.32
N ASN B 357 32.03 51.79 6.47
CA ASN B 357 33.35 52.43 6.64
C ASN B 357 34.52 51.62 6.04
N GLN B 358 34.48 50.29 6.22
CA GLN B 358 35.54 49.39 5.75
C GLN B 358 35.09 48.59 4.52
N LYS B 359 35.31 49.16 3.33
CA LYS B 359 34.98 48.52 2.04
C LYS B 359 36.20 47.85 1.35
N VAL B 360 37.07 47.22 2.13
CA VAL B 360 38.16 46.37 1.62
C VAL B 360 37.69 44.91 1.65
N VAL B 361 37.30 44.44 2.84
CA VAL B 361 36.71 43.10 3.07
C VAL B 361 35.16 43.21 3.16
N PRO B 362 34.41 42.29 2.49
CA PRO B 362 32.93 42.36 2.53
C PRO B 362 32.26 41.85 3.84
N GLU B 363 31.01 42.27 4.08
CA GLU B 363 30.26 41.93 5.31
C GLU B 363 29.87 40.45 5.34
N ASN B 364 30.23 39.75 6.43
CA ASN B 364 30.05 38.30 6.59
C ASN B 364 29.76 37.50 5.34
N THR B 365 30.78 37.35 4.50
CA THR B 365 30.72 36.55 3.30
C THR B 365 31.34 35.20 3.61
N TYR B 366 30.76 34.15 3.03
CA TYR B 366 31.16 32.76 3.26
C TYR B 366 31.25 32.04 1.92
N THR B 367 32.25 31.18 1.79
CA THR B 367 32.43 30.35 0.59
C THR B 367 32.63 28.89 1.01
N TYR B 368 32.20 27.98 0.13
CA TYR B 368 32.22 26.55 0.42
C TYR B 368 32.82 25.76 -0.71
N ASP B 369 33.34 24.59 -0.38
CA ASP B 369 33.76 23.59 -1.39
C ASP B 369 32.53 22.81 -1.92
N SER B 370 32.76 21.90 -2.86
CA SER B 370 31.67 21.12 -3.45
C SER B 370 30.99 20.16 -2.47
N LEU B 371 31.67 19.85 -1.36
CA LEU B 371 31.10 19.06 -0.26
C LEU B 371 30.36 19.92 0.81
N TYR B 372 30.19 21.22 0.52
CA TYR B 372 29.51 22.19 1.40
C TYR B 372 30.15 22.31 2.78
N GLN B 373 31.49 22.25 2.76
CA GLN B 373 32.35 22.56 3.91
C GLN B 373 32.80 24.04 3.80
N LEU B 374 32.81 24.73 4.94
CA LEU B 374 33.10 26.15 4.97
C LEU B 374 34.60 26.33 4.79
N VAL B 375 35.00 26.87 3.64
CA VAL B 375 36.44 27.09 3.36
C VAL B 375 36.95 28.51 3.61
N SER B 376 36.05 29.50 3.60
CA SER B 376 36.42 30.87 3.95
C SER B 376 35.26 31.62 4.59
N ALA B 377 35.59 32.51 5.51
CA ALA B 377 34.60 33.37 6.17
C ALA B 377 35.22 34.72 6.49
N THR B 378 34.40 35.76 6.51
CA THR B 378 34.84 37.08 6.95
C THR B 378 33.90 37.56 8.02
N GLY B 379 34.42 38.40 8.91
CA GLY B 379 33.60 39.04 9.93
C GLY B 379 34.30 40.23 10.56
N ARG B 380 33.81 40.63 11.73
CA ARG B 380 34.48 41.62 12.55
C ARG B 380 34.79 40.97 13.89
N GLU B 381 35.91 41.39 14.45
CA GLU B 381 36.25 41.10 15.83
C GLU B 381 36.54 42.45 16.49
N MET B 382 36.62 42.48 17.81
CA MET B 382 37.13 43.68 18.50
C MET B 382 38.64 43.68 18.37
N ALA B 383 39.20 44.82 17.96
CA ALA B 383 40.64 44.93 17.68
C ALA B 383 41.52 44.39 18.80
N ASN B 384 41.07 44.61 20.04
CA ASN B 384 41.74 44.15 21.26
C ASN B 384 41.74 42.64 21.55
N VAL B 385 40.90 41.84 20.89
CA VAL B 385 40.73 40.40 21.27
C VAL B 385 42.04 39.64 21.33
N GLY B 386 42.90 39.85 20.33
CA GLY B 386 44.10 39.07 20.19
C GLY B 386 43.77 37.65 19.78
N GLN B 387 44.78 36.79 19.88
CA GLN B 387 44.68 35.42 19.39
C GLN B 387 43.70 34.56 20.18
N GLN B 388 42.89 33.80 19.45
CA GLN B 388 41.88 32.92 20.04
C GLN B 388 42.56 31.74 20.74
N GLY B 389 42.14 31.47 21.97
CA GLY B 389 42.46 30.24 22.69
C GLY B 389 41.21 29.71 23.37
N SER B 390 41.34 29.21 24.60
CA SER B 390 40.19 28.69 25.35
C SER B 390 39.46 29.79 26.14
N ARG B 391 40.19 30.81 26.58
CA ARG B 391 39.61 31.87 27.38
C ARG B 391 38.72 32.77 26.53
N LEU B 392 37.76 33.39 27.19
CA LEU B 392 36.85 34.34 26.58
C LEU B 392 37.61 35.67 26.56
N PRO B 393 37.42 36.50 25.51
CA PRO B 393 38.04 37.83 25.56
C PRO B 393 37.56 38.64 26.77
N SER B 394 38.34 39.64 27.15
CA SER B 394 37.91 40.55 28.20
C SER B 394 36.68 41.32 27.68
N ALA B 395 35.70 41.48 28.57
CA ALA B 395 34.52 42.30 28.28
C ALA B 395 34.90 43.77 28.06
N THR B 396 34.50 44.33 26.92
CA THR B 396 34.67 45.76 26.65
C THR B 396 33.53 46.53 27.33
N VAL B 397 33.86 47.37 28.33
CA VAL B 397 32.86 48.12 29.10
C VAL B 397 33.23 49.59 29.12
N PRO B 398 32.30 50.50 28.82
CA PRO B 398 30.92 50.22 28.40
C PRO B 398 30.88 49.83 26.91
N PHE B 399 29.70 49.86 26.28
CA PHE B 399 29.63 49.57 24.84
C PHE B 399 30.56 50.50 24.08
N PRO B 400 31.28 49.97 23.06
CA PRO B 400 32.09 50.90 22.28
C PRO B 400 31.17 51.78 21.46
N THR B 401 31.69 52.93 21.03
CA THR B 401 30.84 53.99 20.50
C THR B 401 31.28 54.46 19.09
N ASP B 402 32.05 53.62 18.39
CA ASP B 402 32.82 54.03 17.20
C ASP B 402 33.46 52.81 16.48
N SER B 403 33.63 52.91 15.16
CA SER B 403 34.22 51.84 14.33
C SER B 403 35.66 51.44 14.67
N SER B 404 36.39 52.29 15.40
CA SER B 404 37.75 51.96 15.90
C SER B 404 37.80 50.68 16.78
N ALA B 405 36.73 50.46 17.55
CA ALA B 405 36.57 49.32 18.46
C ALA B 405 36.63 47.95 17.78
N TYR B 406 36.11 47.87 16.55
CA TYR B 406 36.05 46.63 15.78
C TYR B 406 36.93 46.73 14.54
N THR B 407 37.71 45.69 14.25
CA THR B 407 38.40 45.55 12.95
C THR B 407 37.98 44.25 12.25
N SER B 408 38.03 44.27 10.91
CA SER B 408 37.57 43.14 10.08
C SER B 408 38.60 42.01 10.07
N TYR B 409 38.16 40.84 9.61
CA TYR B 409 39.01 39.62 9.53
C TYR B 409 38.54 38.71 8.42
N THR B 410 39.38 37.76 8.06
CA THR B 410 39.06 36.75 7.04
C THR B 410 39.67 35.42 7.46
N ARG B 411 38.81 34.47 7.87
CA ARG B 411 39.26 33.11 8.19
C ARG B 411 39.23 32.21 6.97
N THR B 412 40.17 31.27 6.96
CA THR B 412 40.37 30.31 5.88
C THR B 412 40.55 28.93 6.54
N TYR B 413 39.82 27.93 6.05
CA TYR B 413 39.74 26.61 6.67
C TYR B 413 40.17 25.54 5.70
N THR B 414 40.92 24.56 6.22
CA THR B 414 41.53 23.51 5.40
C THR B 414 41.11 22.15 5.96
N TYR B 415 40.67 21.26 5.06
CA TYR B 415 40.10 19.96 5.45
C TYR B 415 40.79 18.81 4.73
N ASP B 416 41.04 17.72 5.44
CA ASP B 416 41.66 16.54 4.83
C ASP B 416 40.61 15.66 4.13
N GLU B 417 41.08 14.58 3.51
CA GLU B 417 40.22 13.66 2.77
C GLU B 417 39.06 13.03 3.57
N ALA B 418 39.20 12.97 4.90
CA ALA B 418 38.18 12.43 5.83
C ALA B 418 37.39 13.52 6.56
N SER B 419 37.41 14.75 6.04
CA SER B 419 36.70 15.89 6.62
C SER B 419 37.13 16.28 8.05
N ASN B 420 38.39 16.04 8.40
CA ASN B 420 38.98 16.64 9.61
C ASN B 420 39.42 18.07 9.29
N LEU B 421 39.12 18.99 10.21
CA LEU B 421 39.52 20.40 10.10
C LEU B 421 40.96 20.54 10.59
N THR B 422 41.93 20.52 9.65
CA THR B 422 43.38 20.54 9.95
C THR B 422 44.00 21.93 10.17
N GLN B 423 43.40 22.98 9.60
CA GLN B 423 43.89 24.34 9.81
C GLN B 423 42.75 25.38 9.85
N ILE B 424 42.78 26.22 10.89
CA ILE B 424 42.05 27.49 10.95
C ILE B 424 43.07 28.63 10.81
N ARG B 425 43.08 29.31 9.66
CA ARG B 425 44.02 30.39 9.40
C ARG B 425 43.31 31.74 9.52
N HIS B 426 43.81 32.61 10.39
CA HIS B 426 43.18 33.88 10.71
C HIS B 426 44.01 35.03 10.14
N SER B 427 43.38 35.87 9.30
CA SER B 427 44.05 36.97 8.56
C SER B 427 43.35 38.31 8.80
N PRO B 428 43.73 39.06 9.86
CA PRO B 428 43.05 40.33 10.11
C PRO B 428 43.43 41.43 9.10
N ALA B 429 42.69 42.53 9.14
CA ALA B 429 42.85 43.66 8.20
C ALA B 429 44.24 44.33 8.26
N THR B 430 44.64 44.71 9.48
CA THR B 430 45.89 45.44 9.74
C THR B 430 46.52 44.99 11.08
N ARG B 431 46.91 43.73 11.15
CA ARG B 431 47.57 43.15 12.33
C ARG B 431 48.22 41.83 11.91
N SER B 432 49.11 41.30 12.74
CA SER B 432 49.78 40.03 12.43
C SER B 432 48.78 38.88 12.60
N GLY B 433 48.58 38.10 11.53
CA GLY B 433 47.68 36.96 11.55
C GLY B 433 48.30 35.77 12.26
N TYR B 434 47.47 34.80 12.64
CA TYR B 434 47.95 33.56 13.27
C TYR B 434 47.31 32.35 12.63
N THR B 435 47.83 31.17 12.97
CA THR B 435 47.32 29.90 12.48
C THR B 435 47.20 28.90 13.63
N THR B 436 46.06 28.22 13.67
CA THR B 436 45.80 27.11 14.58
C THR B 436 45.91 25.87 13.69
N ASN B 437 46.84 24.96 14.00
CA ASN B 437 46.98 23.70 13.26
C ASN B 437 46.54 22.55 14.11
N ILE B 438 45.78 21.65 13.50
CA ILE B 438 45.26 20.47 14.17
C ILE B 438 45.89 19.24 13.49
N THR B 439 46.53 18.39 14.30
CA THR B 439 47.28 17.24 13.79
C THR B 439 46.39 16.02 13.83
N VAL B 440 46.08 15.46 12.67
CA VAL B 440 45.25 14.26 12.60
C VAL B 440 46.16 13.03 12.76
N SER B 441 45.64 12.02 13.44
CA SER B 441 46.27 10.69 13.51
C SER B 441 46.42 10.02 12.13
N ASN B 442 47.45 9.20 11.98
CA ASN B 442 47.68 8.45 10.74
C ASN B 442 46.74 7.23 10.57
N ARG B 443 46.08 6.80 11.66
CA ARG B 443 45.18 5.64 11.62
C ARG B 443 43.75 5.86 12.18
N SER B 444 43.38 7.12 12.43
CA SER B 444 42.04 7.46 12.92
C SER B 444 41.73 8.93 12.66
N ASN B 445 40.54 9.36 13.09
CA ASN B 445 40.17 10.78 13.08
C ASN B 445 40.42 11.46 14.43
N ARG B 446 41.09 10.78 15.34
CA ARG B 446 41.59 11.45 16.55
C ARG B 446 42.51 12.60 16.11
N ALA B 447 42.35 13.76 16.72
CA ALA B 447 43.14 14.94 16.36
C ALA B 447 43.23 15.94 17.51
N VAL B 448 44.39 16.60 17.60
CA VAL B 448 44.68 17.60 18.64
C VAL B 448 45.46 18.78 18.04
N LEU B 449 45.41 19.91 18.73
CA LEU B 449 46.21 21.09 18.36
C LEU B 449 47.71 20.80 18.28
N SER B 450 48.40 21.56 17.42
CA SER B 450 49.85 21.36 17.15
C SER B 450 50.73 21.50 18.40
N ASN B 451 50.35 22.42 19.29
CA ASN B 451 51.07 22.62 20.55
C ASN B 451 51.07 21.37 21.45
N LEU B 452 50.03 20.54 21.38
CA LEU B 452 50.03 19.24 22.07
C LEU B 452 50.95 18.24 21.37
N THR B 453 50.85 18.14 20.04
CA THR B 453 51.78 17.36 19.22
C THR B 453 51.71 17.76 17.75
N GLU B 454 52.86 17.73 17.09
CA GLU B 454 52.95 17.90 15.63
C GLU B 454 53.24 16.59 14.89
N ASN B 455 53.19 15.46 15.61
CA ASN B 455 53.53 14.16 15.04
C ASN B 455 52.29 13.26 15.03
N ALA B 456 51.85 12.86 13.84
CA ALA B 456 50.64 12.03 13.66
C ALA B 456 50.63 10.75 14.50
N ALA B 457 51.76 10.04 14.54
CA ALA B 457 51.83 8.72 15.21
C ALA B 457 51.63 8.72 16.72
N ASP B 458 51.79 9.86 17.39
CA ASP B 458 51.59 10.00 18.85
C ASP B 458 50.18 10.52 19.22
N VAL B 459 49.30 10.72 18.24
CA VAL B 459 48.00 11.40 18.48
C VAL B 459 47.02 10.51 19.24
N ASP B 460 46.94 9.23 18.87
CA ASP B 460 46.04 8.27 19.53
C ASP B 460 46.38 8.00 21.00
N ALA B 461 47.65 8.17 21.37
CA ALA B 461 48.08 8.06 22.77
C ALA B 461 47.52 9.16 23.67
N LEU B 462 47.06 10.28 23.08
CA LEU B 462 46.31 11.31 23.81
C LEU B 462 44.79 11.04 23.89
N PHE B 463 44.38 9.82 23.59
CA PHE B 463 43.00 9.39 23.74
C PHE B 463 42.89 8.04 24.44
N THR B 464 41.80 7.84 25.17
CA THR B 464 41.46 6.52 25.72
C THR B 464 41.02 5.61 24.58
N ALA B 465 40.86 4.33 24.87
CA ALA B 465 40.39 3.35 23.90
C ALA B 465 39.07 3.76 23.24
N GLY B 466 38.13 4.24 24.04
CA GLY B 466 36.83 4.68 23.52
C GLY B 466 36.75 5.99 22.74
N GLY B 467 37.90 6.65 22.50
CA GLY B 467 37.95 7.90 21.75
C GLY B 467 37.77 9.17 22.58
N GLN B 468 38.01 9.07 23.89
CA GLN B 468 37.90 10.21 24.80
C GLN B 468 39.28 10.88 24.96
N GLN B 469 39.32 12.20 24.78
CA GLN B 469 40.57 12.95 24.84
C GLN B 469 41.02 13.10 26.29
N THR B 470 42.30 12.80 26.57
CA THR B 470 42.85 12.83 27.96
C THR B 470 43.48 14.18 28.35
N GLN B 471 44.00 14.93 27.37
CA GLN B 471 44.49 16.31 27.62
C GLN B 471 43.64 17.34 26.82
N LEU B 472 43.07 18.30 27.52
CA LEU B 472 42.31 19.40 26.90
C LEU B 472 43.28 20.38 26.22
N GLN B 473 44.27 20.82 27.00
CA GLN B 473 45.32 21.74 26.57
C GLN B 473 46.63 21.26 27.20
N PRO B 474 47.78 21.88 26.87
CA PRO B 474 49.03 21.52 27.55
C PRO B 474 48.90 21.73 29.04
N GLY B 475 49.13 20.67 29.80
CA GLY B 475 49.03 20.72 31.25
C GLY B 475 47.63 20.82 31.84
N LEU B 476 46.60 20.53 31.06
CA LEU B 476 45.25 20.35 31.61
C LEU B 476 44.77 18.93 31.27
N GLY B 477 44.48 18.14 32.30
CA GLY B 477 44.14 16.72 32.15
C GLY B 477 42.66 16.44 32.33
N LEU B 478 42.18 15.40 31.64
CA LEU B 478 40.75 15.06 31.56
C LEU B 478 40.51 13.63 32.06
N VAL B 479 39.53 13.45 32.94
CA VAL B 479 39.11 12.13 33.38
C VAL B 479 37.65 11.96 32.98
N TRP B 480 37.31 10.73 32.59
CA TRP B 480 35.99 10.38 32.05
C TRP B 480 35.33 9.32 32.93
N THR B 481 34.00 9.33 32.99
CA THR B 481 33.25 8.30 33.77
C THR B 481 33.30 6.92 33.08
N ALA B 482 32.72 5.92 33.75
CA ALA B 482 32.52 4.61 33.14
C ALA B 482 31.62 4.68 31.89
N ARG B 483 30.73 5.68 31.85
CA ARG B 483 29.84 5.92 30.70
C ARG B 483 30.34 6.99 29.69
N ASN B 484 31.63 7.30 29.69
CA ASN B 484 32.24 8.27 28.75
C ASN B 484 31.69 9.69 28.82
N GLU B 485 31.34 10.12 30.02
CA GLU B 485 30.96 11.51 30.27
C GLU B 485 32.16 12.17 30.95
N LEU B 486 32.33 13.46 30.70
CA LEU B 486 33.42 14.22 31.30
C LEU B 486 33.24 14.30 32.82
N LEU B 487 34.14 13.63 33.57
CA LEU B 487 34.09 13.61 35.04
C LEU B 487 34.85 14.78 35.70
N LYS B 488 36.04 15.11 35.17
CA LYS B 488 36.95 16.02 35.87
C LYS B 488 37.96 16.67 34.92
N VAL B 489 38.17 17.97 35.10
CA VAL B 489 39.25 18.71 34.46
C VAL B 489 40.23 19.11 35.57
N THR B 490 41.50 18.71 35.44
CA THR B 490 42.54 18.91 36.48
C THR B 490 43.82 19.47 35.85
N PRO B 491 44.38 20.57 36.41
CA PRO B 491 45.69 21.04 35.89
C PRO B 491 46.94 20.33 36.49
N VAL B 492 47.96 20.11 35.64
CA VAL B 492 49.19 19.37 35.95
C VAL B 492 50.41 20.29 35.99
N ASP B 499 46.26 25.97 39.85
CA ASP B 499 45.72 24.84 40.62
C ASP B 499 44.18 24.94 40.76
N ASP B 500 43.52 25.11 39.61
CA ASP B 500 42.06 25.28 39.52
C ASP B 500 41.39 24.07 38.86
N SER B 501 40.60 23.29 39.62
CA SER B 501 39.85 22.15 39.06
C SER B 501 38.37 22.47 38.79
N GLU B 502 37.75 21.56 38.03
CA GLU B 502 36.30 21.55 37.79
C GLU B 502 35.86 20.09 37.64
N ASN B 503 34.69 19.75 38.15
CA ASN B 503 34.17 18.38 38.01
C ASN B 503 32.66 18.35 37.87
N TYR B 504 32.12 17.19 37.45
CA TYR B 504 30.75 17.09 37.00
C TYR B 504 30.07 15.79 37.41
N ARG B 505 28.74 15.84 37.43
CA ARG B 505 27.88 14.70 37.77
C ARG B 505 26.70 14.67 36.80
N TYR B 506 26.28 13.47 36.39
CA TYR B 506 25.22 13.28 35.40
C TYR B 506 24.11 12.36 35.96
N ASP B 507 22.91 12.51 35.39
CA ASP B 507 21.79 11.61 35.71
C ASP B 507 21.87 10.37 34.80
N GLY B 508 20.90 9.48 34.92
CA GLY B 508 20.84 8.25 34.15
C GLY B 508 20.96 8.38 32.65
N GLY B 509 20.40 9.47 32.08
CA GLY B 509 20.47 9.73 30.63
C GLY B 509 21.62 10.61 30.15
N SER B 510 22.71 10.64 30.94
CA SER B 510 23.94 11.46 30.69
C SER B 510 23.75 12.99 30.71
N GLN B 511 22.63 13.48 31.26
CA GLN B 511 22.35 14.92 31.34
C GLN B 511 22.93 15.48 32.63
N ARG B 512 23.77 16.50 32.49
CA ARG B 512 24.50 17.08 33.60
C ARG B 512 23.55 17.63 34.63
N ILE B 513 23.69 17.17 35.87
CA ILE B 513 22.93 17.66 37.00
C ILE B 513 23.78 18.54 37.92
N LEU B 514 25.10 18.41 37.85
CA LEU B 514 25.99 19.11 38.80
C LEU B 514 27.31 19.51 38.13
N LYS B 515 27.78 20.71 38.48
CA LYS B 515 29.12 21.17 38.12
C LYS B 515 29.70 21.90 39.32
N VAL B 516 30.91 21.49 39.73
CA VAL B 516 31.61 22.09 40.85
C VAL B 516 33.01 22.52 40.41
N SER B 517 33.32 23.80 40.59
CA SER B 517 34.62 24.36 40.28
C SER B 517 35.34 24.71 41.59
N VAL B 518 36.64 24.40 41.67
CA VAL B 518 37.43 24.58 42.91
C VAL B 518 38.78 25.22 42.56
N GLN B 519 39.16 26.26 43.31
CA GLN B 519 40.50 26.89 43.22
C GLN B 519 41.13 26.94 44.61
N LYS B 520 42.21 26.19 44.83
CA LYS B 520 42.89 26.09 46.14
C LYS B 520 44.32 26.65 46.07
N THR B 521 44.63 27.66 46.89
CA THR B 521 45.95 28.31 46.90
C THR B 521 46.90 27.70 47.95
N SER B 524 43.74 29.11 50.90
CA SER B 524 42.32 28.88 51.15
C SER B 524 41.59 28.45 49.87
N ALA B 525 40.63 27.53 50.01
CA ALA B 525 39.92 26.90 48.88
C ALA B 525 38.59 27.60 48.54
N GLN B 526 38.56 28.30 47.40
CA GLN B 526 37.34 28.99 46.90
C GLN B 526 36.55 28.03 45.98
N THR B 527 35.23 28.05 46.09
CA THR B 527 34.36 27.04 45.48
C THR B 527 33.09 27.64 44.87
N GLN B 528 32.72 27.14 43.68
CA GLN B 528 31.42 27.44 43.05
C GLN B 528 30.74 26.13 42.61
N ARG B 529 29.41 26.13 42.69
CA ARG B 529 28.60 24.94 42.44
C ARG B 529 27.39 25.34 41.56
N ALA B 530 27.11 24.52 40.55
CA ALA B 530 25.91 24.69 39.72
C ALA B 530 25.10 23.40 39.77
N LEU B 531 23.86 23.50 40.25
CA LEU B 531 22.91 22.38 40.29
C LEU B 531 21.83 22.63 39.22
N TYR B 532 21.74 21.76 38.22
CA TYR B 532 20.79 21.93 37.12
C TYR B 532 19.52 21.12 37.36
N LEU B 533 18.41 21.83 37.53
CA LEU B 533 17.10 21.26 37.75
C LEU B 533 16.15 21.75 36.63
N PRO B 534 14.92 21.21 36.57
CA PRO B 534 13.91 21.70 35.62
C PRO B 534 13.58 23.20 35.72
N GLY B 535 13.93 23.96 34.67
CA GLY B 535 13.71 25.40 34.62
C GLY B 535 14.36 26.21 35.74
N LEU B 536 15.50 25.73 36.23
CA LEU B 536 16.12 26.28 37.43
C LEU B 536 17.55 25.82 37.53
N GLU B 537 18.47 26.76 37.74
CA GLU B 537 19.87 26.46 38.13
C GLU B 537 20.12 27.09 39.49
N LEU B 538 20.42 26.27 40.50
CA LEU B 538 20.80 26.76 41.82
C LEU B 538 22.31 26.89 41.87
N ARG B 539 22.75 28.14 41.85
CA ARG B 539 24.16 28.47 41.84
C ARG B 539 24.58 29.01 43.20
N SER B 540 25.75 28.59 43.67
CA SER B 540 26.27 29.04 44.94
C SER B 540 27.77 29.24 44.87
N ALA B 541 28.31 29.84 45.91
CA ALA B 541 29.76 29.94 46.10
C ALA B 541 30.12 30.10 47.57
N LYS B 542 31.28 29.57 47.94
CA LYS B 542 31.81 29.64 49.30
C LYS B 542 33.29 30.10 49.26
N ASN B 543 33.67 31.01 50.17
CA ASN B 543 35.07 31.51 50.28
C ASN B 543 35.83 30.74 51.36
N GLY B 544 35.75 29.40 51.28
CA GLY B 544 36.29 28.48 52.29
C GLY B 544 35.25 28.11 53.33
N ASP B 545 34.31 27.23 52.97
CA ASP B 545 33.22 26.80 53.88
C ASP B 545 32.44 27.98 54.52
N THR B 546 32.26 29.06 53.77
CA THR B 546 31.55 30.27 54.21
C THR B 546 30.90 30.95 52.97
N GLU B 547 29.56 30.95 52.90
CA GLU B 547 28.86 31.27 51.64
C GLU B 547 28.96 32.73 51.26
N THR B 548 29.55 33.00 50.10
CA THR B 548 29.63 34.35 49.54
C THR B 548 28.44 34.74 48.64
N GLU B 549 27.77 33.75 48.03
CA GLU B 549 26.74 34.00 47.00
C GLU B 549 25.77 32.82 46.85
N SER B 550 24.49 33.12 46.65
CA SER B 550 23.42 32.10 46.51
C SER B 550 22.34 32.60 45.51
N LEU B 551 22.20 31.89 44.39
CA LEU B 551 21.54 32.42 43.19
C LEU B 551 20.66 31.38 42.49
N GLN B 552 19.42 31.79 42.21
CA GLN B 552 18.50 31.06 41.34
C GLN B 552 18.54 31.69 39.96
N VAL B 553 18.92 30.91 38.94
CA VAL B 553 18.73 31.30 37.55
C VAL B 553 17.45 30.61 37.06
N ILE B 554 16.34 31.36 37.03
CA ILE B 554 15.08 30.88 36.46
C ILE B 554 15.16 31.01 34.94
N THR B 555 14.97 29.90 34.24
CA THR B 555 15.12 29.86 32.78
C THR B 555 13.77 29.53 32.14
N VAL B 556 13.25 30.45 31.34
CA VAL B 556 11.91 30.34 30.74
C VAL B 556 12.03 30.07 29.25
N GLY B 557 11.46 28.95 28.80
CA GLY B 557 11.46 28.55 27.39
C GLY B 557 12.00 27.14 27.18
N GLU B 558 12.58 26.91 26.01
CA GLU B 558 13.15 25.62 25.63
C GLU B 558 14.60 25.82 25.22
N ALA B 559 15.45 24.82 25.51
CA ALA B 559 16.91 24.95 25.32
C ALA B 559 17.38 25.09 23.85
N SER B 560 16.50 24.82 22.88
CA SER B 560 16.75 25.08 21.44
C SER B 560 15.91 26.25 20.91
N ARG B 561 15.93 27.37 21.62
CA ARG B 561 15.22 28.59 21.23
C ARG B 561 15.59 29.75 22.15
N ALA B 562 15.36 30.98 21.66
CA ALA B 562 15.77 32.23 22.35
C ALA B 562 15.18 32.35 23.77
N GLN B 563 16.02 32.06 24.76
CA GLN B 563 15.58 31.84 26.14
C GLN B 563 15.61 33.12 27.00
N VAL B 564 14.81 33.13 28.06
CA VAL B 564 14.69 34.28 28.95
C VAL B 564 15.11 33.84 30.35
N ARG B 565 16.05 34.58 30.95
CA ARG B 565 16.57 34.24 32.28
C ARG B 565 16.24 35.31 33.30
N MET B 566 15.96 34.87 34.51
CA MET B 566 15.60 35.73 35.63
C MET B 566 16.55 35.42 36.77
N LEU B 567 17.28 36.41 37.28
CA LEU B 567 18.23 36.17 38.37
C LEU B 567 17.62 36.59 39.71
N HIS B 568 17.35 35.62 40.58
CA HIS B 568 16.90 35.89 41.97
C HIS B 568 17.97 35.47 43.01
N TRP B 569 18.46 36.43 43.80
CA TRP B 569 19.48 36.15 44.84
C TRP B 569 18.83 35.85 46.20
N GLU B 570 19.05 34.64 46.72
CA GLU B 570 18.73 34.32 48.12
C GLU B 570 19.71 35.02 49.08
N SER B 571 20.93 35.25 48.61
CA SER B 571 22.01 35.80 49.42
C SER B 571 23.18 36.25 48.54
N GLY B 572 23.86 37.33 48.93
CA GLY B 572 25.15 37.70 48.33
C GLY B 572 25.07 38.39 47.00
N ARG B 573 24.03 39.20 46.83
CA ARG B 573 23.82 39.97 45.61
C ARG B 573 24.87 41.08 45.50
N PRO B 574 25.55 41.18 44.34
CA PRO B 574 26.51 42.28 44.19
C PRO B 574 25.79 43.62 43.98
N ASP B 575 26.39 44.70 44.48
CA ASP B 575 25.84 46.05 44.29
C ASP B 575 25.97 46.44 42.82
N GLY B 576 24.92 47.07 42.30
CA GLY B 576 24.83 47.39 40.88
C GLY B 576 23.91 46.47 40.12
N ILE B 577 23.35 45.44 40.79
CA ILE B 577 22.29 44.61 40.21
C ILE B 577 21.06 44.61 41.13
N THR B 578 19.97 45.18 40.61
CA THR B 578 18.63 45.09 41.21
C THR B 578 18.10 43.63 41.21
N ASP B 579 17.49 43.21 42.33
CA ASP B 579 17.01 41.81 42.46
C ASP B 579 15.90 41.52 41.45
N ASP B 580 15.80 40.25 41.06
CA ASP B 580 14.81 39.78 40.09
C ASP B 580 14.87 40.55 38.75
N LYS B 581 16.09 40.77 38.28
CA LYS B 581 16.34 41.34 36.95
C LYS B 581 16.21 40.25 35.88
N VAL B 582 15.32 40.48 34.91
CA VAL B 582 15.15 39.59 33.76
C VAL B 582 16.18 39.93 32.67
N ARG B 583 16.77 38.89 32.08
CA ARG B 583 17.66 39.01 30.92
C ARG B 583 17.06 38.28 29.70
N TYR B 584 16.51 39.04 28.76
CA TYR B 584 15.97 38.49 27.51
C TYR B 584 17.12 38.23 26.58
N SER B 585 17.16 37.05 25.98
CA SER B 585 18.16 36.69 24.98
C SER B 585 17.59 36.72 23.54
N TYR B 586 18.43 37.07 22.57
CA TYR B 586 18.02 37.22 21.16
C TYR B 586 19.06 36.55 20.32
N ASP B 587 18.63 35.62 19.46
CA ASP B 587 19.53 34.68 18.79
C ASP B 587 19.66 34.94 17.32
N ASN B 588 20.67 34.32 16.72
CA ASN B 588 20.86 34.35 15.27
C ASN B 588 20.31 33.04 14.68
N LEU B 589 20.49 32.83 13.38
CA LEU B 589 20.00 31.63 12.69
C LEU B 589 20.31 30.34 13.44
N THR B 590 21.54 30.23 13.97
CA THR B 590 22.01 29.01 14.64
C THR B 590 21.73 28.95 16.15
N GLY B 591 20.97 29.92 16.67
CA GLY B 591 20.56 29.89 18.07
C GLY B 591 21.59 30.41 19.06
N SER B 592 22.67 31.02 18.56
CA SER B 592 23.70 31.60 19.42
C SER B 592 23.14 32.84 20.07
N SER B 593 23.41 33.01 21.37
CA SER B 593 22.95 34.19 22.11
C SER B 593 23.79 35.42 21.73
N VAL B 594 23.17 36.36 21.02
CA VAL B 594 23.87 37.53 20.45
C VAL B 594 23.57 38.82 21.24
N LEU B 595 22.31 39.10 21.55
CA LEU B 595 21.98 40.26 22.39
C LEU B 595 21.31 39.81 23.66
N GLU B 596 21.56 40.54 24.75
CA GLU B 596 20.71 40.49 25.93
C GLU B 596 20.10 41.89 26.12
N LEU B 597 18.79 41.94 26.39
CA LEU B 597 18.10 43.16 26.73
C LEU B 597 17.51 43.00 28.12
N ASP B 598 17.21 44.11 28.78
CA ASP B 598 16.65 44.10 30.14
C ASP B 598 15.13 44.30 30.08
N SER B 599 14.47 44.45 31.22
CA SER B 599 13.01 44.62 31.24
C SER B 599 12.52 45.97 30.70
N ASP B 600 13.43 46.92 30.47
CA ASP B 600 13.16 48.17 29.70
C ASP B 600 13.46 48.06 28.20
N GLY B 601 13.92 46.91 27.74
CA GLY B 601 14.33 46.74 26.35
C GLY B 601 15.69 47.31 26.01
N LYS B 602 16.44 47.74 27.03
CA LYS B 602 17.73 48.38 26.81
C LYS B 602 18.82 47.31 26.77
N LEU B 603 19.78 47.48 25.89
CA LEU B 603 20.92 46.57 25.75
C LEU B 603 21.70 46.35 27.06
N ILE B 604 21.87 45.09 27.45
CA ILE B 604 22.78 44.69 28.52
C ILE B 604 24.12 44.27 27.93
N SER B 605 24.08 43.39 26.94
CA SER B 605 25.30 42.85 26.34
C SER B 605 25.10 42.52 24.87
N MET B 606 26.22 42.38 24.16
CA MET B 606 26.19 41.83 22.82
C MET B 606 27.42 41.01 22.50
N GLU B 607 27.19 39.90 21.83
CA GLU B 607 28.22 38.92 21.56
C GLU B 607 28.12 38.46 20.11
N GLU B 608 29.26 38.34 19.43
CA GLU B 608 29.30 37.79 18.09
C GLU B 608 30.34 36.70 18.04
N TYR B 609 30.24 35.83 17.04
CA TYR B 609 30.97 34.57 17.03
C TYR B 609 31.73 34.35 15.73
N TYR B 610 32.92 33.75 15.84
CA TYR B 610 33.60 33.14 14.69
C TYR B 610 32.76 31.92 14.31
N PRO B 611 32.71 31.58 13.02
CA PRO B 611 31.92 30.43 12.55
C PRO B 611 31.84 29.24 13.51
N TYR B 612 32.97 28.72 13.98
CA TYR B 612 32.98 27.52 14.83
C TYR B 612 32.76 27.76 16.35
N GLY B 613 32.41 28.98 16.74
CA GLY B 613 31.89 29.23 18.09
C GLY B 613 32.79 29.87 19.14
N GLY B 614 34.00 30.26 18.74
CA GLY B 614 34.82 31.19 19.53
C GLY B 614 34.20 32.57 19.54
N THR B 615 34.46 33.34 20.60
CA THR B 615 33.88 34.68 20.71
C THR B 615 34.83 35.76 20.12
N ALA B 616 34.28 36.58 19.21
CA ALA B 616 35.01 37.63 18.51
C ALA B 616 34.63 39.05 18.96
N VAL B 617 33.42 39.22 19.48
CA VAL B 617 32.98 40.47 20.09
C VAL B 617 32.29 40.08 21.40
N TRP B 618 32.61 40.81 22.47
CA TRP B 618 32.00 40.62 23.78
C TRP B 618 32.08 41.94 24.51
N THR B 619 30.92 42.58 24.66
CA THR B 619 30.82 43.88 25.26
C THR B 619 29.55 43.96 26.12
N VAL B 620 29.62 44.74 27.19
CA VAL B 620 28.57 44.84 28.19
C VAL B 620 28.49 46.29 28.66
N ARG B 621 27.30 46.74 29.00
CA ARG B 621 27.10 48.11 29.49
C ARG B 621 27.71 48.36 30.89
N SER B 622 27.83 47.31 31.69
CA SER B 622 28.49 47.39 33.00
C SER B 622 29.41 46.19 33.24
N ALA B 623 30.24 46.30 34.28
CA ALA B 623 31.26 45.32 34.59
C ALA B 623 30.67 44.14 35.35
N VAL B 624 29.77 44.44 36.27
CA VAL B 624 29.15 43.41 37.11
C VAL B 624 28.16 42.51 36.33
N GLU B 625 27.51 43.08 35.32
CA GLU B 625 26.56 42.33 34.49
C GLU B 625 27.22 41.29 33.56
N ALA B 626 28.47 41.52 33.17
CA ALA B 626 29.20 40.59 32.29
C ALA B 626 29.34 39.15 32.81
N ASN B 627 29.35 38.97 34.13
CA ASN B 627 29.64 37.65 34.75
C ASN B 627 28.43 36.73 34.93
N TYR B 628 27.28 37.07 34.34
CA TYR B 628 26.05 36.30 34.52
C TYR B 628 25.37 35.87 33.21
N LYS B 629 26.18 35.71 32.16
CA LYS B 629 25.73 35.13 30.90
C LYS B 629 26.55 33.86 30.75
N THR B 630 25.90 32.72 30.93
CA THR B 630 26.53 31.41 30.79
C THR B 630 26.28 30.81 29.41
N VAL B 631 25.03 30.91 28.95
CA VAL B 631 24.63 30.43 27.62
C VAL B 631 25.03 31.42 26.50
N ARG B 632 25.70 30.91 25.46
CA ARG B 632 26.34 31.72 24.41
C ARG B 632 26.13 31.09 23.01
N TYR B 633 27.17 30.45 22.46
CA TYR B 633 27.12 29.75 21.17
C TYR B 633 26.09 28.61 21.17
N SER B 634 25.33 28.51 20.09
CA SER B 634 24.27 27.47 19.90
C SER B 634 23.28 27.33 21.06
N GLY B 635 23.06 28.40 21.81
CA GLY B 635 22.25 28.34 23.03
C GLY B 635 22.75 27.31 24.05
N LYS B 636 24.07 27.18 24.19
CA LYS B 636 24.68 26.23 25.12
C LYS B 636 25.64 26.90 26.08
N GLU B 637 25.82 26.27 27.24
CA GLU B 637 26.66 26.82 28.30
C GLU B 637 28.12 26.68 27.95
N ARG B 638 28.86 27.78 28.07
CA ARG B 638 30.32 27.77 27.99
C ARG B 638 30.82 27.64 29.42
N ASP B 639 31.59 26.61 29.71
CA ASP B 639 32.18 26.46 31.05
C ASP B 639 33.47 27.27 31.17
N ALA B 640 33.92 27.47 32.41
CA ALA B 640 35.19 28.18 32.67
C ALA B 640 36.40 27.57 31.96
N THR B 641 36.33 26.27 31.67
CA THR B 641 37.32 25.57 30.82
C THR B 641 37.35 26.05 29.38
N GLY B 642 36.30 26.73 28.92
CA GLY B 642 36.17 27.16 27.54
C GLY B 642 35.41 26.17 26.67
N LEU B 643 35.11 24.98 27.20
CA LEU B 643 34.28 24.00 26.53
C LEU B 643 32.80 24.41 26.55
N TYR B 644 32.10 24.08 25.46
CA TYR B 644 30.65 24.16 25.44
C TYR B 644 30.06 22.80 25.79
N TYR B 645 29.19 22.77 26.80
CA TYR B 645 28.45 21.57 27.14
C TYR B 645 27.15 21.52 26.31
N TYR B 646 27.06 20.53 25.43
CA TYR B 646 25.89 20.30 24.57
C TYR B 646 24.86 19.29 25.16
N GLY B 647 25.31 18.39 26.04
CA GLY B 647 24.42 17.35 26.61
C GLY B 647 25.11 16.00 26.73
N TYR B 648 25.35 15.39 25.57
CA TYR B 648 26.02 14.08 25.47
C TYR B 648 27.54 14.21 25.27
N ARG B 649 27.97 15.37 24.78
CA ARG B 649 29.39 15.66 24.57
C ARG B 649 29.71 17.14 24.85
N TYR B 650 31.01 17.40 25.07
CA TYR B 650 31.56 18.75 25.19
C TYR B 650 32.29 19.13 23.89
N TYR B 651 32.27 20.41 23.55
CA TYR B 651 32.79 20.90 22.28
C TYR B 651 33.95 21.88 22.47
N GLN B 652 34.95 21.82 21.58
CA GLN B 652 36.12 22.74 21.57
C GLN B 652 35.98 23.78 20.43
N PRO B 653 35.58 25.04 20.74
CA PRO B 653 35.45 26.08 19.70
C PRO B 653 36.75 26.51 19.02
N TRP B 654 37.85 26.52 19.78
CA TRP B 654 39.20 26.77 19.26
C TRP B 654 39.68 25.69 18.30
N ALA B 655 39.28 24.44 18.53
CA ALA B 655 39.64 23.32 17.63
C ALA B 655 38.58 23.00 16.56
N GLY B 656 37.36 23.51 16.73
CA GLY B 656 36.27 23.23 15.80
C GLY B 656 35.93 21.75 15.71
N ARG B 657 35.96 21.07 16.86
CA ARG B 657 35.66 19.64 16.92
C ARG B 657 35.34 19.19 18.35
N TRP B 658 34.73 18.01 18.45
CA TRP B 658 34.24 17.47 19.71
C TRP B 658 35.38 16.92 20.55
N LEU B 659 35.23 17.02 21.87
CA LEU B 659 36.22 16.50 22.81
C LEU B 659 36.24 14.97 22.90
N SER B 660 35.20 14.31 22.38
CA SER B 660 35.14 12.86 22.39
C SER B 660 34.36 12.33 21.20
N ALA B 661 34.48 11.02 20.99
CA ALA B 661 33.83 10.33 19.87
C ALA B 661 32.31 10.29 20.03
N ASP B 662 31.62 10.48 18.91
CA ASP B 662 30.15 10.47 18.84
C ASP B 662 29.64 9.18 19.51
N PRO B 663 28.88 9.30 20.61
CA PRO B 663 28.34 8.09 21.26
C PRO B 663 27.24 7.37 20.46
N ALA B 664 26.69 8.01 19.43
CA ALA B 664 25.76 7.34 18.48
C ALA B 664 26.46 6.65 17.30
N GLY B 665 27.78 6.76 17.19
CA GLY B 665 28.52 5.99 16.17
C GLY B 665 28.45 6.63 14.81
N SER B 666 28.41 5.82 13.76
CA SER B 666 28.44 6.34 12.38
C SER B 666 27.11 6.92 11.85
N VAL B 667 26.11 7.13 12.70
CA VAL B 667 24.80 7.60 12.25
C VAL B 667 24.89 8.89 11.41
N ASP B 668 25.71 9.85 11.87
CA ASP B 668 25.88 11.16 11.21
C ASP B 668 27.10 11.23 10.28
N GLY B 669 27.69 10.09 9.96
CA GLY B 669 28.93 10.06 9.19
C GLY B 669 29.98 9.23 9.89
N LEU B 670 30.98 8.80 9.12
CA LEU B 670 32.08 7.98 9.62
C LEU B 670 33.02 8.70 10.60
N ASN B 671 33.11 10.02 10.47
CA ASN B 671 34.01 10.80 11.29
C ASN B 671 33.30 11.13 12.59
N LEU B 672 33.76 10.51 13.67
CA LEU B 672 33.12 10.60 14.99
C LEU B 672 33.48 11.87 15.78
N TYR B 673 34.31 12.75 15.22
CA TYR B 673 34.65 14.04 15.86
C TYR B 673 34.21 15.27 15.06
N ARG B 674 33.63 15.09 13.88
CA ARG B 674 33.34 16.23 13.00
C ARG B 674 32.16 17.06 13.53
N MET B 675 32.27 18.37 13.37
CA MET B 675 31.30 19.31 13.89
C MET B 675 30.39 19.75 12.76
N VAL B 676 29.09 19.51 12.94
CA VAL B 676 28.01 19.87 12.00
C VAL B 676 28.36 19.87 10.51
N ARG B 677 28.93 18.75 10.06
CA ARG B 677 29.33 18.52 8.66
C ARG B 677 30.25 19.63 8.12
N ASN B 678 31.07 20.17 9.02
CA ASN B 678 31.91 21.36 8.78
C ASN B 678 31.22 22.56 8.12
N ASN B 679 29.95 22.78 8.47
CA ASN B 679 29.17 23.91 7.99
C ASN B 679 28.43 24.55 9.17
N PRO B 680 29.17 25.21 10.08
CA PRO B 680 28.58 25.72 11.32
C PRO B 680 27.71 26.98 11.20
N VAL B 681 27.66 27.59 10.00
CA VAL B 681 26.90 28.83 9.80
C VAL B 681 25.43 28.53 9.53
N ALA B 682 25.15 27.48 8.78
CA ALA B 682 23.78 27.02 8.58
C ALA B 682 23.37 26.12 9.74
N TRP B 683 23.94 24.92 9.79
CA TRP B 683 23.44 23.85 10.70
C TRP B 683 23.88 24.06 12.17
N LYS B 684 23.19 23.36 13.06
CA LYS B 684 23.35 23.51 14.50
C LYS B 684 23.19 22.13 15.15
N ASP B 685 24.22 21.66 15.88
CA ASP B 685 24.13 20.38 16.62
C ASP B 685 23.28 20.59 17.86
N ASN B 686 22.19 19.83 17.92
CA ASN B 686 21.21 20.01 18.96
C ASN B 686 21.80 19.63 20.32
N ASP B 687 22.27 18.39 20.46
CA ASP B 687 22.62 17.83 21.78
C ASP B 687 23.99 17.12 21.92
N GLY B 688 24.76 17.01 20.84
CA GLY B 688 26.07 16.34 20.88
C GLY B 688 26.01 14.84 20.68
N ARG B 689 24.86 14.33 20.24
CA ARG B 689 24.66 12.92 19.96
C ARG B 689 24.28 12.78 18.48
#